data_6MJ1
# 
_entry.id   6MJ1 
# 
_audit_conform.dict_name       mmcif_pdbx.dic 
_audit_conform.dict_version    5.387 
_audit_conform.dict_location   http://mmcif.pdb.org/dictionaries/ascii/mmcif_pdbx.dic 
# 
loop_
_database_2.database_id 
_database_2.database_code 
_database_2.pdbx_database_accession 
_database_2.pdbx_DOI 
PDB   6MJ1         pdb_00006mj1 10.2210/pdb6mj1/pdb 
WWPDB D_1000236976 ?            ?                   
# 
loop_
_pdbx_audit_revision_history.ordinal 
_pdbx_audit_revision_history.data_content_type 
_pdbx_audit_revision_history.major_revision 
_pdbx_audit_revision_history.minor_revision 
_pdbx_audit_revision_history.revision_date 
1 'Structure model' 1 0 2019-03-20 
2 'Structure model' 1 1 2019-06-19 
3 'Structure model' 1 2 2019-08-07 
4 'Structure model' 1 3 2019-11-27 
5 'Structure model' 1 4 2020-09-30 
6 'Structure model' 1 5 2024-03-13 
# 
_pdbx_audit_revision_details.ordinal             1 
_pdbx_audit_revision_details.revision_ordinal    1 
_pdbx_audit_revision_details.data_content_type   'Structure model' 
_pdbx_audit_revision_details.provider            repository 
_pdbx_audit_revision_details.type                'Initial release' 
_pdbx_audit_revision_details.description         ? 
_pdbx_audit_revision_details.details             ? 
# 
loop_
_pdbx_audit_revision_group.ordinal 
_pdbx_audit_revision_group.revision_ordinal 
_pdbx_audit_revision_group.data_content_type 
_pdbx_audit_revision_group.group 
1 2 'Structure model' 'Data collection'            
2 2 'Structure model' 'Database references'        
3 3 'Structure model' 'Data collection'            
4 3 'Structure model' 'Database references'        
5 4 'Structure model' 'Author supporting evidence' 
6 5 'Structure model' 'Database references'        
7 6 'Structure model' 'Data collection'            
8 6 'Structure model' 'Database references'        
# 
loop_
_pdbx_audit_revision_category.ordinal 
_pdbx_audit_revision_category.revision_ordinal 
_pdbx_audit_revision_category.data_content_type 
_pdbx_audit_revision_category.category 
1  2 'Structure model' citation           
2  2 'Structure model' citation_author    
3  3 'Structure model' citation           
4  3 'Structure model' citation_author    
5  4 'Structure model' pdbx_audit_support 
6  5 'Structure model' citation           
7  5 'Structure model' citation_author    
8  6 'Structure model' chem_comp_atom     
9  6 'Structure model' chem_comp_bond     
10 6 'Structure model' database_2         
# 
loop_
_pdbx_audit_revision_item.ordinal 
_pdbx_audit_revision_item.revision_ordinal 
_pdbx_audit_revision_item.data_content_type 
_pdbx_audit_revision_item.item 
1  2 'Structure model' '_citation.country'                        
2  2 'Structure model' '_citation.journal_abbrev'                 
3  2 'Structure model' '_citation.journal_id_ASTM'                
4  2 'Structure model' '_citation.journal_id_CSD'                 
5  2 'Structure model' '_citation.journal_id_ISSN'                
6  2 'Structure model' '_citation.pdbx_database_id_DOI'           
7  2 'Structure model' '_citation.pdbx_database_id_PubMed'        
8  2 'Structure model' '_citation.title'                          
9  2 'Structure model' '_citation.year'                           
10 2 'Structure model' '_citation_author.identifier_ORCID'        
11 2 'Structure model' '_citation_author.name'                    
12 3 'Structure model' '_citation.journal_volume'                 
13 3 'Structure model' '_citation.title'                          
14 3 'Structure model' '_citation_author.identifier_ORCID'        
15 4 'Structure model' '_pdbx_audit_support.funding_organization' 
16 5 'Structure model' '_citation.title'                          
17 5 'Structure model' '_citation_author.identifier_ORCID'        
18 6 'Structure model' '_database_2.pdbx_DOI'                     
19 6 'Structure model' '_database_2.pdbx_database_accession'      
# 
_pdbx_database_status.status_code                     REL 
_pdbx_database_status.status_code_sf                  REL 
_pdbx_database_status.status_code_mr                  ? 
_pdbx_database_status.entry_id                        6MJ1 
_pdbx_database_status.recvd_initial_deposition_date   2018-09-20 
_pdbx_database_status.SG_entry                        N 
_pdbx_database_status.deposit_site                    RCSB 
_pdbx_database_status.process_site                    RCSB 
_pdbx_database_status.status_code_cs                  ? 
_pdbx_database_status.methods_development_category    ? 
_pdbx_database_status.pdb_format_compatible           Y 
_pdbx_database_status.status_code_nmr_data            ? 
# 
loop_
_audit_author.name 
_audit_author.pdbx_ordinal 
_audit_author.identifier_ORCID 
'Krieger, I.V.'     1 0000-0001-7144-3069 
'Brown, E.E.'       2 0000-0003-2339-4914 
'Herman, J.K.'      3 0000-0003-4100-8167 
'Sacchettini, J.C.' 4 0000-0001-5767-2367 
# 
_citation.abstract                  ? 
_citation.abstract_id_CAS           ? 
_citation.book_id_ISBN              ? 
_citation.book_publisher            ? 
_citation.book_publisher_city       ? 
_citation.book_title                ? 
_citation.coordinate_linkage        ? 
_citation.country                   US 
_citation.database_id_Medline       ? 
_citation.details                   ? 
_citation.id                        primary 
_citation.journal_abbrev            J.Bacteriol. 
_citation.journal_id_ASTM           JOBAAY 
_citation.journal_id_CSD            0767 
_citation.journal_id_ISSN           1098-5530 
_citation.journal_full              ? 
_citation.journal_issue             ? 
_citation.journal_volume            201 
_citation.language                  ? 
_citation.page_first                ? 
_citation.page_last                 ? 
_citation.title                     'A DNA-Binding Protein Tunes Septum Placement during Bacillus subtilis Sporulation.' 
_citation.year                      2019 
_citation.database_id_CSD           ? 
_citation.pdbx_database_id_DOI      10.1128/JB.00287-19 
_citation.pdbx_database_id_PubMed   31160399 
_citation.unpublished_flag          ? 
# 
loop_
_citation_author.citation_id 
_citation_author.name 
_citation_author.ordinal 
_citation_author.identifier_ORCID 
primary 'Brown, E.E.'       1 ?                   
primary 'Miller, A.K.'      2 ?                   
primary 'Krieger, I.V.'     3 ?                   
primary 'Otto, R.M.'        4 ?                   
primary 'Sacchettini, J.C.' 5 ?                   
primary 'Herman, J.K.'      6 0000-0003-4100-8167 
# 
loop_
_entity.id 
_entity.type 
_entity.src_method 
_entity.pdbx_description 
_entity.formula_weight 
_entity.pdbx_number_of_molecules 
_entity.pdbx_ec 
_entity.pdbx_mutation 
_entity.pdbx_fragment 
_entity.details 
1 polymer man 'Probable HTH-type transcriptional regulator YttP' 24416.203 1  ? ? ? ? 
2 water   nat water                                              18.015    25 ? ? ? ? 
# 
_entity_name_com.entity_id   1 
_entity_name_com.name        'Stress response protein YttP' 
# 
_entity_poly.entity_id                      1 
_entity_poly.type                           'polypeptide(L)' 
_entity_poly.nstd_linkage                   no 
_entity_poly.nstd_monomer                   no 
_entity_poly.pdbx_seq_one_letter_code       
;MKVSTKDKIIESAVMLFNQKGFSGTSVREIAKSADVNVAHISYYFKGKGGLMEHLVSEFYEGYSKTLETAASNISTQSTQ
EQLLQLVFDILSYQHNHRQLTRFVYREVTIDSTLIREIMSTYLMKEKYIFQLIIEEGEKQREYLTLPLPHFILQLKSLLM
MPYLQPQYISEVLYMQPHEPYFYKMYFEEIKIWIRSVFRTGDVALTN
;
_entity_poly.pdbx_seq_one_letter_code_can   
;MKVSTKDKIIESAVMLFNQKGFSGTSVREIAKSADVNVAHISYYFKGKGGLMEHLVSEFYEGYSKTLETAASNISTQSTQ
EQLLQLVFDILSYQHNHRQLTRFVYREVTIDSTLIREIMSTYLMKEKYIFQLIIEEGEKQREYLTLPLPHFILQLKSLLM
MPYLQPQYISEVLYMQPHEPYFYKMYFEEIKIWIRSVFRTGDVALTN
;
_entity_poly.pdbx_strand_id                 A 
_entity_poly.pdbx_target_identifier         ? 
# 
_pdbx_entity_nonpoly.entity_id   2 
_pdbx_entity_nonpoly.name        water 
_pdbx_entity_nonpoly.comp_id     HOH 
# 
loop_
_entity_poly_seq.entity_id 
_entity_poly_seq.num 
_entity_poly_seq.mon_id 
_entity_poly_seq.hetero 
1 1   MET n 
1 2   LYS n 
1 3   VAL n 
1 4   SER n 
1 5   THR n 
1 6   LYS n 
1 7   ASP n 
1 8   LYS n 
1 9   ILE n 
1 10  ILE n 
1 11  GLU n 
1 12  SER n 
1 13  ALA n 
1 14  VAL n 
1 15  MET n 
1 16  LEU n 
1 17  PHE n 
1 18  ASN n 
1 19  GLN n 
1 20  LYS n 
1 21  GLY n 
1 22  PHE n 
1 23  SER n 
1 24  GLY n 
1 25  THR n 
1 26  SER n 
1 27  VAL n 
1 28  ARG n 
1 29  GLU n 
1 30  ILE n 
1 31  ALA n 
1 32  LYS n 
1 33  SER n 
1 34  ALA n 
1 35  ASP n 
1 36  VAL n 
1 37  ASN n 
1 38  VAL n 
1 39  ALA n 
1 40  HIS n 
1 41  ILE n 
1 42  SER n 
1 43  TYR n 
1 44  TYR n 
1 45  PHE n 
1 46  LYS n 
1 47  GLY n 
1 48  LYS n 
1 49  GLY n 
1 50  GLY n 
1 51  LEU n 
1 52  MET n 
1 53  GLU n 
1 54  HIS n 
1 55  LEU n 
1 56  VAL n 
1 57  SER n 
1 58  GLU n 
1 59  PHE n 
1 60  TYR n 
1 61  GLU n 
1 62  GLY n 
1 63  TYR n 
1 64  SER n 
1 65  LYS n 
1 66  THR n 
1 67  LEU n 
1 68  GLU n 
1 69  THR n 
1 70  ALA n 
1 71  ALA n 
1 72  SER n 
1 73  ASN n 
1 74  ILE n 
1 75  SER n 
1 76  THR n 
1 77  GLN n 
1 78  SER n 
1 79  THR n 
1 80  GLN n 
1 81  GLU n 
1 82  GLN n 
1 83  LEU n 
1 84  LEU n 
1 85  GLN n 
1 86  LEU n 
1 87  VAL n 
1 88  PHE n 
1 89  ASP n 
1 90  ILE n 
1 91  LEU n 
1 92  SER n 
1 93  TYR n 
1 94  GLN n 
1 95  HIS n 
1 96  ASN n 
1 97  HIS n 
1 98  ARG n 
1 99  GLN n 
1 100 LEU n 
1 101 THR n 
1 102 ARG n 
1 103 PHE n 
1 104 VAL n 
1 105 TYR n 
1 106 ARG n 
1 107 GLU n 
1 108 VAL n 
1 109 THR n 
1 110 ILE n 
1 111 ASP n 
1 112 SER n 
1 113 THR n 
1 114 LEU n 
1 115 ILE n 
1 116 ARG n 
1 117 GLU n 
1 118 ILE n 
1 119 MET n 
1 120 SER n 
1 121 THR n 
1 122 TYR n 
1 123 LEU n 
1 124 MET n 
1 125 LYS n 
1 126 GLU n 
1 127 LYS n 
1 128 TYR n 
1 129 ILE n 
1 130 PHE n 
1 131 GLN n 
1 132 LEU n 
1 133 ILE n 
1 134 ILE n 
1 135 GLU n 
1 136 GLU n 
1 137 GLY n 
1 138 GLU n 
1 139 LYS n 
1 140 GLN n 
1 141 ARG n 
1 142 GLU n 
1 143 TYR n 
1 144 LEU n 
1 145 THR n 
1 146 LEU n 
1 147 PRO n 
1 148 LEU n 
1 149 PRO n 
1 150 HIS n 
1 151 PHE n 
1 152 ILE n 
1 153 LEU n 
1 154 GLN n 
1 155 LEU n 
1 156 LYS n 
1 157 SER n 
1 158 LEU n 
1 159 LEU n 
1 160 MET n 
1 161 MET n 
1 162 PRO n 
1 163 TYR n 
1 164 LEU n 
1 165 GLN n 
1 166 PRO n 
1 167 GLN n 
1 168 TYR n 
1 169 ILE n 
1 170 SER n 
1 171 GLU n 
1 172 VAL n 
1 173 LEU n 
1 174 TYR n 
1 175 MET n 
1 176 GLN n 
1 177 PRO n 
1 178 HIS n 
1 179 GLU n 
1 180 PRO n 
1 181 TYR n 
1 182 PHE n 
1 183 TYR n 
1 184 LYS n 
1 185 MET n 
1 186 TYR n 
1 187 PHE n 
1 188 GLU n 
1 189 GLU n 
1 190 ILE n 
1 191 LYS n 
1 192 ILE n 
1 193 TRP n 
1 194 ILE n 
1 195 ARG n 
1 196 SER n 
1 197 VAL n 
1 198 PHE n 
1 199 ARG n 
1 200 THR n 
1 201 GLY n 
1 202 ASP n 
1 203 VAL n 
1 204 ALA n 
1 205 LEU n 
1 206 THR n 
1 207 ASN n 
# 
_entity_src_gen.entity_id                          1 
_entity_src_gen.pdbx_src_id                        1 
_entity_src_gen.pdbx_alt_source_flag               sample 
_entity_src_gen.pdbx_seq_type                      'Biological sequence' 
_entity_src_gen.pdbx_beg_seq_num                   1 
_entity_src_gen.pdbx_end_seq_num                   207 
_entity_src_gen.gene_src_common_name               ? 
_entity_src_gen.gene_src_genus                     ? 
_entity_src_gen.pdbx_gene_src_gene                 'yttP, BSU29630' 
_entity_src_gen.gene_src_species                   ? 
_entity_src_gen.gene_src_strain                    168 
_entity_src_gen.gene_src_tissue                    ? 
_entity_src_gen.gene_src_tissue_fraction           ? 
_entity_src_gen.gene_src_details                   ? 
_entity_src_gen.pdbx_gene_src_fragment             ? 
_entity_src_gen.pdbx_gene_src_scientific_name      'Bacillus subtilis (strain 168)' 
_entity_src_gen.pdbx_gene_src_ncbi_taxonomy_id     224308 
_entity_src_gen.pdbx_gene_src_variant              ? 
_entity_src_gen.pdbx_gene_src_cell_line            ? 
_entity_src_gen.pdbx_gene_src_atcc                 ? 
_entity_src_gen.pdbx_gene_src_organ                ? 
_entity_src_gen.pdbx_gene_src_organelle            ? 
_entity_src_gen.pdbx_gene_src_cell                 ? 
_entity_src_gen.pdbx_gene_src_cellular_location    ? 
_entity_src_gen.host_org_common_name               ? 
_entity_src_gen.pdbx_host_org_scientific_name      'Escherichia coli' 
_entity_src_gen.pdbx_host_org_ncbi_taxonomy_id     562 
_entity_src_gen.host_org_genus                     ? 
_entity_src_gen.pdbx_host_org_gene                 ? 
_entity_src_gen.pdbx_host_org_organ                ? 
_entity_src_gen.host_org_species                   ? 
_entity_src_gen.pdbx_host_org_tissue               ? 
_entity_src_gen.pdbx_host_org_tissue_fraction      ? 
_entity_src_gen.pdbx_host_org_strain               ? 
_entity_src_gen.pdbx_host_org_variant              ? 
_entity_src_gen.pdbx_host_org_cell_line            ? 
_entity_src_gen.pdbx_host_org_atcc                 ? 
_entity_src_gen.pdbx_host_org_culture_collection   ? 
_entity_src_gen.pdbx_host_org_cell                 ? 
_entity_src_gen.pdbx_host_org_organelle            ? 
_entity_src_gen.pdbx_host_org_cellular_location    ? 
_entity_src_gen.pdbx_host_org_vector_type          ? 
_entity_src_gen.pdbx_host_org_vector               ? 
_entity_src_gen.host_org_details                   ? 
_entity_src_gen.expression_system_id               ? 
_entity_src_gen.plasmid_name                       ? 
_entity_src_gen.plasmid_details                    ? 
_entity_src_gen.pdbx_description                   ? 
# 
loop_
_chem_comp.id 
_chem_comp.type 
_chem_comp.mon_nstd_flag 
_chem_comp.name 
_chem_comp.pdbx_synonyms 
_chem_comp.formula 
_chem_comp.formula_weight 
ALA 'L-peptide linking' y ALANINE         ? 'C3 H7 N O2'     89.093  
ARG 'L-peptide linking' y ARGININE        ? 'C6 H15 N4 O2 1' 175.209 
ASN 'L-peptide linking' y ASPARAGINE      ? 'C4 H8 N2 O3'    132.118 
ASP 'L-peptide linking' y 'ASPARTIC ACID' ? 'C4 H7 N O4'     133.103 
GLN 'L-peptide linking' y GLUTAMINE       ? 'C5 H10 N2 O3'   146.144 
GLU 'L-peptide linking' y 'GLUTAMIC ACID' ? 'C5 H9 N O4'     147.129 
GLY 'peptide linking'   y GLYCINE         ? 'C2 H5 N O2'     75.067  
HIS 'L-peptide linking' y HISTIDINE       ? 'C6 H10 N3 O2 1' 156.162 
HOH non-polymer         . WATER           ? 'H2 O'           18.015  
ILE 'L-peptide linking' y ISOLEUCINE      ? 'C6 H13 N O2'    131.173 
LEU 'L-peptide linking' y LEUCINE         ? 'C6 H13 N O2'    131.173 
LYS 'L-peptide linking' y LYSINE          ? 'C6 H15 N2 O2 1' 147.195 
MET 'L-peptide linking' y METHIONINE      ? 'C5 H11 N O2 S'  149.211 
PHE 'L-peptide linking' y PHENYLALANINE   ? 'C9 H11 N O2'    165.189 
PRO 'L-peptide linking' y PROLINE         ? 'C5 H9 N O2'     115.130 
SER 'L-peptide linking' y SERINE          ? 'C3 H7 N O3'     105.093 
THR 'L-peptide linking' y THREONINE       ? 'C4 H9 N O3'     119.119 
TRP 'L-peptide linking' y TRYPTOPHAN      ? 'C11 H12 N2 O2'  204.225 
TYR 'L-peptide linking' y TYROSINE        ? 'C9 H11 N O3'    181.189 
VAL 'L-peptide linking' y VALINE          ? 'C5 H11 N O2'    117.146 
# 
loop_
_pdbx_poly_seq_scheme.asym_id 
_pdbx_poly_seq_scheme.entity_id 
_pdbx_poly_seq_scheme.seq_id 
_pdbx_poly_seq_scheme.mon_id 
_pdbx_poly_seq_scheme.ndb_seq_num 
_pdbx_poly_seq_scheme.pdb_seq_num 
_pdbx_poly_seq_scheme.auth_seq_num 
_pdbx_poly_seq_scheme.pdb_mon_id 
_pdbx_poly_seq_scheme.auth_mon_id 
_pdbx_poly_seq_scheme.pdb_strand_id 
_pdbx_poly_seq_scheme.pdb_ins_code 
_pdbx_poly_seq_scheme.hetero 
A 1 1   MET 1   1   1   MET MET A . n 
A 1 2   LYS 2   2   2   LYS LYS A . n 
A 1 3   VAL 3   3   3   VAL VAL A . n 
A 1 4   SER 4   4   4   SER SER A . n 
A 1 5   THR 5   5   5   THR THR A . n 
A 1 6   LYS 6   6   6   LYS LYS A . n 
A 1 7   ASP 7   7   7   ASP ASP A . n 
A 1 8   LYS 8   8   8   LYS LYS A . n 
A 1 9   ILE 9   9   9   ILE ILE A . n 
A 1 10  ILE 10  10  10  ILE ILE A . n 
A 1 11  GLU 11  11  11  GLU GLU A . n 
A 1 12  SER 12  12  12  SER SER A . n 
A 1 13  ALA 13  13  13  ALA ALA A . n 
A 1 14  VAL 14  14  14  VAL VAL A . n 
A 1 15  MET 15  15  15  MET MET A . n 
A 1 16  LEU 16  16  16  LEU LEU A . n 
A 1 17  PHE 17  17  17  PHE PHE A . n 
A 1 18  ASN 18  18  18  ASN ASN A . n 
A 1 19  GLN 19  19  19  GLN GLN A . n 
A 1 20  LYS 20  20  20  LYS LYS A . n 
A 1 21  GLY 21  21  21  GLY GLY A . n 
A 1 22  PHE 22  22  22  PHE PHE A . n 
A 1 23  SER 23  23  23  SER SER A . n 
A 1 24  GLY 24  24  24  GLY GLY A . n 
A 1 25  THR 25  25  25  THR THR A . n 
A 1 26  SER 26  26  26  SER SER A . n 
A 1 27  VAL 27  27  27  VAL VAL A . n 
A 1 28  ARG 28  28  28  ARG ARG A . n 
A 1 29  GLU 29  29  29  GLU GLU A . n 
A 1 30  ILE 30  30  30  ILE ILE A . n 
A 1 31  ALA 31  31  31  ALA ALA A . n 
A 1 32  LYS 32  32  32  LYS LYS A . n 
A 1 33  SER 33  33  33  SER SER A . n 
A 1 34  ALA 34  34  34  ALA ALA A . n 
A 1 35  ASP 35  35  35  ASP ASP A . n 
A 1 36  VAL 36  36  36  VAL VAL A . n 
A 1 37  ASN 37  37  37  ASN ASN A . n 
A 1 38  VAL 38  38  38  VAL VAL A . n 
A 1 39  ALA 39  39  39  ALA ALA A . n 
A 1 40  HIS 40  40  40  HIS HIS A . n 
A 1 41  ILE 41  41  41  ILE ILE A . n 
A 1 42  SER 42  42  42  SER SER A . n 
A 1 43  TYR 43  43  43  TYR TYR A . n 
A 1 44  TYR 44  44  44  TYR TYR A . n 
A 1 45  PHE 45  45  45  PHE PHE A . n 
A 1 46  LYS 46  46  46  LYS LYS A . n 
A 1 47  GLY 47  47  47  GLY GLY A . n 
A 1 48  LYS 48  48  48  LYS LYS A . n 
A 1 49  GLY 49  49  49  GLY GLY A . n 
A 1 50  GLY 50  50  50  GLY GLY A . n 
A 1 51  LEU 51  51  51  LEU LEU A . n 
A 1 52  MET 52  52  52  MET MET A . n 
A 1 53  GLU 53  53  53  GLU GLU A . n 
A 1 54  HIS 54  54  54  HIS HIS A . n 
A 1 55  LEU 55  55  55  LEU LEU A . n 
A 1 56  VAL 56  56  56  VAL VAL A . n 
A 1 57  SER 57  57  57  SER SER A . n 
A 1 58  GLU 58  58  58  GLU GLU A . n 
A 1 59  PHE 59  59  59  PHE PHE A . n 
A 1 60  TYR 60  60  60  TYR TYR A . n 
A 1 61  GLU 61  61  61  GLU GLU A . n 
A 1 62  GLY 62  62  62  GLY GLY A . n 
A 1 63  TYR 63  63  63  TYR TYR A . n 
A 1 64  SER 64  64  64  SER SER A . n 
A 1 65  LYS 65  65  65  LYS LYS A . n 
A 1 66  THR 66  66  66  THR THR A . n 
A 1 67  LEU 67  67  67  LEU LEU A . n 
A 1 68  GLU 68  68  68  GLU GLU A . n 
A 1 69  THR 69  69  69  THR THR A . n 
A 1 70  ALA 70  70  70  ALA ALA A . n 
A 1 71  ALA 71  71  71  ALA ALA A . n 
A 1 72  SER 72  72  72  SER SER A . n 
A 1 73  ASN 73  73  73  ASN ASN A . n 
A 1 74  ILE 74  74  74  ILE ILE A . n 
A 1 75  SER 75  75  75  SER SER A . n 
A 1 76  THR 76  76  76  THR THR A . n 
A 1 77  GLN 77  77  77  GLN GLN A . n 
A 1 78  SER 78  78  78  SER SER A . n 
A 1 79  THR 79  79  79  THR THR A . n 
A 1 80  GLN 80  80  80  GLN GLN A . n 
A 1 81  GLU 81  81  81  GLU GLU A . n 
A 1 82  GLN 82  82  82  GLN GLN A . n 
A 1 83  LEU 83  83  83  LEU LEU A . n 
A 1 84  LEU 84  84  84  LEU LEU A . n 
A 1 85  GLN 85  85  85  GLN GLN A . n 
A 1 86  LEU 86  86  86  LEU LEU A . n 
A 1 87  VAL 87  87  87  VAL VAL A . n 
A 1 88  PHE 88  88  88  PHE PHE A . n 
A 1 89  ASP 89  89  89  ASP ASP A . n 
A 1 90  ILE 90  90  90  ILE ILE A . n 
A 1 91  LEU 91  91  91  LEU LEU A . n 
A 1 92  SER 92  92  92  SER SER A . n 
A 1 93  TYR 93  93  93  TYR TYR A . n 
A 1 94  GLN 94  94  94  GLN GLN A . n 
A 1 95  HIS 95  95  95  HIS HIS A . n 
A 1 96  ASN 96  96  96  ASN ASN A . n 
A 1 97  HIS 97  97  97  HIS HIS A . n 
A 1 98  ARG 98  98  98  ARG ARG A . n 
A 1 99  GLN 99  99  99  GLN GLN A . n 
A 1 100 LEU 100 100 100 LEU LEU A . n 
A 1 101 THR 101 101 101 THR THR A . n 
A 1 102 ARG 102 102 102 ARG ARG A . n 
A 1 103 PHE 103 103 103 PHE PHE A . n 
A 1 104 VAL 104 104 104 VAL VAL A . n 
A 1 105 TYR 105 105 105 TYR TYR A . n 
A 1 106 ARG 106 106 106 ARG ARG A . n 
A 1 107 GLU 107 107 107 GLU GLU A . n 
A 1 108 VAL 108 108 108 VAL VAL A . n 
A 1 109 THR 109 109 109 THR THR A . n 
A 1 110 ILE 110 110 110 ILE ILE A . n 
A 1 111 ASP 111 111 111 ASP ASP A . n 
A 1 112 SER 112 112 112 SER SER A . n 
A 1 113 THR 113 113 113 THR THR A . n 
A 1 114 LEU 114 114 114 LEU LEU A . n 
A 1 115 ILE 115 115 115 ILE ILE A . n 
A 1 116 ARG 116 116 116 ARG ARG A . n 
A 1 117 GLU 117 117 117 GLU GLU A . n 
A 1 118 ILE 118 118 118 ILE ILE A . n 
A 1 119 MET 119 119 119 MET MET A . n 
A 1 120 SER 120 120 120 SER SER A . n 
A 1 121 THR 121 121 121 THR THR A . n 
A 1 122 TYR 122 122 122 TYR TYR A . n 
A 1 123 LEU 123 123 123 LEU LEU A . n 
A 1 124 MET 124 124 124 MET MET A . n 
A 1 125 LYS 125 125 125 LYS LYS A . n 
A 1 126 GLU 126 126 126 GLU GLU A . n 
A 1 127 LYS 127 127 127 LYS LYS A . n 
A 1 128 TYR 128 128 128 TYR TYR A . n 
A 1 129 ILE 129 129 129 ILE ILE A . n 
A 1 130 PHE 130 130 130 PHE PHE A . n 
A 1 131 GLN 131 131 131 GLN GLN A . n 
A 1 132 LEU 132 132 132 LEU LEU A . n 
A 1 133 ILE 133 133 133 ILE ILE A . n 
A 1 134 ILE 134 134 134 ILE ILE A . n 
A 1 135 GLU 135 135 135 GLU GLU A . n 
A 1 136 GLU 136 136 136 GLU GLU A . n 
A 1 137 GLY 137 137 137 GLY GLY A . n 
A 1 138 GLU 138 138 138 GLU GLU A . n 
A 1 139 LYS 139 139 139 LYS LYS A . n 
A 1 140 GLN 140 140 140 GLN GLN A . n 
A 1 141 ARG 141 141 141 ARG ARG A . n 
A 1 142 GLU 142 142 142 GLU GLU A . n 
A 1 143 TYR 143 143 143 TYR TYR A . n 
A 1 144 LEU 144 144 144 LEU LEU A . n 
A 1 145 THR 145 145 145 THR THR A . n 
A 1 146 LEU 146 146 146 LEU LEU A . n 
A 1 147 PRO 147 147 147 PRO PRO A . n 
A 1 148 LEU 148 148 148 LEU LEU A . n 
A 1 149 PRO 149 149 149 PRO PRO A . n 
A 1 150 HIS 150 150 150 HIS HIS A . n 
A 1 151 PHE 151 151 151 PHE PHE A . n 
A 1 152 ILE 152 152 152 ILE ILE A . n 
A 1 153 LEU 153 153 153 LEU LEU A . n 
A 1 154 GLN 154 154 154 GLN GLN A . n 
A 1 155 LEU 155 155 155 LEU LEU A . n 
A 1 156 LYS 156 156 156 LYS LYS A . n 
A 1 157 SER 157 157 157 SER SER A . n 
A 1 158 LEU 158 158 158 LEU LEU A . n 
A 1 159 LEU 159 159 159 LEU LEU A . n 
A 1 160 MET 160 160 160 MET MET A . n 
A 1 161 MET 161 161 161 MET MET A . n 
A 1 162 PRO 162 162 162 PRO PRO A . n 
A 1 163 TYR 163 163 163 TYR TYR A . n 
A 1 164 LEU 164 164 164 LEU LEU A . n 
A 1 165 GLN 165 165 165 GLN GLN A . n 
A 1 166 PRO 166 166 166 PRO PRO A . n 
A 1 167 GLN 167 167 167 GLN GLN A . n 
A 1 168 TYR 168 168 168 TYR TYR A . n 
A 1 169 ILE 169 169 169 ILE ILE A . n 
A 1 170 SER 170 170 170 SER SER A . n 
A 1 171 GLU 171 171 171 GLU GLU A . n 
A 1 172 VAL 172 172 172 VAL VAL A . n 
A 1 173 LEU 173 173 173 LEU LEU A . n 
A 1 174 TYR 174 174 174 TYR TYR A . n 
A 1 175 MET 175 175 175 MET MET A . n 
A 1 176 GLN 176 176 176 GLN GLN A . n 
A 1 177 PRO 177 177 177 PRO PRO A . n 
A 1 178 HIS 178 178 178 HIS HIS A . n 
A 1 179 GLU 179 179 179 GLU GLU A . n 
A 1 180 PRO 180 180 180 PRO PRO A . n 
A 1 181 TYR 181 181 181 TYR TYR A . n 
A 1 182 PHE 182 182 182 PHE PHE A . n 
A 1 183 TYR 183 183 183 TYR TYR A . n 
A 1 184 LYS 184 184 184 LYS LYS A . n 
A 1 185 MET 185 185 185 MET MET A . n 
A 1 186 TYR 186 186 186 TYR TYR A . n 
A 1 187 PHE 187 187 187 PHE PHE A . n 
A 1 188 GLU 188 188 188 GLU GLU A . n 
A 1 189 GLU 189 189 189 GLU GLU A . n 
A 1 190 ILE 190 190 190 ILE ILE A . n 
A 1 191 LYS 191 191 191 LYS LYS A . n 
A 1 192 ILE 192 192 192 ILE ILE A . n 
A 1 193 TRP 193 193 193 TRP TRP A . n 
A 1 194 ILE 194 194 194 ILE ILE A . n 
A 1 195 ARG 195 195 195 ARG ARG A . n 
A 1 196 SER 196 196 196 SER SER A . n 
A 1 197 VAL 197 197 197 VAL VAL A . n 
A 1 198 PHE 198 198 198 PHE PHE A . n 
A 1 199 ARG 199 199 199 ARG ARG A . n 
A 1 200 THR 200 200 200 THR THR A . n 
A 1 201 GLY 201 201 ?   ?   ?   A . n 
A 1 202 ASP 202 202 ?   ?   ?   A . n 
A 1 203 VAL 203 203 ?   ?   ?   A . n 
A 1 204 ALA 204 204 ?   ?   ?   A . n 
A 1 205 LEU 205 205 ?   ?   ?   A . n 
A 1 206 THR 206 206 ?   ?   ?   A . n 
A 1 207 ASN 207 207 ?   ?   ?   A . n 
# 
loop_
_pdbx_nonpoly_scheme.asym_id 
_pdbx_nonpoly_scheme.entity_id 
_pdbx_nonpoly_scheme.mon_id 
_pdbx_nonpoly_scheme.ndb_seq_num 
_pdbx_nonpoly_scheme.pdb_seq_num 
_pdbx_nonpoly_scheme.auth_seq_num 
_pdbx_nonpoly_scheme.pdb_mon_id 
_pdbx_nonpoly_scheme.auth_mon_id 
_pdbx_nonpoly_scheme.pdb_strand_id 
_pdbx_nonpoly_scheme.pdb_ins_code 
B 2 HOH 1  301 2  HOH HOH A . 
B 2 HOH 2  302 16 HOH HOH A . 
B 2 HOH 3  303 1  HOH HOH A . 
B 2 HOH 4  304 19 HOH HOH A . 
B 2 HOH 5  305 23 HOH HOH A . 
B 2 HOH 6  306 22 HOH HOH A . 
B 2 HOH 7  307 26 HOH HOH A . 
B 2 HOH 8  308 29 HOH HOH A . 
B 2 HOH 9  309 25 HOH HOH A . 
B 2 HOH 10 310 5  HOH HOH A . 
B 2 HOH 11 311 8  HOH HOH A . 
B 2 HOH 12 312 3  HOH HOH A . 
B 2 HOH 13 313 6  HOH HOH A . 
B 2 HOH 14 314 14 HOH HOH A . 
B 2 HOH 15 315 27 HOH HOH A . 
B 2 HOH 16 316 15 HOH HOH A . 
B 2 HOH 17 317 18 HOH HOH A . 
B 2 HOH 18 318 28 HOH HOH A . 
B 2 HOH 19 319 7  HOH HOH A . 
B 2 HOH 20 320 10 HOH HOH A . 
B 2 HOH 21 321 17 HOH HOH A . 
B 2 HOH 22 322 9  HOH HOH A . 
B 2 HOH 23 323 24 HOH HOH A . 
B 2 HOH 24 324 13 HOH HOH A . 
B 2 HOH 25 325 4  HOH HOH A . 
# 
loop_
_software.citation_id 
_software.classification 
_software.compiler_name 
_software.compiler_version 
_software.contact_author 
_software.contact_author_email 
_software.date 
_software.description 
_software.dependencies 
_software.hardware 
_software.language 
_software.location 
_software.mods 
_software.name 
_software.os 
_software.os_version 
_software.type 
_software.version 
_software.pdbx_ordinal 
? refinement       ? ? ? ? ? ? ? ? ? ? ? PHENIX  ? ? ? '(1.11.1_2575: ???)' 1 
? 'data reduction' ? ? ? ? ? ? ? ? ? ? ? SAINT   ? ? ? .                    2 
? 'data scaling'   ? ? ? ? ? ? ? ? ? ? ? SADABS  ? ? ? .                    3 
? phasing          ? ? ? ? ? ? ? ? ? ? ? SHELXDE ? ? ? .                    4 
# 
_cell.angle_alpha                  90.00 
_cell.angle_alpha_esd              ? 
_cell.angle_beta                   90.00 
_cell.angle_beta_esd               ? 
_cell.angle_gamma                  90.00 
_cell.angle_gamma_esd              ? 
_cell.entry_id                     6MJ1 
_cell.details                      ? 
_cell.formula_units_Z              ? 
_cell.length_a                     100.021 
_cell.length_a_esd                 ? 
_cell.length_b                     100.021 
_cell.length_b_esd                 ? 
_cell.length_c                     100.177 
_cell.length_c_esd                 ? 
_cell.volume                       ? 
_cell.volume_esd                   ? 
_cell.Z_PDB                        8 
_cell.reciprocal_angle_alpha       ? 
_cell.reciprocal_angle_beta        ? 
_cell.reciprocal_angle_gamma       ? 
_cell.reciprocal_angle_alpha_esd   ? 
_cell.reciprocal_angle_beta_esd    ? 
_cell.reciprocal_angle_gamma_esd   ? 
_cell.reciprocal_length_a          ? 
_cell.reciprocal_length_b          ? 
_cell.reciprocal_length_c          ? 
_cell.reciprocal_length_a_esd      ? 
_cell.reciprocal_length_b_esd      ? 
_cell.reciprocal_length_c_esd      ? 
_cell.pdbx_unique_axis             ? 
# 
_symmetry.entry_id                         6MJ1 
_symmetry.cell_setting                     ? 
_symmetry.Int_Tables_number                92 
_symmetry.space_group_name_Hall            ? 
_symmetry.space_group_name_H-M             'P 41 21 2' 
_symmetry.pdbx_full_space_group_name_H-M   ? 
# 
_exptl.absorpt_coefficient_mu     ? 
_exptl.absorpt_correction_T_max   ? 
_exptl.absorpt_correction_T_min   ? 
_exptl.absorpt_correction_type    ? 
_exptl.absorpt_process_details    ? 
_exptl.entry_id                   6MJ1 
_exptl.crystals_number            1 
_exptl.details                    ? 
_exptl.method                     'X-RAY DIFFRACTION' 
_exptl.method_details             ? 
# 
_exptl_crystal.colour                      ? 
_exptl_crystal.density_diffrn              ? 
_exptl_crystal.density_Matthews            ? 
_exptl_crystal.density_method              ? 
_exptl_crystal.density_percent_sol         ? 
_exptl_crystal.description                 ? 
_exptl_crystal.F_000                       ? 
_exptl_crystal.id                          1 
_exptl_crystal.preparation                 ? 
_exptl_crystal.size_max                    ? 
_exptl_crystal.size_mid                    ? 
_exptl_crystal.size_min                    ? 
_exptl_crystal.size_rad                    ? 
_exptl_crystal.colour_lustre               ? 
_exptl_crystal.colour_modifier             ? 
_exptl_crystal.colour_primary              ? 
_exptl_crystal.density_meas                ? 
_exptl_crystal.density_meas_esd            ? 
_exptl_crystal.density_meas_gt             ? 
_exptl_crystal.density_meas_lt             ? 
_exptl_crystal.density_meas_temp           ? 
_exptl_crystal.density_meas_temp_esd       ? 
_exptl_crystal.density_meas_temp_gt        ? 
_exptl_crystal.density_meas_temp_lt        ? 
_exptl_crystal.pdbx_crystal_image_url      ? 
_exptl_crystal.pdbx_crystal_image_format   ? 
_exptl_crystal.pdbx_mosaicity              ? 
_exptl_crystal.pdbx_mosaicity_esd          ? 
# 
_exptl_crystal_grow.apparatus       ? 
_exptl_crystal_grow.atmosphere      ? 
_exptl_crystal_grow.crystal_id      1 
_exptl_crystal_grow.details         ? 
_exptl_crystal_grow.method          'VAPOR DIFFUSION' 
_exptl_crystal_grow.method_ref      ? 
_exptl_crystal_grow.pH              8.0 
_exptl_crystal_grow.pressure        ? 
_exptl_crystal_grow.pressure_esd    ? 
_exptl_crystal_grow.seeding         ? 
_exptl_crystal_grow.seeding_ref     ? 
_exptl_crystal_grow.temp            289 
_exptl_crystal_grow.temp_details    ? 
_exptl_crystal_grow.temp_esd        ? 
_exptl_crystal_grow.time            ? 
_exptl_crystal_grow.pdbx_details    '10% ethanol (v/v), 0.1 M imidazole [pH 8.0], and 0.2 M MgCl2' 
_exptl_crystal_grow.pdbx_pH_range   ? 
# 
_diffrn.ambient_environment              ? 
_diffrn.ambient_temp                     120 
_diffrn.ambient_temp_details             ? 
_diffrn.ambient_temp_esd                 ? 
_diffrn.crystal_id                       1 
_diffrn.crystal_support                  ? 
_diffrn.crystal_treatment                ? 
_diffrn.details                          ? 
_diffrn.id                               1 
_diffrn.ambient_pressure                 ? 
_diffrn.ambient_pressure_esd             ? 
_diffrn.ambient_pressure_gt              ? 
_diffrn.ambient_pressure_lt              ? 
_diffrn.ambient_temp_gt                  ? 
_diffrn.ambient_temp_lt                  ? 
_diffrn.pdbx_serial_crystal_experiment   ? 
# 
_diffrn_detector.details                      ? 
_diffrn_detector.detector                     PIXEL 
_diffrn_detector.diffrn_id                    1 
_diffrn_detector.type                         'DECTRIS PILATUS3 S 6M' 
_diffrn_detector.area_resol_mean              ? 
_diffrn_detector.dtime                        ? 
_diffrn_detector.pdbx_frames_total            ? 
_diffrn_detector.pdbx_collection_time_total   ? 
_diffrn_detector.pdbx_collection_date         2014-07-25 
_diffrn_detector.pdbx_frequency               ? 
# 
_diffrn_radiation.collimation                      ? 
_diffrn_radiation.diffrn_id                        1 
_diffrn_radiation.filter_edge                      ? 
_diffrn_radiation.inhomogeneity                    ? 
_diffrn_radiation.monochromator                    ? 
_diffrn_radiation.polarisn_norm                    ? 
_diffrn_radiation.polarisn_ratio                   ? 
_diffrn_radiation.probe                            ? 
_diffrn_radiation.type                             ? 
_diffrn_radiation.xray_symbol                      ? 
_diffrn_radiation.wavelength_id                    1 
_diffrn_radiation.pdbx_monochromatic_or_laue_m_l   M 
_diffrn_radiation.pdbx_wavelength_list             ? 
_diffrn_radiation.pdbx_wavelength                  ? 
_diffrn_radiation.pdbx_diffrn_protocol             'SINGLE WAVELENGTH' 
_diffrn_radiation.pdbx_analyzer                    ? 
_diffrn_radiation.pdbx_scattering_type             x-ray 
# 
_diffrn_radiation_wavelength.id           1 
_diffrn_radiation_wavelength.wavelength   0.98 
_diffrn_radiation_wavelength.wt           1.0 
# 
_diffrn_source.current                     ? 
_diffrn_source.details                     ? 
_diffrn_source.diffrn_id                   1 
_diffrn_source.power                       ? 
_diffrn_source.size                        ? 
_diffrn_source.source                      SYNCHROTRON 
_diffrn_source.target                      ? 
_diffrn_source.type                        'APS BEAMLINE 23-ID-B' 
_diffrn_source.voltage                     ? 
_diffrn_source.take-off_angle              ? 
_diffrn_source.pdbx_wavelength_list        0.98 
_diffrn_source.pdbx_wavelength             ? 
_diffrn_source.pdbx_synchrotron_beamline   23-ID-B 
_diffrn_source.pdbx_synchrotron_site       APS 
# 
_reflns.B_iso_Wilson_estimate            ? 
_reflns.entry_id                         6MJ1 
_reflns.data_reduction_details           ? 
_reflns.data_reduction_method            ? 
_reflns.d_resolution_high                2.6 
_reflns.d_resolution_low                 50 
_reflns.details                          ? 
_reflns.limit_h_max                      ? 
_reflns.limit_h_min                      ? 
_reflns.limit_k_max                      ? 
_reflns.limit_k_min                      ? 
_reflns.limit_l_max                      ? 
_reflns.limit_l_min                      ? 
_reflns.number_all                       ? 
_reflns.number_obs                       16237 
_reflns.observed_criterion               ? 
_reflns.observed_criterion_F_max         ? 
_reflns.observed_criterion_F_min         ? 
_reflns.observed_criterion_I_max         ? 
_reflns.observed_criterion_I_min         ? 
_reflns.observed_criterion_sigma_F       ? 
_reflns.observed_criterion_sigma_I       ? 
_reflns.percent_possible_obs             100 
_reflns.R_free_details                   ? 
_reflns.Rmerge_F_all                     ? 
_reflns.Rmerge_F_obs                     ? 
_reflns.Friedel_coverage                 ? 
_reflns.number_gt                        ? 
_reflns.threshold_expression             ? 
_reflns.pdbx_redundancy                  17.59 
_reflns.pdbx_Rmerge_I_obs                0.1127 
_reflns.pdbx_Rmerge_I_all                ? 
_reflns.pdbx_Rsym_value                  ? 
_reflns.pdbx_netI_over_av_sigmaI         ? 
_reflns.pdbx_netI_over_sigmaI            11.59 
_reflns.pdbx_res_netI_over_av_sigmaI_2   ? 
_reflns.pdbx_res_netI_over_sigmaI_2      ? 
_reflns.pdbx_chi_squared                 ? 
_reflns.pdbx_scaling_rejects             ? 
_reflns.pdbx_d_res_high_opt              ? 
_reflns.pdbx_d_res_low_opt               ? 
_reflns.pdbx_d_res_opt_method            ? 
_reflns.phase_calculation_details        ? 
_reflns.pdbx_Rrim_I_all                  ? 
_reflns.pdbx_Rpim_I_all                  ? 
_reflns.pdbx_d_opt                       ? 
_reflns.pdbx_number_measured_all         ? 
_reflns.pdbx_diffrn_id                   1 
_reflns.pdbx_ordinal                     1 
_reflns.pdbx_CC_half                     ? 
_reflns.pdbx_R_split                     ? 
# 
_reflns_shell.d_res_high                  2.60 
_reflns_shell.d_res_low                   2.64 
_reflns_shell.meanI_over_sigI_all         ? 
_reflns_shell.meanI_over_sigI_obs         ? 
_reflns_shell.number_measured_all         ? 
_reflns_shell.number_measured_obs         ? 
_reflns_shell.number_possible             ? 
_reflns_shell.number_unique_all           ? 
_reflns_shell.number_unique_obs           714 
_reflns_shell.percent_possible_all        100.0 
_reflns_shell.percent_possible_obs        ? 
_reflns_shell.Rmerge_F_all                ? 
_reflns_shell.Rmerge_F_obs                ? 
_reflns_shell.Rmerge_I_all                ? 
_reflns_shell.Rmerge_I_obs                0.7929 
_reflns_shell.meanI_over_sigI_gt          ? 
_reflns_shell.meanI_over_uI_all           ? 
_reflns_shell.meanI_over_uI_gt            ? 
_reflns_shell.number_measured_gt          ? 
_reflns_shell.number_unique_gt            ? 
_reflns_shell.percent_possible_gt         ? 
_reflns_shell.Rmerge_F_gt                 ? 
_reflns_shell.Rmerge_I_gt                 ? 
_reflns_shell.pdbx_redundancy             14.05 
_reflns_shell.pdbx_Rsym_value             ? 
_reflns_shell.pdbx_chi_squared            ? 
_reflns_shell.pdbx_netI_over_sigmaI_all   ? 
_reflns_shell.pdbx_netI_over_sigmaI_obs   ? 
_reflns_shell.pdbx_Rrim_I_all             ? 
_reflns_shell.pdbx_Rpim_I_all             ? 
_reflns_shell.pdbx_rejects                ? 
_reflns_shell.pdbx_ordinal                1 
_reflns_shell.pdbx_diffrn_id              1 
_reflns_shell.pdbx_CC_half                ? 
_reflns_shell.pdbx_R_split                ? 
# 
_refine.aniso_B[1][1]                            ? 
_refine.aniso_B[1][2]                            ? 
_refine.aniso_B[1][3]                            ? 
_refine.aniso_B[2][2]                            ? 
_refine.aniso_B[2][3]                            ? 
_refine.aniso_B[3][3]                            ? 
_refine.B_iso_max                                ? 
_refine.B_iso_mean                               ? 
_refine.B_iso_min                                ? 
_refine.correlation_coeff_Fo_to_Fc               ? 
_refine.correlation_coeff_Fo_to_Fc_free          ? 
_refine.details                                  ? 
_refine.diff_density_max                         ? 
_refine.diff_density_max_esd                     ? 
_refine.diff_density_min                         ? 
_refine.diff_density_min_esd                     ? 
_refine.diff_density_rms                         ? 
_refine.diff_density_rms_esd                     ? 
_refine.entry_id                                 6MJ1 
_refine.pdbx_refine_id                           'X-RAY DIFFRACTION' 
_refine.ls_abs_structure_details                 ? 
_refine.ls_abs_structure_Flack                   ? 
_refine.ls_abs_structure_Flack_esd               ? 
_refine.ls_abs_structure_Rogers                  ? 
_refine.ls_abs_structure_Rogers_esd              ? 
_refine.ls_d_res_high                            2.600 
_refine.ls_d_res_low                             44.745 
_refine.ls_extinction_coef                       ? 
_refine.ls_extinction_coef_esd                   ? 
_refine.ls_extinction_expression                 ? 
_refine.ls_extinction_method                     ? 
_refine.ls_goodness_of_fit_all                   ? 
_refine.ls_goodness_of_fit_all_esd               ? 
_refine.ls_goodness_of_fit_obs                   ? 
_refine.ls_goodness_of_fit_obs_esd               ? 
_refine.ls_hydrogen_treatment                    ? 
_refine.ls_matrix_type                           ? 
_refine.ls_number_constraints                    ? 
_refine.ls_number_parameters                     ? 
_refine.ls_number_reflns_all                     ? 
_refine.ls_number_reflns_obs                     16039 
_refine.ls_number_reflns_R_free                  734 
_refine.ls_number_reflns_R_work                  ? 
_refine.ls_number_restraints                     ? 
_refine.ls_percent_reflns_obs                    99.06 
_refine.ls_percent_reflns_R_free                 4.58 
_refine.ls_R_factor_all                          ? 
_refine.ls_R_factor_obs                          0.2236 
_refine.ls_R_factor_R_free                       0.2536 
_refine.ls_R_factor_R_free_error                 ? 
_refine.ls_R_factor_R_free_error_details         ? 
_refine.ls_R_factor_R_work                       0.2220 
_refine.ls_R_Fsqd_factor_obs                     ? 
_refine.ls_R_I_factor_obs                        ? 
_refine.ls_redundancy_reflns_all                 ? 
_refine.ls_redundancy_reflns_obs                 ? 
_refine.ls_restrained_S_all                      ? 
_refine.ls_restrained_S_obs                      ? 
_refine.ls_shift_over_esd_max                    ? 
_refine.ls_shift_over_esd_mean                   ? 
_refine.ls_structure_factor_coef                 ? 
_refine.ls_weighting_details                     ? 
_refine.ls_weighting_scheme                      ? 
_refine.ls_wR_factor_all                         ? 
_refine.ls_wR_factor_obs                         ? 
_refine.ls_wR_factor_R_free                      ? 
_refine.ls_wR_factor_R_work                      ? 
_refine.occupancy_max                            ? 
_refine.occupancy_min                            ? 
_refine.solvent_model_details                    ? 
_refine.solvent_model_param_bsol                 ? 
_refine.solvent_model_param_ksol                 ? 
_refine.ls_R_factor_gt                           ? 
_refine.ls_goodness_of_fit_gt                    ? 
_refine.ls_goodness_of_fit_ref                   ? 
_refine.ls_shift_over_su_max                     ? 
_refine.ls_shift_over_su_max_lt                  ? 
_refine.ls_shift_over_su_mean                    ? 
_refine.ls_shift_over_su_mean_lt                 ? 
_refine.pdbx_ls_sigma_I                          ? 
_refine.pdbx_ls_sigma_F                          1.34 
_refine.pdbx_ls_sigma_Fsqd                       ? 
_refine.pdbx_data_cutoff_high_absF               ? 
_refine.pdbx_data_cutoff_high_rms_absF           ? 
_refine.pdbx_data_cutoff_low_absF                ? 
_refine.pdbx_isotropic_thermal_model             ? 
_refine.pdbx_ls_cross_valid_method               'FREE R-VALUE' 
_refine.pdbx_method_to_determine_struct          SAD 
_refine.pdbx_starting_model                      ? 
_refine.pdbx_stereochemistry_target_values       ? 
_refine.pdbx_R_Free_selection_details            ? 
_refine.pdbx_stereochem_target_val_spec_case     ? 
_refine.pdbx_overall_ESU_R                       ? 
_refine.pdbx_overall_ESU_R_Free                  ? 
_refine.pdbx_solvent_vdw_probe_radii             1.11 
_refine.pdbx_solvent_ion_probe_radii             ? 
_refine.pdbx_solvent_shrinkage_radii             0.90 
_refine.pdbx_real_space_R                        ? 
_refine.pdbx_density_correlation                 ? 
_refine.pdbx_pd_number_of_powder_patterns        ? 
_refine.pdbx_pd_number_of_points                 ? 
_refine.pdbx_pd_meas_number_of_points            ? 
_refine.pdbx_pd_proc_ls_prof_R_factor            ? 
_refine.pdbx_pd_proc_ls_prof_wR_factor           ? 
_refine.pdbx_pd_Marquardt_correlation_coeff      ? 
_refine.pdbx_pd_Fsqrd_R_factor                   ? 
_refine.pdbx_pd_ls_matrix_band_width             ? 
_refine.pdbx_overall_phase_error                 32.81 
_refine.pdbx_overall_SU_R_free_Cruickshank_DPI   ? 
_refine.pdbx_overall_SU_R_free_Blow_DPI          ? 
_refine.pdbx_overall_SU_R_Blow_DPI               ? 
_refine.pdbx_TLS_residual_ADP_flag               ? 
_refine.pdbx_diffrn_id                           1 
_refine.overall_SU_B                             ? 
_refine.overall_SU_ML                            0.37 
_refine.overall_SU_R_Cruickshank_DPI             ? 
_refine.overall_SU_R_free                        ? 
_refine.overall_FOM_free_R_set                   ? 
_refine.overall_FOM_work_R_set                   ? 
_refine.pdbx_average_fsc_overall                 ? 
_refine.pdbx_average_fsc_work                    ? 
_refine.pdbx_average_fsc_free                    ? 
# 
_refine_hist.pdbx_refine_id                   'X-RAY DIFFRACTION' 
_refine_hist.cycle_id                         LAST 
_refine_hist.pdbx_number_atoms_protein        1671 
_refine_hist.pdbx_number_atoms_nucleic_acid   0 
_refine_hist.pdbx_number_atoms_ligand         0 
_refine_hist.number_atoms_solvent             25 
_refine_hist.number_atoms_total               1696 
_refine_hist.d_res_high                       2.600 
_refine_hist.d_res_low                        44.745 
# 
loop_
_refine_ls_restr.pdbx_refine_id 
_refine_ls_restr.criterion 
_refine_ls_restr.dev_ideal 
_refine_ls_restr.dev_ideal_target 
_refine_ls_restr.number 
_refine_ls_restr.rejects 
_refine_ls_restr.type 
_refine_ls_restr.weight 
_refine_ls_restr.pdbx_restraint_function 
'X-RAY DIFFRACTION' ? 0.009 ? 1730 ? f_bond_d           ? ? 
'X-RAY DIFFRACTION' ? 1.082 ? 2335 ? f_angle_d          ? ? 
'X-RAY DIFFRACTION' ? 7.426 ? 1469 ? f_dihedral_angle_d ? ? 
'X-RAY DIFFRACTION' ? 0.056 ? 257  ? f_chiral_restr     ? ? 
'X-RAY DIFFRACTION' ? 0.007 ? 290  ? f_plane_restr      ? ? 
# 
loop_
_refine_ls_shell.pdbx_refine_id 
_refine_ls_shell.d_res_high 
_refine_ls_shell.d_res_low 
_refine_ls_shell.number_reflns_all 
_refine_ls_shell.number_reflns_obs 
_refine_ls_shell.number_reflns_R_free 
_refine_ls_shell.number_reflns_R_work 
_refine_ls_shell.percent_reflns_obs 
_refine_ls_shell.percent_reflns_R_free 
_refine_ls_shell.R_factor_all 
_refine_ls_shell.R_factor_obs 
_refine_ls_shell.R_factor_R_free 
_refine_ls_shell.R_factor_R_free_error 
_refine_ls_shell.R_factor_R_work 
_refine_ls_shell.redundancy_reflns_all 
_refine_ls_shell.redundancy_reflns_obs 
_refine_ls_shell.wR_factor_all 
_refine_ls_shell.wR_factor_obs 
_refine_ls_shell.wR_factor_R_free 
_refine_ls_shell.wR_factor_R_work 
_refine_ls_shell.pdbx_total_number_of_bins_used 
_refine_ls_shell.pdbx_phase_error 
_refine_ls_shell.pdbx_fsc_work 
_refine_ls_shell.pdbx_fsc_free 
'X-RAY DIFFRACTION' 2.6000 2.8007  . . 140 3013 100.00 . . . 0.3632 . 0.3390 . . . . . . . . . . 
'X-RAY DIFFRACTION' 2.8007 3.0825  . . 132 3026 99.00  . . . 0.3955 . 0.3056 . . . . . . . . . . 
'X-RAY DIFFRACTION' 3.0825 3.5284  . . 152 2964 97.00  . . . 0.3308 . 0.2768 . . . . . . . . . . 
'X-RAY DIFFRACTION' 3.5284 4.4448  . . 126 3077 99.00  . . . 0.2429 . 0.2210 . . . . . . . . . . 
'X-RAY DIFFRACTION' 4.4448 44.7513 . . 184 3225 100.00 . . . 0.2086 . 0.1782 . . . . . . . . . . 
# 
_struct.entry_id                     6MJ1 
_struct.title                        'Crystal structure of RefZ (regulator of FtsZ) from Bacillus subtilis' 
_struct.pdbx_model_details           ? 
_struct.pdbx_formula_weight          ? 
_struct.pdbx_formula_weight_method   ? 
_struct.pdbx_model_type_details      ? 
_struct.pdbx_CASP_flag               N 
# 
_struct_keywords.entry_id        6MJ1 
_struct_keywords.text            'TetR family, cell division, FtsZ regulator, DNA BINDING PROTEIN' 
_struct_keywords.pdbx_keywords   'DNA BINDING PROTEIN' 
# 
loop_
_struct_asym.id 
_struct_asym.pdbx_blank_PDB_chainid_flag 
_struct_asym.pdbx_modified 
_struct_asym.entity_id 
_struct_asym.details 
A N N 1 ? 
B N N 2 ? 
# 
_struct_ref.id                         1 
_struct_ref.db_name                    UNP 
_struct_ref.db_code                    YTTP_BACSU 
_struct_ref.pdbx_db_accession          O34970 
_struct_ref.pdbx_db_isoform            ? 
_struct_ref.entity_id                  1 
_struct_ref.pdbx_seq_one_letter_code   
;MKVSTKDKIIESAVMLFNQKGFSGTSVREIAKSADVNVAHISYYFKGKGGLMEHLVSEFYEGYSKTLETAASNISTQSTQ
EQLLQLVFDILSYQHNHRQLTRFVYREVTIDSTLIREIMSTYLMKEKYIFQLIIEEGEKQREYLTLPLPHFILQLKSLLM
MPYLQPQYISEVLYMQPHEPYFYKMYFEEIKIWIRSVFRTGDVALTN
;
_struct_ref.pdbx_align_begin           1 
# 
_struct_ref_seq.align_id                      1 
_struct_ref_seq.ref_id                        1 
_struct_ref_seq.pdbx_PDB_id_code              6MJ1 
_struct_ref_seq.pdbx_strand_id                A 
_struct_ref_seq.seq_align_beg                 1 
_struct_ref_seq.pdbx_seq_align_beg_ins_code   ? 
_struct_ref_seq.seq_align_end                 207 
_struct_ref_seq.pdbx_seq_align_end_ins_code   ? 
_struct_ref_seq.pdbx_db_accession             O34970 
_struct_ref_seq.db_align_beg                  1 
_struct_ref_seq.pdbx_db_align_beg_ins_code    ? 
_struct_ref_seq.db_align_end                  207 
_struct_ref_seq.pdbx_db_align_end_ins_code    ? 
_struct_ref_seq.pdbx_auth_seq_align_beg       1 
_struct_ref_seq.pdbx_auth_seq_align_end       207 
# 
_pdbx_struct_assembly.id                   1 
_pdbx_struct_assembly.details              author_and_software_defined_assembly 
_pdbx_struct_assembly.method_details       PISA 
_pdbx_struct_assembly.oligomeric_details   dimeric 
_pdbx_struct_assembly.oligomeric_count     2 
# 
loop_
_pdbx_struct_assembly_prop.biol_id 
_pdbx_struct_assembly_prop.type 
_pdbx_struct_assembly_prop.value 
_pdbx_struct_assembly_prop.details 
1 'ABSA (A^2)' 3450  ? 
1 MORE         -21   ? 
1 'SSA (A^2)'  19310 ? 
# 
_pdbx_struct_assembly_gen.assembly_id       1 
_pdbx_struct_assembly_gen.oper_expression   1,2 
_pdbx_struct_assembly_gen.asym_id_list      A,B 
# 
_pdbx_struct_assembly_auth_evidence.id                     1 
_pdbx_struct_assembly_auth_evidence.assembly_id            1 
_pdbx_struct_assembly_auth_evidence.experimental_support   homology 
_pdbx_struct_assembly_auth_evidence.details                ? 
# 
loop_
_pdbx_struct_oper_list.id 
_pdbx_struct_oper_list.type 
_pdbx_struct_oper_list.name 
_pdbx_struct_oper_list.symmetry_operation 
_pdbx_struct_oper_list.matrix[1][1] 
_pdbx_struct_oper_list.matrix[1][2] 
_pdbx_struct_oper_list.matrix[1][3] 
_pdbx_struct_oper_list.vector[1] 
_pdbx_struct_oper_list.matrix[2][1] 
_pdbx_struct_oper_list.matrix[2][2] 
_pdbx_struct_oper_list.matrix[2][3] 
_pdbx_struct_oper_list.vector[2] 
_pdbx_struct_oper_list.matrix[3][1] 
_pdbx_struct_oper_list.matrix[3][2] 
_pdbx_struct_oper_list.matrix[3][3] 
_pdbx_struct_oper_list.vector[3] 
1 'identity operation'         1_555 x,y,z  1.0000000000  0.0000000000 0.0000000000 0.0000000000  0.0000000000 1.0000000000  0.0000000000 0.0000000000   0.0000000000 0.0000000000 1.0000000000 0.0000000000  
2 'crystal symmetry operation' 7_555 y,x,-z -0.9769910433 0.1482642504 0.1533173618 13.1670574978 0.1482642504 -0.0446203976 0.9879406522 -15.1578159480 0.1533173618 0.9879406522 0.0216114409 12.6822033658 
# 
loop_
_struct_conf.conf_type_id 
_struct_conf.id 
_struct_conf.pdbx_PDB_helix_id 
_struct_conf.beg_label_comp_id 
_struct_conf.beg_label_asym_id 
_struct_conf.beg_label_seq_id 
_struct_conf.pdbx_beg_PDB_ins_code 
_struct_conf.end_label_comp_id 
_struct_conf.end_label_asym_id 
_struct_conf.end_label_seq_id 
_struct_conf.pdbx_end_PDB_ins_code 
_struct_conf.beg_auth_comp_id 
_struct_conf.beg_auth_asym_id 
_struct_conf.beg_auth_seq_id 
_struct_conf.end_auth_comp_id 
_struct_conf.end_auth_asym_id 
_struct_conf.end_auth_seq_id 
_struct_conf.pdbx_PDB_helix_class 
_struct_conf.details 
_struct_conf.pdbx_PDB_helix_length 
HELX_P HELX_P1  AA1 SER A 4   ? LYS A 20  ? SER A 4   LYS A 20  1 ? 17 
HELX_P HELX_P2  AA2 SER A 26  ? ASP A 35  ? SER A 26  ASP A 35  1 ? 10 
HELX_P HELX_P3  AA3 ASN A 37  ? LYS A 46  ? ASN A 37  LYS A 46  1 ? 10 
HELX_P HELX_P4  AA4 GLY A 47  ? SER A 72  ? GLY A 47  SER A 72  1 ? 26 
HELX_P HELX_P5  AA5 SER A 78  ? HIS A 97  ? SER A 78  HIS A 97  1 ? 20 
HELX_P HELX_P6  AA6 HIS A 97  ? GLU A 107 ? HIS A 97  GLU A 107 1 ? 11 
HELX_P HELX_P7  AA7 THR A 113 ? GLU A 138 ? THR A 113 GLU A 138 1 ? 26 
HELX_P HELX_P8  AA8 PRO A 147 ? MET A 161 ? PRO A 147 MET A 161 1 ? 15 
HELX_P HELX_P9  AA9 PRO A 162 ? LEU A 164 ? PRO A 162 LEU A 164 5 ? 3  
HELX_P HELX_P10 AB1 GLN A 165 ? MET A 175 ? GLN A 165 MET A 175 1 ? 11 
HELX_P HELX_P11 AB2 PHE A 182 ? VAL A 197 ? PHE A 182 VAL A 197 1 ? 16 
# 
_struct_conf_type.id          HELX_P 
_struct_conf_type.criteria    ? 
_struct_conf_type.reference   ? 
# 
_struct_sheet.id               AA1 
_struct_sheet.type             ? 
_struct_sheet.number_strands   2 
_struct_sheet.details          ? 
# 
_struct_sheet_order.sheet_id     AA1 
_struct_sheet_order.range_id_1   1 
_struct_sheet_order.range_id_2   2 
_struct_sheet_order.offset       ? 
_struct_sheet_order.sense        anti-parallel 
# 
loop_
_struct_sheet_range.sheet_id 
_struct_sheet_range.id 
_struct_sheet_range.beg_label_comp_id 
_struct_sheet_range.beg_label_asym_id 
_struct_sheet_range.beg_label_seq_id 
_struct_sheet_range.pdbx_beg_PDB_ins_code 
_struct_sheet_range.end_label_comp_id 
_struct_sheet_range.end_label_asym_id 
_struct_sheet_range.end_label_seq_id 
_struct_sheet_range.pdbx_end_PDB_ins_code 
_struct_sheet_range.beg_auth_comp_id 
_struct_sheet_range.beg_auth_asym_id 
_struct_sheet_range.beg_auth_seq_id 
_struct_sheet_range.end_auth_comp_id 
_struct_sheet_range.end_auth_asym_id 
_struct_sheet_range.end_auth_seq_id 
AA1 1 TYR A 143 ? LEU A 144 ? TYR A 143 LEU A 144 
AA1 2 PHE A 198 ? ARG A 199 ? PHE A 198 ARG A 199 
# 
_pdbx_struct_sheet_hbond.sheet_id                AA1 
_pdbx_struct_sheet_hbond.range_id_1              1 
_pdbx_struct_sheet_hbond.range_id_2              2 
_pdbx_struct_sheet_hbond.range_1_label_atom_id   N 
_pdbx_struct_sheet_hbond.range_1_label_comp_id   TYR 
_pdbx_struct_sheet_hbond.range_1_label_asym_id   A 
_pdbx_struct_sheet_hbond.range_1_label_seq_id    143 
_pdbx_struct_sheet_hbond.range_1_PDB_ins_code    ? 
_pdbx_struct_sheet_hbond.range_1_auth_atom_id    N 
_pdbx_struct_sheet_hbond.range_1_auth_comp_id    TYR 
_pdbx_struct_sheet_hbond.range_1_auth_asym_id    A 
_pdbx_struct_sheet_hbond.range_1_auth_seq_id     143 
_pdbx_struct_sheet_hbond.range_2_label_atom_id   O 
_pdbx_struct_sheet_hbond.range_2_label_comp_id   ARG 
_pdbx_struct_sheet_hbond.range_2_label_asym_id   A 
_pdbx_struct_sheet_hbond.range_2_label_seq_id    199 
_pdbx_struct_sheet_hbond.range_2_PDB_ins_code    ? 
_pdbx_struct_sheet_hbond.range_2_auth_atom_id    O 
_pdbx_struct_sheet_hbond.range_2_auth_comp_id    ARG 
_pdbx_struct_sheet_hbond.range_2_auth_asym_id    A 
_pdbx_struct_sheet_hbond.range_2_auth_seq_id     199 
# 
loop_
_pdbx_validate_torsion.id 
_pdbx_validate_torsion.PDB_model_num 
_pdbx_validate_torsion.auth_comp_id 
_pdbx_validate_torsion.auth_asym_id 
_pdbx_validate_torsion.auth_seq_id 
_pdbx_validate_torsion.PDB_ins_code 
_pdbx_validate_torsion.label_alt_id 
_pdbx_validate_torsion.phi 
_pdbx_validate_torsion.psi 
1  1 LYS A 46  ? ? 75.78   -40.29  
2  1 ASN A 73  ? ? -172.16 15.52   
3  1 THR A 109 ? ? -70.53  -101.13 
4  1 ILE A 110 ? ? 54.10   -168.55 
5  1 ASP A 111 ? ? 69.16   111.27  
6  1 SER A 112 ? ? -169.00 64.49   
7  1 THR A 113 ? ? 42.53   -70.87  
8  1 LYS A 139 ? ? -83.07  46.62   
9  1 GLN A 140 ? ? 174.14  151.53  
10 1 ARG A 141 ? ? -82.41  47.06   
11 1 LEU A 164 ? ? -128.19 -63.17  
# 
_pdbx_struct_special_symmetry.id              1 
_pdbx_struct_special_symmetry.PDB_model_num   1 
_pdbx_struct_special_symmetry.auth_asym_id    A 
_pdbx_struct_special_symmetry.auth_comp_id    HOH 
_pdbx_struct_special_symmetry.auth_seq_id     319 
_pdbx_struct_special_symmetry.PDB_ins_code    ? 
_pdbx_struct_special_symmetry.label_asym_id   B 
_pdbx_struct_special_symmetry.label_comp_id   HOH 
_pdbx_struct_special_symmetry.label_seq_id    . 
# 
loop_
_pdbx_unobs_or_zero_occ_residues.id 
_pdbx_unobs_or_zero_occ_residues.PDB_model_num 
_pdbx_unobs_or_zero_occ_residues.polymer_flag 
_pdbx_unobs_or_zero_occ_residues.occupancy_flag 
_pdbx_unobs_or_zero_occ_residues.auth_asym_id 
_pdbx_unobs_or_zero_occ_residues.auth_comp_id 
_pdbx_unobs_or_zero_occ_residues.auth_seq_id 
_pdbx_unobs_or_zero_occ_residues.PDB_ins_code 
_pdbx_unobs_or_zero_occ_residues.label_asym_id 
_pdbx_unobs_or_zero_occ_residues.label_comp_id 
_pdbx_unobs_or_zero_occ_residues.label_seq_id 
1 1 Y 1 A GLY 201 ? A GLY 201 
2 1 Y 1 A ASP 202 ? A ASP 202 
3 1 Y 1 A VAL 203 ? A VAL 203 
4 1 Y 1 A ALA 204 ? A ALA 204 
5 1 Y 1 A LEU 205 ? A LEU 205 
6 1 Y 1 A THR 206 ? A THR 206 
7 1 Y 1 A ASN 207 ? A ASN 207 
# 
loop_
_chem_comp_atom.comp_id 
_chem_comp_atom.atom_id 
_chem_comp_atom.type_symbol 
_chem_comp_atom.pdbx_aromatic_flag 
_chem_comp_atom.pdbx_stereo_config 
_chem_comp_atom.pdbx_ordinal 
ALA N    N N N 1   
ALA CA   C N S 2   
ALA C    C N N 3   
ALA O    O N N 4   
ALA CB   C N N 5   
ALA OXT  O N N 6   
ALA H    H N N 7   
ALA H2   H N N 8   
ALA HA   H N N 9   
ALA HB1  H N N 10  
ALA HB2  H N N 11  
ALA HB3  H N N 12  
ALA HXT  H N N 13  
ARG N    N N N 14  
ARG CA   C N S 15  
ARG C    C N N 16  
ARG O    O N N 17  
ARG CB   C N N 18  
ARG CG   C N N 19  
ARG CD   C N N 20  
ARG NE   N N N 21  
ARG CZ   C N N 22  
ARG NH1  N N N 23  
ARG NH2  N N N 24  
ARG OXT  O N N 25  
ARG H    H N N 26  
ARG H2   H N N 27  
ARG HA   H N N 28  
ARG HB2  H N N 29  
ARG HB3  H N N 30  
ARG HG2  H N N 31  
ARG HG3  H N N 32  
ARG HD2  H N N 33  
ARG HD3  H N N 34  
ARG HE   H N N 35  
ARG HH11 H N N 36  
ARG HH12 H N N 37  
ARG HH21 H N N 38  
ARG HH22 H N N 39  
ARG HXT  H N N 40  
ASN N    N N N 41  
ASN CA   C N S 42  
ASN C    C N N 43  
ASN O    O N N 44  
ASN CB   C N N 45  
ASN CG   C N N 46  
ASN OD1  O N N 47  
ASN ND2  N N N 48  
ASN OXT  O N N 49  
ASN H    H N N 50  
ASN H2   H N N 51  
ASN HA   H N N 52  
ASN HB2  H N N 53  
ASN HB3  H N N 54  
ASN HD21 H N N 55  
ASN HD22 H N N 56  
ASN HXT  H N N 57  
ASP N    N N N 58  
ASP CA   C N S 59  
ASP C    C N N 60  
ASP O    O N N 61  
ASP CB   C N N 62  
ASP CG   C N N 63  
ASP OD1  O N N 64  
ASP OD2  O N N 65  
ASP OXT  O N N 66  
ASP H    H N N 67  
ASP H2   H N N 68  
ASP HA   H N N 69  
ASP HB2  H N N 70  
ASP HB3  H N N 71  
ASP HD2  H N N 72  
ASP HXT  H N N 73  
GLN N    N N N 74  
GLN CA   C N S 75  
GLN C    C N N 76  
GLN O    O N N 77  
GLN CB   C N N 78  
GLN CG   C N N 79  
GLN CD   C N N 80  
GLN OE1  O N N 81  
GLN NE2  N N N 82  
GLN OXT  O N N 83  
GLN H    H N N 84  
GLN H2   H N N 85  
GLN HA   H N N 86  
GLN HB2  H N N 87  
GLN HB3  H N N 88  
GLN HG2  H N N 89  
GLN HG3  H N N 90  
GLN HE21 H N N 91  
GLN HE22 H N N 92  
GLN HXT  H N N 93  
GLU N    N N N 94  
GLU CA   C N S 95  
GLU C    C N N 96  
GLU O    O N N 97  
GLU CB   C N N 98  
GLU CG   C N N 99  
GLU CD   C N N 100 
GLU OE1  O N N 101 
GLU OE2  O N N 102 
GLU OXT  O N N 103 
GLU H    H N N 104 
GLU H2   H N N 105 
GLU HA   H N N 106 
GLU HB2  H N N 107 
GLU HB3  H N N 108 
GLU HG2  H N N 109 
GLU HG3  H N N 110 
GLU HE2  H N N 111 
GLU HXT  H N N 112 
GLY N    N N N 113 
GLY CA   C N N 114 
GLY C    C N N 115 
GLY O    O N N 116 
GLY OXT  O N N 117 
GLY H    H N N 118 
GLY H2   H N N 119 
GLY HA2  H N N 120 
GLY HA3  H N N 121 
GLY HXT  H N N 122 
HIS N    N N N 123 
HIS CA   C N S 124 
HIS C    C N N 125 
HIS O    O N N 126 
HIS CB   C N N 127 
HIS CG   C Y N 128 
HIS ND1  N Y N 129 
HIS CD2  C Y N 130 
HIS CE1  C Y N 131 
HIS NE2  N Y N 132 
HIS OXT  O N N 133 
HIS H    H N N 134 
HIS H2   H N N 135 
HIS HA   H N N 136 
HIS HB2  H N N 137 
HIS HB3  H N N 138 
HIS HD1  H N N 139 
HIS HD2  H N N 140 
HIS HE1  H N N 141 
HIS HE2  H N N 142 
HIS HXT  H N N 143 
HOH O    O N N 144 
HOH H1   H N N 145 
HOH H2   H N N 146 
ILE N    N N N 147 
ILE CA   C N S 148 
ILE C    C N N 149 
ILE O    O N N 150 
ILE CB   C N S 151 
ILE CG1  C N N 152 
ILE CG2  C N N 153 
ILE CD1  C N N 154 
ILE OXT  O N N 155 
ILE H    H N N 156 
ILE H2   H N N 157 
ILE HA   H N N 158 
ILE HB   H N N 159 
ILE HG12 H N N 160 
ILE HG13 H N N 161 
ILE HG21 H N N 162 
ILE HG22 H N N 163 
ILE HG23 H N N 164 
ILE HD11 H N N 165 
ILE HD12 H N N 166 
ILE HD13 H N N 167 
ILE HXT  H N N 168 
LEU N    N N N 169 
LEU CA   C N S 170 
LEU C    C N N 171 
LEU O    O N N 172 
LEU CB   C N N 173 
LEU CG   C N N 174 
LEU CD1  C N N 175 
LEU CD2  C N N 176 
LEU OXT  O N N 177 
LEU H    H N N 178 
LEU H2   H N N 179 
LEU HA   H N N 180 
LEU HB2  H N N 181 
LEU HB3  H N N 182 
LEU HG   H N N 183 
LEU HD11 H N N 184 
LEU HD12 H N N 185 
LEU HD13 H N N 186 
LEU HD21 H N N 187 
LEU HD22 H N N 188 
LEU HD23 H N N 189 
LEU HXT  H N N 190 
LYS N    N N N 191 
LYS CA   C N S 192 
LYS C    C N N 193 
LYS O    O N N 194 
LYS CB   C N N 195 
LYS CG   C N N 196 
LYS CD   C N N 197 
LYS CE   C N N 198 
LYS NZ   N N N 199 
LYS OXT  O N N 200 
LYS H    H N N 201 
LYS H2   H N N 202 
LYS HA   H N N 203 
LYS HB2  H N N 204 
LYS HB3  H N N 205 
LYS HG2  H N N 206 
LYS HG3  H N N 207 
LYS HD2  H N N 208 
LYS HD3  H N N 209 
LYS HE2  H N N 210 
LYS HE3  H N N 211 
LYS HZ1  H N N 212 
LYS HZ2  H N N 213 
LYS HZ3  H N N 214 
LYS HXT  H N N 215 
MET N    N N N 216 
MET CA   C N S 217 
MET C    C N N 218 
MET O    O N N 219 
MET CB   C N N 220 
MET CG   C N N 221 
MET SD   S N N 222 
MET CE   C N N 223 
MET OXT  O N N 224 
MET H    H N N 225 
MET H2   H N N 226 
MET HA   H N N 227 
MET HB2  H N N 228 
MET HB3  H N N 229 
MET HG2  H N N 230 
MET HG3  H N N 231 
MET HE1  H N N 232 
MET HE2  H N N 233 
MET HE3  H N N 234 
MET HXT  H N N 235 
PHE N    N N N 236 
PHE CA   C N S 237 
PHE C    C N N 238 
PHE O    O N N 239 
PHE CB   C N N 240 
PHE CG   C Y N 241 
PHE CD1  C Y N 242 
PHE CD2  C Y N 243 
PHE CE1  C Y N 244 
PHE CE2  C Y N 245 
PHE CZ   C Y N 246 
PHE OXT  O N N 247 
PHE H    H N N 248 
PHE H2   H N N 249 
PHE HA   H N N 250 
PHE HB2  H N N 251 
PHE HB3  H N N 252 
PHE HD1  H N N 253 
PHE HD2  H N N 254 
PHE HE1  H N N 255 
PHE HE2  H N N 256 
PHE HZ   H N N 257 
PHE HXT  H N N 258 
PRO N    N N N 259 
PRO CA   C N S 260 
PRO C    C N N 261 
PRO O    O N N 262 
PRO CB   C N N 263 
PRO CG   C N N 264 
PRO CD   C N N 265 
PRO OXT  O N N 266 
PRO H    H N N 267 
PRO HA   H N N 268 
PRO HB2  H N N 269 
PRO HB3  H N N 270 
PRO HG2  H N N 271 
PRO HG3  H N N 272 
PRO HD2  H N N 273 
PRO HD3  H N N 274 
PRO HXT  H N N 275 
SER N    N N N 276 
SER CA   C N S 277 
SER C    C N N 278 
SER O    O N N 279 
SER CB   C N N 280 
SER OG   O N N 281 
SER OXT  O N N 282 
SER H    H N N 283 
SER H2   H N N 284 
SER HA   H N N 285 
SER HB2  H N N 286 
SER HB3  H N N 287 
SER HG   H N N 288 
SER HXT  H N N 289 
THR N    N N N 290 
THR CA   C N S 291 
THR C    C N N 292 
THR O    O N N 293 
THR CB   C N R 294 
THR OG1  O N N 295 
THR CG2  C N N 296 
THR OXT  O N N 297 
THR H    H N N 298 
THR H2   H N N 299 
THR HA   H N N 300 
THR HB   H N N 301 
THR HG1  H N N 302 
THR HG21 H N N 303 
THR HG22 H N N 304 
THR HG23 H N N 305 
THR HXT  H N N 306 
TRP N    N N N 307 
TRP CA   C N S 308 
TRP C    C N N 309 
TRP O    O N N 310 
TRP CB   C N N 311 
TRP CG   C Y N 312 
TRP CD1  C Y N 313 
TRP CD2  C Y N 314 
TRP NE1  N Y N 315 
TRP CE2  C Y N 316 
TRP CE3  C Y N 317 
TRP CZ2  C Y N 318 
TRP CZ3  C Y N 319 
TRP CH2  C Y N 320 
TRP OXT  O N N 321 
TRP H    H N N 322 
TRP H2   H N N 323 
TRP HA   H N N 324 
TRP HB2  H N N 325 
TRP HB3  H N N 326 
TRP HD1  H N N 327 
TRP HE1  H N N 328 
TRP HE3  H N N 329 
TRP HZ2  H N N 330 
TRP HZ3  H N N 331 
TRP HH2  H N N 332 
TRP HXT  H N N 333 
TYR N    N N N 334 
TYR CA   C N S 335 
TYR C    C N N 336 
TYR O    O N N 337 
TYR CB   C N N 338 
TYR CG   C Y N 339 
TYR CD1  C Y N 340 
TYR CD2  C Y N 341 
TYR CE1  C Y N 342 
TYR CE2  C Y N 343 
TYR CZ   C Y N 344 
TYR OH   O N N 345 
TYR OXT  O N N 346 
TYR H    H N N 347 
TYR H2   H N N 348 
TYR HA   H N N 349 
TYR HB2  H N N 350 
TYR HB3  H N N 351 
TYR HD1  H N N 352 
TYR HD2  H N N 353 
TYR HE1  H N N 354 
TYR HE2  H N N 355 
TYR HH   H N N 356 
TYR HXT  H N N 357 
VAL N    N N N 358 
VAL CA   C N S 359 
VAL C    C N N 360 
VAL O    O N N 361 
VAL CB   C N N 362 
VAL CG1  C N N 363 
VAL CG2  C N N 364 
VAL OXT  O N N 365 
VAL H    H N N 366 
VAL H2   H N N 367 
VAL HA   H N N 368 
VAL HB   H N N 369 
VAL HG11 H N N 370 
VAL HG12 H N N 371 
VAL HG13 H N N 372 
VAL HG21 H N N 373 
VAL HG22 H N N 374 
VAL HG23 H N N 375 
VAL HXT  H N N 376 
# 
loop_
_chem_comp_bond.comp_id 
_chem_comp_bond.atom_id_1 
_chem_comp_bond.atom_id_2 
_chem_comp_bond.value_order 
_chem_comp_bond.pdbx_aromatic_flag 
_chem_comp_bond.pdbx_stereo_config 
_chem_comp_bond.pdbx_ordinal 
ALA N   CA   sing N N 1   
ALA N   H    sing N N 2   
ALA N   H2   sing N N 3   
ALA CA  C    sing N N 4   
ALA CA  CB   sing N N 5   
ALA CA  HA   sing N N 6   
ALA C   O    doub N N 7   
ALA C   OXT  sing N N 8   
ALA CB  HB1  sing N N 9   
ALA CB  HB2  sing N N 10  
ALA CB  HB3  sing N N 11  
ALA OXT HXT  sing N N 12  
ARG N   CA   sing N N 13  
ARG N   H    sing N N 14  
ARG N   H2   sing N N 15  
ARG CA  C    sing N N 16  
ARG CA  CB   sing N N 17  
ARG CA  HA   sing N N 18  
ARG C   O    doub N N 19  
ARG C   OXT  sing N N 20  
ARG CB  CG   sing N N 21  
ARG CB  HB2  sing N N 22  
ARG CB  HB3  sing N N 23  
ARG CG  CD   sing N N 24  
ARG CG  HG2  sing N N 25  
ARG CG  HG3  sing N N 26  
ARG CD  NE   sing N N 27  
ARG CD  HD2  sing N N 28  
ARG CD  HD3  sing N N 29  
ARG NE  CZ   sing N N 30  
ARG NE  HE   sing N N 31  
ARG CZ  NH1  sing N N 32  
ARG CZ  NH2  doub N N 33  
ARG NH1 HH11 sing N N 34  
ARG NH1 HH12 sing N N 35  
ARG NH2 HH21 sing N N 36  
ARG NH2 HH22 sing N N 37  
ARG OXT HXT  sing N N 38  
ASN N   CA   sing N N 39  
ASN N   H    sing N N 40  
ASN N   H2   sing N N 41  
ASN CA  C    sing N N 42  
ASN CA  CB   sing N N 43  
ASN CA  HA   sing N N 44  
ASN C   O    doub N N 45  
ASN C   OXT  sing N N 46  
ASN CB  CG   sing N N 47  
ASN CB  HB2  sing N N 48  
ASN CB  HB3  sing N N 49  
ASN CG  OD1  doub N N 50  
ASN CG  ND2  sing N N 51  
ASN ND2 HD21 sing N N 52  
ASN ND2 HD22 sing N N 53  
ASN OXT HXT  sing N N 54  
ASP N   CA   sing N N 55  
ASP N   H    sing N N 56  
ASP N   H2   sing N N 57  
ASP CA  C    sing N N 58  
ASP CA  CB   sing N N 59  
ASP CA  HA   sing N N 60  
ASP C   O    doub N N 61  
ASP C   OXT  sing N N 62  
ASP CB  CG   sing N N 63  
ASP CB  HB2  sing N N 64  
ASP CB  HB3  sing N N 65  
ASP CG  OD1  doub N N 66  
ASP CG  OD2  sing N N 67  
ASP OD2 HD2  sing N N 68  
ASP OXT HXT  sing N N 69  
GLN N   CA   sing N N 70  
GLN N   H    sing N N 71  
GLN N   H2   sing N N 72  
GLN CA  C    sing N N 73  
GLN CA  CB   sing N N 74  
GLN CA  HA   sing N N 75  
GLN C   O    doub N N 76  
GLN C   OXT  sing N N 77  
GLN CB  CG   sing N N 78  
GLN CB  HB2  sing N N 79  
GLN CB  HB3  sing N N 80  
GLN CG  CD   sing N N 81  
GLN CG  HG2  sing N N 82  
GLN CG  HG3  sing N N 83  
GLN CD  OE1  doub N N 84  
GLN CD  NE2  sing N N 85  
GLN NE2 HE21 sing N N 86  
GLN NE2 HE22 sing N N 87  
GLN OXT HXT  sing N N 88  
GLU N   CA   sing N N 89  
GLU N   H    sing N N 90  
GLU N   H2   sing N N 91  
GLU CA  C    sing N N 92  
GLU CA  CB   sing N N 93  
GLU CA  HA   sing N N 94  
GLU C   O    doub N N 95  
GLU C   OXT  sing N N 96  
GLU CB  CG   sing N N 97  
GLU CB  HB2  sing N N 98  
GLU CB  HB3  sing N N 99  
GLU CG  CD   sing N N 100 
GLU CG  HG2  sing N N 101 
GLU CG  HG3  sing N N 102 
GLU CD  OE1  doub N N 103 
GLU CD  OE2  sing N N 104 
GLU OE2 HE2  sing N N 105 
GLU OXT HXT  sing N N 106 
GLY N   CA   sing N N 107 
GLY N   H    sing N N 108 
GLY N   H2   sing N N 109 
GLY CA  C    sing N N 110 
GLY CA  HA2  sing N N 111 
GLY CA  HA3  sing N N 112 
GLY C   O    doub N N 113 
GLY C   OXT  sing N N 114 
GLY OXT HXT  sing N N 115 
HIS N   CA   sing N N 116 
HIS N   H    sing N N 117 
HIS N   H2   sing N N 118 
HIS CA  C    sing N N 119 
HIS CA  CB   sing N N 120 
HIS CA  HA   sing N N 121 
HIS C   O    doub N N 122 
HIS C   OXT  sing N N 123 
HIS CB  CG   sing N N 124 
HIS CB  HB2  sing N N 125 
HIS CB  HB3  sing N N 126 
HIS CG  ND1  sing Y N 127 
HIS CG  CD2  doub Y N 128 
HIS ND1 CE1  doub Y N 129 
HIS ND1 HD1  sing N N 130 
HIS CD2 NE2  sing Y N 131 
HIS CD2 HD2  sing N N 132 
HIS CE1 NE2  sing Y N 133 
HIS CE1 HE1  sing N N 134 
HIS NE2 HE2  sing N N 135 
HIS OXT HXT  sing N N 136 
HOH O   H1   sing N N 137 
HOH O   H2   sing N N 138 
ILE N   CA   sing N N 139 
ILE N   H    sing N N 140 
ILE N   H2   sing N N 141 
ILE CA  C    sing N N 142 
ILE CA  CB   sing N N 143 
ILE CA  HA   sing N N 144 
ILE C   O    doub N N 145 
ILE C   OXT  sing N N 146 
ILE CB  CG1  sing N N 147 
ILE CB  CG2  sing N N 148 
ILE CB  HB   sing N N 149 
ILE CG1 CD1  sing N N 150 
ILE CG1 HG12 sing N N 151 
ILE CG1 HG13 sing N N 152 
ILE CG2 HG21 sing N N 153 
ILE CG2 HG22 sing N N 154 
ILE CG2 HG23 sing N N 155 
ILE CD1 HD11 sing N N 156 
ILE CD1 HD12 sing N N 157 
ILE CD1 HD13 sing N N 158 
ILE OXT HXT  sing N N 159 
LEU N   CA   sing N N 160 
LEU N   H    sing N N 161 
LEU N   H2   sing N N 162 
LEU CA  C    sing N N 163 
LEU CA  CB   sing N N 164 
LEU CA  HA   sing N N 165 
LEU C   O    doub N N 166 
LEU C   OXT  sing N N 167 
LEU CB  CG   sing N N 168 
LEU CB  HB2  sing N N 169 
LEU CB  HB3  sing N N 170 
LEU CG  CD1  sing N N 171 
LEU CG  CD2  sing N N 172 
LEU CG  HG   sing N N 173 
LEU CD1 HD11 sing N N 174 
LEU CD1 HD12 sing N N 175 
LEU CD1 HD13 sing N N 176 
LEU CD2 HD21 sing N N 177 
LEU CD2 HD22 sing N N 178 
LEU CD2 HD23 sing N N 179 
LEU OXT HXT  sing N N 180 
LYS N   CA   sing N N 181 
LYS N   H    sing N N 182 
LYS N   H2   sing N N 183 
LYS CA  C    sing N N 184 
LYS CA  CB   sing N N 185 
LYS CA  HA   sing N N 186 
LYS C   O    doub N N 187 
LYS C   OXT  sing N N 188 
LYS CB  CG   sing N N 189 
LYS CB  HB2  sing N N 190 
LYS CB  HB3  sing N N 191 
LYS CG  CD   sing N N 192 
LYS CG  HG2  sing N N 193 
LYS CG  HG3  sing N N 194 
LYS CD  CE   sing N N 195 
LYS CD  HD2  sing N N 196 
LYS CD  HD3  sing N N 197 
LYS CE  NZ   sing N N 198 
LYS CE  HE2  sing N N 199 
LYS CE  HE3  sing N N 200 
LYS NZ  HZ1  sing N N 201 
LYS NZ  HZ2  sing N N 202 
LYS NZ  HZ3  sing N N 203 
LYS OXT HXT  sing N N 204 
MET N   CA   sing N N 205 
MET N   H    sing N N 206 
MET N   H2   sing N N 207 
MET CA  C    sing N N 208 
MET CA  CB   sing N N 209 
MET CA  HA   sing N N 210 
MET C   O    doub N N 211 
MET C   OXT  sing N N 212 
MET CB  CG   sing N N 213 
MET CB  HB2  sing N N 214 
MET CB  HB3  sing N N 215 
MET CG  SD   sing N N 216 
MET CG  HG2  sing N N 217 
MET CG  HG3  sing N N 218 
MET SD  CE   sing N N 219 
MET CE  HE1  sing N N 220 
MET CE  HE2  sing N N 221 
MET CE  HE3  sing N N 222 
MET OXT HXT  sing N N 223 
PHE N   CA   sing N N 224 
PHE N   H    sing N N 225 
PHE N   H2   sing N N 226 
PHE CA  C    sing N N 227 
PHE CA  CB   sing N N 228 
PHE CA  HA   sing N N 229 
PHE C   O    doub N N 230 
PHE C   OXT  sing N N 231 
PHE CB  CG   sing N N 232 
PHE CB  HB2  sing N N 233 
PHE CB  HB3  sing N N 234 
PHE CG  CD1  doub Y N 235 
PHE CG  CD2  sing Y N 236 
PHE CD1 CE1  sing Y N 237 
PHE CD1 HD1  sing N N 238 
PHE CD2 CE2  doub Y N 239 
PHE CD2 HD2  sing N N 240 
PHE CE1 CZ   doub Y N 241 
PHE CE1 HE1  sing N N 242 
PHE CE2 CZ   sing Y N 243 
PHE CE2 HE2  sing N N 244 
PHE CZ  HZ   sing N N 245 
PHE OXT HXT  sing N N 246 
PRO N   CA   sing N N 247 
PRO N   CD   sing N N 248 
PRO N   H    sing N N 249 
PRO CA  C    sing N N 250 
PRO CA  CB   sing N N 251 
PRO CA  HA   sing N N 252 
PRO C   O    doub N N 253 
PRO C   OXT  sing N N 254 
PRO CB  CG   sing N N 255 
PRO CB  HB2  sing N N 256 
PRO CB  HB3  sing N N 257 
PRO CG  CD   sing N N 258 
PRO CG  HG2  sing N N 259 
PRO CG  HG3  sing N N 260 
PRO CD  HD2  sing N N 261 
PRO CD  HD3  sing N N 262 
PRO OXT HXT  sing N N 263 
SER N   CA   sing N N 264 
SER N   H    sing N N 265 
SER N   H2   sing N N 266 
SER CA  C    sing N N 267 
SER CA  CB   sing N N 268 
SER CA  HA   sing N N 269 
SER C   O    doub N N 270 
SER C   OXT  sing N N 271 
SER CB  OG   sing N N 272 
SER CB  HB2  sing N N 273 
SER CB  HB3  sing N N 274 
SER OG  HG   sing N N 275 
SER OXT HXT  sing N N 276 
THR N   CA   sing N N 277 
THR N   H    sing N N 278 
THR N   H2   sing N N 279 
THR CA  C    sing N N 280 
THR CA  CB   sing N N 281 
THR CA  HA   sing N N 282 
THR C   O    doub N N 283 
THR C   OXT  sing N N 284 
THR CB  OG1  sing N N 285 
THR CB  CG2  sing N N 286 
THR CB  HB   sing N N 287 
THR OG1 HG1  sing N N 288 
THR CG2 HG21 sing N N 289 
THR CG2 HG22 sing N N 290 
THR CG2 HG23 sing N N 291 
THR OXT HXT  sing N N 292 
TRP N   CA   sing N N 293 
TRP N   H    sing N N 294 
TRP N   H2   sing N N 295 
TRP CA  C    sing N N 296 
TRP CA  CB   sing N N 297 
TRP CA  HA   sing N N 298 
TRP C   O    doub N N 299 
TRP C   OXT  sing N N 300 
TRP CB  CG   sing N N 301 
TRP CB  HB2  sing N N 302 
TRP CB  HB3  sing N N 303 
TRP CG  CD1  doub Y N 304 
TRP CG  CD2  sing Y N 305 
TRP CD1 NE1  sing Y N 306 
TRP CD1 HD1  sing N N 307 
TRP CD2 CE2  doub Y N 308 
TRP CD2 CE3  sing Y N 309 
TRP NE1 CE2  sing Y N 310 
TRP NE1 HE1  sing N N 311 
TRP CE2 CZ2  sing Y N 312 
TRP CE3 CZ3  doub Y N 313 
TRP CE3 HE3  sing N N 314 
TRP CZ2 CH2  doub Y N 315 
TRP CZ2 HZ2  sing N N 316 
TRP CZ3 CH2  sing Y N 317 
TRP CZ3 HZ3  sing N N 318 
TRP CH2 HH2  sing N N 319 
TRP OXT HXT  sing N N 320 
TYR N   CA   sing N N 321 
TYR N   H    sing N N 322 
TYR N   H2   sing N N 323 
TYR CA  C    sing N N 324 
TYR CA  CB   sing N N 325 
TYR CA  HA   sing N N 326 
TYR C   O    doub N N 327 
TYR C   OXT  sing N N 328 
TYR CB  CG   sing N N 329 
TYR CB  HB2  sing N N 330 
TYR CB  HB3  sing N N 331 
TYR CG  CD1  doub Y N 332 
TYR CG  CD2  sing Y N 333 
TYR CD1 CE1  sing Y N 334 
TYR CD1 HD1  sing N N 335 
TYR CD2 CE2  doub Y N 336 
TYR CD2 HD2  sing N N 337 
TYR CE1 CZ   doub Y N 338 
TYR CE1 HE1  sing N N 339 
TYR CE2 CZ   sing Y N 340 
TYR CE2 HE2  sing N N 341 
TYR CZ  OH   sing N N 342 
TYR OH  HH   sing N N 343 
TYR OXT HXT  sing N N 344 
VAL N   CA   sing N N 345 
VAL N   H    sing N N 346 
VAL N   H2   sing N N 347 
VAL CA  C    sing N N 348 
VAL CA  CB   sing N N 349 
VAL CA  HA   sing N N 350 
VAL C   O    doub N N 351 
VAL C   OXT  sing N N 352 
VAL CB  CG1  sing N N 353 
VAL CB  CG2  sing N N 354 
VAL CB  HB   sing N N 355 
VAL CG1 HG11 sing N N 356 
VAL CG1 HG12 sing N N 357 
VAL CG1 HG13 sing N N 358 
VAL CG2 HG21 sing N N 359 
VAL CG2 HG22 sing N N 360 
VAL CG2 HG23 sing N N 361 
VAL OXT HXT  sing N N 362 
# 
_pdbx_audit_support.funding_organization   'National Science Foundation (NSF, United States)' 
_pdbx_audit_support.country                'United States' 
_pdbx_audit_support.grant_number           1514629 
_pdbx_audit_support.ordinal                1 
# 
_atom_sites.entry_id                    6MJ1 
_atom_sites.fract_transf_matrix[1][1]   0.00542806 
_atom_sites.fract_transf_matrix[1][2]   -0.00776273 
_atom_sites.fract_transf_matrix[1][3]   -0.00319942 
_atom_sites.fract_transf_matrix[2][1]   -0.00694463 
_atom_sites.fract_transf_matrix[2][2]   -0.00200967 
_atom_sites.fract_transf_matrix[2][3]   -0.00690604 
_atom_sites.fract_transf_matrix[3][1]   0.00471138 
_atom_sites.fract_transf_matrix[3][2]   0.00596215 
_atom_sites.fract_transf_matrix[3][3]   -0.00647271 
_atom_sites.fract_transf_vector[1]      -0.299737 
_atom_sites.fract_transf_vector[2]      -0.151175 
_atom_sites.fract_transf_vector[3]      0.055213 
# 
loop_
_atom_type.symbol 
C 
N 
O 
S 
# 
loop_
_atom_site.group_PDB 
_atom_site.id 
_atom_site.type_symbol 
_atom_site.label_atom_id 
_atom_site.label_alt_id 
_atom_site.label_comp_id 
_atom_site.label_asym_id 
_atom_site.label_entity_id 
_atom_site.label_seq_id 
_atom_site.pdbx_PDB_ins_code 
_atom_site.Cartn_x 
_atom_site.Cartn_y 
_atom_site.Cartn_z 
_atom_site.occupancy 
_atom_site.B_iso_or_equiv 
_atom_site.pdbx_formal_charge 
_atom_site.auth_seq_id 
_atom_site.auth_comp_id 
_atom_site.auth_asym_id 
_atom_site.auth_atom_id 
_atom_site.pdbx_PDB_model_num 
ATOM   1    N N   . MET A 1 1   ? -21.435 -0.771  -15.527 1.00 120.10 ? 1   MET A N   1 
ATOM   2    C CA  . MET A 1 1   ? -22.378 -1.858  -15.762 1.00 120.35 ? 1   MET A CA  1 
ATOM   3    C C   . MET A 1 1   ? -21.662 -3.201  -15.843 1.00 117.61 ? 1   MET A C   1 
ATOM   4    O O   . MET A 1 1   ? -21.432 -3.856  -14.826 1.00 119.01 ? 1   MET A O   1 
ATOM   5    C CB  . MET A 1 1   ? -23.176 -1.608  -17.043 1.00 115.46 ? 1   MET A CB  1 
ATOM   6    C CG  . MET A 1 1   ? -22.464 -0.724  -18.055 1.00 117.29 ? 1   MET A CG  1 
ATOM   7    S SD  . MET A 1 1   ? -20.669 -0.804  -17.909 1.00 134.65 ? 1   MET A SD  1 
ATOM   8    C CE  . MET A 1 1   ? -20.258 0.937   -17.822 1.00 111.12 ? 1   MET A CE  1 
ATOM   9    N N   . LYS A 1 2   ? -21.314 -3.607  -17.060 1.00 108.82 ? 2   LYS A N   1 
ATOM   10   C CA  . LYS A 1 2   ? -20.624 -4.874  -17.276 1.00 100.95 ? 2   LYS A CA  1 
ATOM   11   C C   . LYS A 1 2   ? -19.114 -4.707  -17.150 1.00 97.89  ? 2   LYS A C   1 
ATOM   12   O O   . LYS A 1 2   ? -18.558 -3.680  -17.537 1.00 96.56  ? 2   LYS A O   1 
ATOM   13   C CB  . LYS A 1 2   ? -20.977 -5.447  -18.650 1.00 94.17  ? 2   LYS A CB  1 
ATOM   14   C CG  . LYS A 1 2   ? -22.437 -5.840  -18.802 1.00 98.29  ? 2   LYS A CG  1 
ATOM   15   C CD  . LYS A 1 2   ? -22.582 -7.324  -19.098 1.00 100.15 ? 2   LYS A CD  1 
ATOM   16   C CE  . LYS A 1 2   ? -24.042 -7.747  -19.095 1.00 106.76 ? 2   LYS A CE  1 
ATOM   17   N NZ  . LYS A 1 2   ? -24.789 -7.160  -17.949 1.00 114.14 ? 2   LYS A NZ  1 
ATOM   18   N N   . VAL A 1 3   ? -18.455 -5.725  -16.604 1.00 90.92  ? 3   VAL A N   1 
ATOM   19   C CA  . VAL A 1 3   ? -17.008 -5.693  -16.425 1.00 84.63  ? 3   VAL A CA  1 
ATOM   20   C C   . VAL A 1 3   ? -16.285 -6.022  -17.727 1.00 79.87  ? 3   VAL A C   1 
ATOM   21   O O   . VAL A 1 3   ? -16.577 -7.027  -18.375 1.00 78.06  ? 3   VAL A O   1 
ATOM   22   C CB  . VAL A 1 3   ? -16.552 -6.679  -15.333 1.00 84.03  ? 3   VAL A CB  1 
ATOM   23   C CG1 . VAL A 1 3   ? -15.122 -6.379  -14.912 1.00 76.72  ? 3   VAL A CG1 1 
ATOM   24   C CG2 . VAL A 1 3   ? -17.492 -6.616  -14.138 1.00 82.72  ? 3   VAL A CG2 1 
ATOM   25   N N   . SER A 1 4   ? -15.338 -5.168  -18.104 1.00 71.86  ? 4   SER A N   1 
ATOM   26   C CA  . SER A 1 4   ? -14.571 -5.366  -19.327 1.00 69.22  ? 4   SER A CA  1 
ATOM   27   C C   . SER A 1 4   ? -13.720 -6.631  -19.234 1.00 75.29  ? 4   SER A C   1 
ATOM   28   O O   . SER A 1 4   ? -13.260 -7.017  -18.155 1.00 76.74  ? 4   SER A O   1 
ATOM   29   C CB  . SER A 1 4   ? -13.708 -4.129  -19.613 1.00 68.29  ? 4   SER A CB  1 
ATOM   30   O OG  . SER A 1 4   ? -12.474 -4.111  -18.910 1.00 63.45  ? 4   SER A OG  1 
ATOM   31   N N   . THR A 1 5   ? -13.528 -7.296  -20.383 1.00 76.34  ? 5   THR A N   1 
ATOM   32   C CA  . THR A 1 5   ? -12.696 -8.498  -20.423 1.00 69.17  ? 5   THR A CA  1 
ATOM   33   C C   . THR A 1 5   ? -11.335 -8.262  -19.780 1.00 66.67  ? 5   THR A C   1 
ATOM   34   O O   . THR A 1 5   ? -10.852 -9.102  -19.017 1.00 67.99  ? 5   THR A O   1 
ATOM   35   C CB  . THR A 1 5   ? -12.523 -8.985  -21.862 1.00 70.02  ? 5   THR A CB  1 
ATOM   36   O OG1 . THR A 1 5   ? -13.813 -9.201  -22.448 1.00 71.15  ? 5   THR A OG1 1 
ATOM   37   C CG2 . THR A 1 5   ? -11.728 -10.306 -21.906 1.00 67.82  ? 5   THR A CG2 1 
ATOM   38   N N   . LYS A 1 6   ? -10.708 -7.114  -20.056 1.00 64.75  ? 6   LYS A N   1 
ATOM   39   C CA  . LYS A 1 6   ? -9.410  -6.828  -19.452 1.00 61.25  ? 6   LYS A CA  1 
ATOM   40   C C   . LYS A 1 6   ? -9.514  -6.777  -17.931 1.00 71.65  ? 6   LYS A C   1 
ATOM   41   O O   . LYS A 1 6   ? -8.661  -7.329  -17.224 1.00 72.50  ? 6   LYS A O   1 
ATOM   42   C CB  . LYS A 1 6   ? -8.849  -5.515  -20.001 1.00 59.20  ? 6   LYS A CB  1 
ATOM   43   C CG  . LYS A 1 6   ? -7.435  -5.191  -19.589 1.00 60.01  ? 6   LYS A CG  1 
ATOM   44   C CD  . LYS A 1 6   ? -6.923  -3.979  -20.341 1.00 61.51  ? 6   LYS A CD  1 
ATOM   45   C CE  . LYS A 1 6   ? -5.520  -3.575  -19.887 1.00 67.38  ? 6   LYS A CE  1 
ATOM   46   N NZ  . LYS A 1 6   ? -5.549  -2.265  -19.161 1.00 72.60  ? 6   LYS A NZ  1 
ATOM   47   N N   . ASP A 1 7   ? -10.570 -6.141  -17.407 1.00 72.12  ? 7   ASP A N   1 
ATOM   48   C CA  . ASP A 1 7   ? -10.783 -6.129  -15.963 1.00 64.11  ? 7   ASP A CA  1 
ATOM   49   C C   . ASP A 1 7   ? -11.021 -7.533  -15.413 1.00 68.59  ? 7   ASP A C   1 
ATOM   50   O O   . ASP A 1 7   ? -10.490 -7.877  -14.351 1.00 76.85  ? 7   ASP A O   1 
ATOM   51   C CB  . ASP A 1 7   ? -11.947 -5.214  -15.595 1.00 61.49  ? 7   ASP A CB  1 
ATOM   52   C CG  . ASP A 1 7   ? -11.558 -3.754  -15.603 1.00 68.32  ? 7   ASP A CG  1 
ATOM   53   O OD1 . ASP A 1 7   ? -10.344 -3.471  -15.705 1.00 69.57  ? 7   ASP A OD1 1 
ATOM   54   O OD2 . ASP A 1 7   ? -12.462 -2.885  -15.514 1.00 75.76  ? 7   ASP A OD2 1 
ATOM   55   N N   . LYS A 1 8   ? -11.813 -8.359  -16.100 1.00 68.28  ? 8   LYS A N   1 
ATOM   56   C CA  . LYS A 1 8   ? -12.010 -9.727  -15.622 1.00 74.41  ? 8   LYS A CA  1 
ATOM   57   C C   . LYS A 1 8   ? -10.675 -10.433 -15.428 1.00 71.85  ? 8   LYS A C   1 
ATOM   58   O O   . LYS A 1 8   ? -10.470 -11.137 -14.433 1.00 73.61  ? 8   LYS A O   1 
ATOM   59   C CB  . LYS A 1 8   ? -12.895 -10.516 -16.591 1.00 72.65  ? 8   LYS A CB  1 
ATOM   60   C CG  . LYS A 1 8   ? -14.355 -10.082 -16.574 1.00 81.80  ? 8   LYS A CG  1 
ATOM   61   C CD  . LYS A 1 8   ? -15.203 -10.895 -17.551 1.00 90.64  ? 8   LYS A CD  1 
ATOM   62   C CE  . LYS A 1 8   ? -16.586 -10.271 -17.722 1.00 83.92  ? 8   LYS A CE  1 
ATOM   63   N NZ  . LYS A 1 8   ? -17.381 -10.887 -18.827 1.00 86.79  ? 8   LYS A NZ  1 
ATOM   64   N N   . ILE A 1 9   ? -9.748  -10.230 -16.358 1.00 66.53  ? 9   ILE A N   1 
ATOM   65   C CA  . ILE A 1 9   ? -8.455  -10.896 -16.291 1.00 68.98  ? 9   ILE A CA  1 
ATOM   66   C C   . ILE A 1 9   ? -7.681  -10.413 -15.078 1.00 78.63  ? 9   ILE A C   1 
ATOM   67   O O   . ILE A 1 9   ? -7.082  -11.209 -14.337 1.00 72.27  ? 9   ILE A O   1 
ATOM   68   C CB  . ILE A 1 9   ? -7.675  -10.638 -17.592 1.00 64.60  ? 9   ILE A CB  1 
ATOM   69   C CG1 . ILE A 1 9   ? -8.300  -11.426 -18.759 1.00 64.29  ? 9   ILE A CG1 1 
ATOM   70   C CG2 . ILE A 1 9   ? -6.216  -10.915 -17.391 1.00 60.72  ? 9   ILE A CG2 1 
ATOM   71   C CD1 . ILE A 1 9   ? -8.082  -10.760 -20.118 1.00 59.60  ? 9   ILE A CD1 1 
ATOM   72   N N   . ILE A 1 10  ? -7.693  -9.095  -14.856 1.00 74.40  ? 10  ILE A N   1 
ATOM   73   C CA  . ILE A 1 10  ? -6.962  -8.502  -13.743 1.00 76.70  ? 10  ILE A CA  1 
ATOM   74   C C   . ILE A 1 10  ? -7.526  -8.986  -12.412 1.00 75.27  ? 10  ILE A C   1 
ATOM   75   O O   . ILE A 1 10  ? -6.792  -9.458  -11.539 1.00 70.81  ? 10  ILE A O   1 
ATOM   76   C CB  . ILE A 1 10  ? -7.012  -6.970  -13.848 1.00 73.21  ? 10  ILE A CB  1 
ATOM   77   C CG1 . ILE A 1 10  ? -6.111  -6.501  -14.991 1.00 68.69  ? 10  ILE A CG1 1 
ATOM   78   C CG2 . ILE A 1 10  ? -6.595  -6.349  -12.528 1.00 64.86  ? 10  ILE A CG2 1 
ATOM   79   C CD1 . ILE A 1 10  ? -6.303  -5.042  -15.330 1.00 65.65  ? 10  ILE A CD1 1 
ATOM   80   N N   . GLU A 1 11  ? -8.841  -8.861  -12.239 1.00 72.11  ? 11  GLU A N   1 
ATOM   81   C CA  . GLU A 1 11  ? -9.487  -9.338  -11.025 1.00 76.56  ? 11  GLU A CA  1 
ATOM   82   C C   . GLU A 1 11  ? -9.081  -10.771 -10.714 1.00 76.76  ? 11  GLU A C   1 
ATOM   83   O O   . GLU A 1 11  ? -8.750  -11.106 -9.571  1.00 79.73  ? 11  GLU A O   1 
ATOM   84   C CB  . GLU A 1 11  ? -11.004 -9.217  -11.185 1.00 76.96  ? 11  GLU A CB  1 
ATOM   85   C CG  . GLU A 1 11  ? -11.800 -9.695  -9.996  1.00 88.87  ? 11  GLU A CG  1 
ATOM   86   C CD  . GLU A 1 11  ? -13.109 -10.331 -10.400 1.00 100.03 ? 11  GLU A CD  1 
ATOM   87   O OE1 . GLU A 1 11  ? -13.955 -9.622  -10.993 1.00 108.04 ? 11  GLU A OE1 1 
ATOM   88   O OE2 . GLU A 1 11  ? -13.281 -11.546 -10.136 1.00 103.97 ? 11  GLU A OE2 1 
ATOM   89   N N   . SER A 1 12  ? -9.059  -11.618 -11.734 1.00 76.42  ? 12  SER A N   1 
ATOM   90   C CA  . SER A 1 12  ? -8.725  -13.018 -11.535 1.00 78.49  ? 12  SER A CA  1 
ATOM   91   C C   . SER A 1 12  ? -7.247  -13.196 -11.188 1.00 77.14  ? 12  SER A C   1 
ATOM   92   O O   . SER A 1 12  ? -6.894  -14.022 -10.339 1.00 74.03  ? 12  SER A O   1 
ATOM   93   C CB  . SER A 1 12  ? -9.089  -13.788 -12.802 1.00 78.76  ? 12  SER A CB  1 
ATOM   94   O OG  . SER A 1 12  ? -9.444  -15.113 -12.499 1.00 86.85  ? 12  SER A OG  1 
ATOM   95   N N   . ALA A 1 13  ? -6.367  -12.438 -11.844 1.00 75.08  ? 13  ALA A N   1 
ATOM   96   C CA  . ALA A 1 13  ? -4.941  -12.557 -11.564 1.00 73.61  ? 13  ALA A CA  1 
ATOM   97   C C   . ALA A 1 13  ? -4.619  -12.113 -10.139 1.00 77.31  ? 13  ALA A C   1 
ATOM   98   O O   . ALA A 1 13  ? -3.779  -12.722 -9.469  1.00 72.95  ? 13  ALA A O   1 
ATOM   99   C CB  . ALA A 1 13  ? -4.130  -11.748 -12.584 1.00 67.81  ? 13  ALA A CB  1 
ATOM   100  N N   . VAL A 1 14  ? -5.271  -11.052 -9.656  1.00 77.24  ? 14  VAL A N   1 
ATOM   101  C CA  . VAL A 1 14  ? -5.053  -10.625 -8.277  1.00 74.60  ? 14  VAL A CA  1 
ATOM   102  C C   . VAL A 1 14  ? -5.425  -11.753 -7.324  1.00 79.75  ? 14  VAL A C   1 
ATOM   103  O O   . VAL A 1 14  ? -4.656  -12.109 -6.420  1.00 83.46  ? 14  VAL A O   1 
ATOM   104  C CB  . VAL A 1 14  ? -5.843  -9.337  -7.967  1.00 73.86  ? 14  VAL A CB  1 
ATOM   105  C CG1 . VAL A 1 14  ? -5.768  -9.015  -6.493  1.00 70.34  ? 14  VAL A CG1 1 
ATOM   106  C CG2 . VAL A 1 14  ? -5.296  -8.164  -8.767  1.00 72.70  ? 14  VAL A CG2 1 
ATOM   107  N N   . MET A 1 15  ? -6.588  -12.369 -7.549  1.00 76.22  ? 15  MET A N   1 
ATOM   108  C CA  . MET A 1 15  ? -7.092  -13.363 -6.614  1.00 78.60  ? 15  MET A CA  1 
ATOM   109  C C   . MET A 1 15  ? -6.192  -14.601 -6.547  1.00 84.84  ? 15  MET A C   1 
ATOM   110  O O   . MET A 1 15  ? -6.007  -15.165 -5.464  1.00 87.15  ? 15  MET A O   1 
ATOM   111  C CB  . MET A 1 15  ? -8.523  -13.725 -6.995  1.00 78.83  ? 15  MET A CB  1 
ATOM   112  C CG  . MET A 1 15  ? -9.237  -14.595 -5.989  1.00 90.03  ? 15  MET A CG  1 
ATOM   113  S SD  . MET A 1 15  ? -9.473  -16.270 -6.608  1.00 105.58 ? 15  MET A SD  1 
ATOM   114  C CE  . MET A 1 15  ? -11.169 -16.146 -7.219  1.00 98.20  ? 15  MET A CE  1 
ATOM   115  N N   . LEU A 1 16  ? -5.592  -15.015 -7.664  1.00 80.28  ? 16  LEU A N   1 
ATOM   116  C CA  . LEU A 1 16  ? -4.765  -16.220 -7.644  1.00 81.18  ? 16  LEU A CA  1 
ATOM   117  C C   . LEU A 1 16  ? -3.305  -15.941 -7.322  1.00 83.00  ? 16  LEU A C   1 
ATOM   118  O O   . LEU A 1 16  ? -2.679  -16.708 -6.585  1.00 87.69  ? 16  LEU A O   1 
ATOM   119  C CB  . LEU A 1 16  ? -4.836  -16.962 -8.972  1.00 80.11  ? 16  LEU A CB  1 
ATOM   120  C CG  . LEU A 1 16  ? -6.176  -17.186 -9.656  1.00 81.64  ? 16  LEU A CG  1 
ATOM   121  C CD1 . LEU A 1 16  ? -5.931  -17.987 -10.919 1.00 80.29  ? 16  LEU A CD1 1 
ATOM   122  C CD2 . LEU A 1 16  ? -7.073  -17.958 -8.699  1.00 85.26  ? 16  LEU A CD2 1 
ATOM   123  N N   . PHE A 1 17  ? -2.736  -14.868 -7.876  1.00 78.79  ? 17  PHE A N   1 
ATOM   124  C CA  . PHE A 1 17  ? -1.429  -14.404 -7.412  1.00 75.79  ? 17  PHE A CA  1 
ATOM   125  C C   . PHE A 1 17  ? -1.396  -14.289 -5.890  1.00 83.48  ? 17  PHE A C   1 
ATOM   126  O O   . PHE A 1 17  ? -0.365  -14.545 -5.261  1.00 83.57  ? 17  PHE A O   1 
ATOM   127  C CB  . PHE A 1 17  ? -1.074  -13.044 -8.031  1.00 72.62  ? 17  PHE A CB  1 
ATOM   128  C CG  . PHE A 1 17  ? -0.568  -13.114 -9.441  1.00 75.89  ? 17  PHE A CG  1 
ATOM   129  C CD1 . PHE A 1 17  ? -0.221  -14.321 -10.023 1.00 81.12  ? 17  PHE A CD1 1 
ATOM   130  C CD2 . PHE A 1 17  ? -0.426  -11.951 -10.183 1.00 72.06  ? 17  PHE A CD2 1 
ATOM   131  C CE1 . PHE A 1 17  ? 0.250   -14.358 -11.333 1.00 81.81  ? 17  PHE A CE1 1 
ATOM   132  C CE2 . PHE A 1 17  ? 0.049   -11.985 -11.484 1.00 73.72  ? 17  PHE A CE2 1 
ATOM   133  C CZ  . PHE A 1 17  ? 0.389   -13.188 -12.055 1.00 76.82  ? 17  PHE A CZ  1 
ATOM   134  N N   . ASN A 1 18  ? -2.515  -13.886 -5.280  1.00 83.57  ? 18  ASN A N   1 
ATOM   135  C CA  . ASN A 1 18  ? -2.559  -13.760 -3.828  1.00 78.11  ? 18  ASN A CA  1 
ATOM   136  C C   . ASN A 1 18  ? -2.730  -15.114 -3.142  1.00 83.74  ? 18  ASN A C   1 
ATOM   137  O O   . ASN A 1 18  ? -2.241  -15.296 -2.024  1.00 87.90  ? 18  ASN A O   1 
ATOM   138  C CB  . ASN A 1 18  ? -3.690  -12.810 -3.426  1.00 77.47  ? 18  ASN A CB  1 
ATOM   139  C CG  . ASN A 1 18  ? -3.613  -12.372 -1.969  1.00 75.76  ? 18  ASN A CG  1 
ATOM   140  O OD1 . ASN A 1 18  ? -2.559  -11.957 -1.476  1.00 74.80  ? 18  ASN A OD1 1 
ATOM   141  N ND2 . ASN A 1 18  ? -4.740  -12.470 -1.269  1.00 78.99  ? 18  ASN A ND2 1 
ATOM   142  N N   . GLN A 1 19  ? -3.419  -16.065 -3.774  1.00 82.72  ? 19  GLN A N   1 
ATOM   143  C CA  . GLN A 1 19  ? -3.642  -17.371 -3.162  1.00 87.24  ? 19  GLN A CA  1 
ATOM   144  C C   . GLN A 1 19  ? -2.401  -18.254 -3.246  1.00 90.12  ? 19  GLN A C   1 
ATOM   145  O O   . GLN A 1 19  ? -1.773  -18.575 -2.232  1.00 94.00  ? 19  GLN A O   1 
ATOM   146  C CB  . GLN A 1 19  ? -4.806  -18.083 -3.836  1.00 89.89  ? 19  GLN A CB  1 
ATOM   147  C CG  . GLN A 1 19  ? -6.160  -17.576 -3.422  1.00 96.20  ? 19  GLN A CG  1 
ATOM   148  C CD  . GLN A 1 19  ? -7.253  -18.442 -4.001  1.00 97.10  ? 19  GLN A CD  1 
ATOM   149  O OE1 . GLN A 1 19  ? -6.960  -19.461 -4.627  1.00 95.93  ? 19  GLN A OE1 1 
ATOM   150  N NE2 . GLN A 1 19  ? -8.514  -18.046 -3.808  1.00 96.09  ? 19  GLN A NE2 1 
ATOM   151  N N   . LYS A 1 20  ? -2.069  -18.687 -4.450  1.00 86.03  ? 20  LYS A N   1 
ATOM   152  C CA  . LYS A 1 20  ? -0.780  -19.310 -4.692  1.00 83.85  ? 20  LYS A CA  1 
ATOM   153  C C   . LYS A 1 20  ? 0.187   -18.157 -4.922  1.00 87.53  ? 20  LYS A C   1 
ATOM   154  O O   . LYS A 1 20  ? -0.173  -16.995 -4.732  1.00 89.21  ? 20  LYS A O   1 
ATOM   155  C CB  . LYS A 1 20  ? -0.914  -20.284 -5.849  1.00 88.24  ? 20  LYS A CB  1 
ATOM   156  C CG  . LYS A 1 20  ? -2.314  -20.929 -5.842  1.00 87.82  ? 20  LYS A CG  1 
ATOM   157  C CD  . LYS A 1 20  ? -2.714  -21.420 -7.201  1.00 86.52  ? 20  LYS A CD  1 
ATOM   158  C CE  . LYS A 1 20  ? -1.456  -21.897 -7.928  1.00 95.51  ? 20  LYS A CE  1 
ATOM   159  N NZ  . LYS A 1 20  ? -1.730  -22.234 -9.326  1.00 101.41 ? 20  LYS A NZ  1 
ATOM   160  N N   . GLY A 1 21  ? 1.419   -18.412 -5.328  1.00 84.14  ? 21  GLY A N   1 
ATOM   161  C CA  . GLY A 1 21  ? 2.302   -17.301 -5.621  1.00 87.28  ? 21  GLY A CA  1 
ATOM   162  C C   . GLY A 1 21  ? 2.147   -16.798 -7.051  1.00 80.84  ? 21  GLY A C   1 
ATOM   163  O O   . GLY A 1 21  ? 1.237   -17.175 -7.790  1.00 80.66  ? 21  GLY A O   1 
ATOM   164  N N   . PHE A 1 22  ? 3.081   -15.927 -7.443  1.00 78.21  ? 22  PHE A N   1 
ATOM   165  C CA  . PHE A 1 22  ? 3.211   -15.583 -8.855  1.00 77.72  ? 22  PHE A CA  1 
ATOM   166  C C   . PHE A 1 22  ? 3.652   -16.800 -9.658  1.00 78.16  ? 22  PHE A C   1 
ATOM   167  O O   . PHE A 1 22  ? 2.957   -17.235 -10.579 1.00 85.50  ? 22  PHE A O   1 
ATOM   168  C CB  . PHE A 1 22  ? 4.196   -14.428 -9.041  1.00 74.10  ? 22  PHE A CB  1 
ATOM   169  C CG  . PHE A 1 22  ? 4.575   -14.172 -10.481 1.00 79.93  ? 22  PHE A CG  1 
ATOM   170  C CD1 . PHE A 1 22  ? 5.782   -14.643 -10.992 1.00 79.82  ? 22  PHE A CD1 1 
ATOM   171  C CD2 . PHE A 1 22  ? 3.730   -13.461 -11.326 1.00 81.26  ? 22  PHE A CD2 1 
ATOM   172  C CE1 . PHE A 1 22  ? 6.147   -14.416 -12.324 1.00 78.94  ? 22  PHE A CE1 1 
ATOM   173  C CE2 . PHE A 1 22  ? 4.094   -13.215 -12.656 1.00 81.83  ? 22  PHE A CE2 1 
ATOM   174  C CZ  . PHE A 1 22  ? 5.305   -13.698 -13.153 1.00 79.13  ? 22  PHE A CZ  1 
ATOM   175  N N   . SER A 1 23  ? 4.813   -17.363 -9.318  1.00 78.08  ? 23  SER A N   1 
ATOM   176  C CA  . SER A 1 23  ? 5.277   -18.583 -9.967  1.00 77.12  ? 23  SER A CA  1 
ATOM   177  C C   . SER A 1 23  ? 4.309   -19.741 -9.779  1.00 80.67  ? 23  SER A C   1 
ATOM   178  O O   . SER A 1 23  ? 4.400   -20.737 -10.504 1.00 85.32  ? 23  SER A O   1 
ATOM   179  C CB  . SER A 1 23  ? 6.656   -18.974 -9.434  1.00 76.47  ? 23  SER A CB  1 
ATOM   180  O OG  . SER A 1 23  ? 7.611   -17.947 -9.653  1.00 82.82  ? 23  SER A OG  1 
ATOM   181  N N   . GLY A 1 24  ? 3.379   -19.635 -8.831  1.00 81.13  ? 24  GLY A N   1 
ATOM   182  C CA  . GLY A 1 24  ? 2.434   -20.713 -8.614  1.00 84.92  ? 24  GLY A CA  1 
ATOM   183  C C   . GLY A 1 24  ? 1.358   -20.817 -9.669  1.00 87.40  ? 24  GLY A C   1 
ATOM   184  O O   . GLY A 1 24  ? 1.011   -21.924 -10.086 1.00 92.14  ? 24  GLY A O   1 
ATOM   185  N N   . THR A 1 25  ? 0.820   -19.691 -10.121 1.00 87.08  ? 25  THR A N   1 
ATOM   186  C CA  . THR A 1 25  ? -0.294  -19.694 -11.055 1.00 89.99  ? 25  THR A CA  1 
ATOM   187  C C   . THR A 1 25  ? 0.192   -19.561 -12.499 1.00 88.16  ? 25  THR A C   1 
ATOM   188  O O   . THR A 1 25  ? 1.290   -19.066 -12.779 1.00 83.35  ? 25  THR A O   1 
ATOM   189  C CB  . THR A 1 25  ? -1.276  -18.565 -10.712 1.00 90.22  ? 25  THR A CB  1 
ATOM   190  O OG1 . THR A 1 25  ? -0.765  -17.327 -11.218 1.00 88.83  ? 25  THR A OG1 1 
ATOM   191  C CG2 . THR A 1 25  ? -1.422  -18.435 -9.210  1.00 89.11  ? 25  THR A CG2 1 
ATOM   192  N N   . SER A 1 26  ? -0.657  -20.013 -13.418 1.00 84.10  ? 26  SER A N   1 
ATOM   193  C CA  . SER A 1 26  ? -0.392  -19.967 -14.846 1.00 84.02  ? 26  SER A CA  1 
ATOM   194  C C   . SER A 1 26  ? -1.439  -19.120 -15.574 1.00 80.98  ? 26  SER A C   1 
ATOM   195  O O   . SER A 1 26  ? -2.577  -18.948 -15.114 1.00 74.35  ? 26  SER A O   1 
ATOM   196  C CB  . SER A 1 26  ? -0.389  -21.371 -15.440 1.00 76.84  ? 26  SER A CB  1 
ATOM   197  O OG  . SER A 1 26  ? -1.726  -21.800 -15.602 1.00 78.12  ? 26  SER A OG  1 
ATOM   198  N N   . VAL A 1 27  ? -1.030  -18.600 -16.735 1.00 75.05  ? 27  VAL A N   1 
ATOM   199  C CA  . VAL A 1 27  ? -1.961  -17.904 -17.617 1.00 76.94  ? 27  VAL A CA  1 
ATOM   200  C C   . VAL A 1 27  ? -3.197  -18.757 -17.875 1.00 79.56  ? 27  VAL A C   1 
ATOM   201  O O   . VAL A 1 27  ? -4.322  -18.248 -17.893 1.00 80.88  ? 27  VAL A O   1 
ATOM   202  C CB  . VAL A 1 27  ? -1.258  -17.511 -18.925 1.00 71.27  ? 27  VAL A CB  1 
ATOM   203  C CG1 . VAL A 1 27  ? -0.226  -16.420 -18.655 1.00 68.28  ? 27  VAL A CG1 1 
ATOM   204  C CG2 . VAL A 1 27  ? -0.594  -18.725 -19.526 1.00 78.49  ? 27  VAL A CG2 1 
ATOM   205  N N   . ARG A 1 28  ? -3.021  -20.069 -18.034 1.00 78.78  ? 28  ARG A N   1 
ATOM   206  C CA  . ARG A 1 28  ? -4.179  -20.925 -18.280 1.00 78.75  ? 28  ARG A CA  1 
ATOM   207  C C   . ARG A 1 28  ? -5.167  -20.864 -17.119 1.00 82.24  ? 28  ARG A C   1 
ATOM   208  O O   . ARG A 1 28  ? -6.376  -20.675 -17.328 1.00 81.51  ? 28  ARG A O   1 
ATOM   209  C CB  . ARG A 1 28  ? -3.731  -22.364 -18.556 1.00 87.34  ? 28  ARG A CB  1 
ATOM   210  C CG  . ARG A 1 28  ? -3.550  -22.651 -20.062 1.00 96.54  ? 28  ARG A CG  1 
ATOM   211  C CD  . ARG A 1 28  ? -2.935  -24.021 -20.350 1.00 106.34 ? 28  ARG A CD  1 
ATOM   212  N NE  . ARG A 1 28  ? -3.947  -25.042 -20.629 1.00 118.55 ? 28  ARG A NE  1 
ATOM   213  C CZ  . ARG A 1 28  ? -3.707  -26.201 -21.244 1.00 122.41 ? 28  ARG A CZ  1 
ATOM   214  N NH1 . ARG A 1 28  ? -2.480  -26.499 -21.657 1.00 123.22 ? 28  ARG A NH1 1 
ATOM   215  N NH2 . ARG A 1 28  ? -4.697  -27.062 -21.453 1.00 121.30 ? 28  ARG A NH2 1 
ATOM   216  N N   . GLU A 1 29  ? -4.673  -20.997 -15.878 1.00 87.76  ? 29  GLU A N   1 
ATOM   217  C CA  . GLU A 1 29  ? -5.583  -20.937 -14.733 1.00 82.86  ? 29  GLU A CA  1 
ATOM   218  C C   . GLU A 1 29  ? -6.205  -19.561 -14.607 1.00 81.33  ? 29  GLU A C   1 
ATOM   219  O O   . GLU A 1 29  ? -7.356  -19.433 -14.172 1.00 82.53  ? 29  GLU A O   1 
ATOM   220  C CB  . GLU A 1 29  ? -4.877  -21.287 -13.423 1.00 80.68  ? 29  GLU A CB  1 
ATOM   221  C CG  . GLU A 1 29  ? -3.725  -22.240 -13.530 1.00 89.87  ? 29  GLU A CG  1 
ATOM   222  C CD  . GLU A 1 29  ? -3.018  -22.438 -12.196 1.00 98.45  ? 29  GLU A CD  1 
ATOM   223  O OE1 . GLU A 1 29  ? -3.563  -21.971 -11.166 1.00 97.01  ? 29  GLU A OE1 1 
ATOM   224  O OE2 . GLU A 1 29  ? -1.924  -23.054 -12.176 1.00 96.93  ? 29  GLU A OE2 1 
ATOM   225  N N   . ILE A 1 30  ? -5.447  -18.514 -14.950 1.00 76.10  ? 30  ILE A N   1 
ATOM   226  C CA  . ILE A 1 30  ? -5.995  -17.161 -14.878 1.00 82.38  ? 30  ILE A CA  1 
ATOM   227  C C   . ILE A 1 30  ? -7.128  -17.009 -15.883 1.00 83.87  ? 30  ILE A C   1 
ATOM   228  O O   . ILE A 1 30  ? -8.209  -16.505 -15.550 1.00 83.63  ? 30  ILE A O   1 
ATOM   229  C CB  . ILE A 1 30  ? -4.900  -16.097 -15.103 1.00 78.61  ? 30  ILE A CB  1 
ATOM   230  C CG1 . ILE A 1 30  ? -3.806  -16.190 -14.040 1.00 74.83  ? 30  ILE A CG1 1 
ATOM   231  C CG2 . ILE A 1 30  ? -5.505  -14.686 -15.087 1.00 77.30  ? 30  ILE A CG2 1 
ATOM   232  C CD1 . ILE A 1 30  ? -2.628  -15.285 -14.321 1.00 67.20  ? 30  ILE A CD1 1 
ATOM   233  N N   . ALA A 1 31  ? -6.895  -17.457 -17.123 1.00 80.82  ? 31  ALA A N   1 
ATOM   234  C CA  . ALA A 1 31  ? -7.934  -17.417 -18.150 1.00 84.59  ? 31  ALA A CA  1 
ATOM   235  C C   . ALA A 1 31  ? -9.168  -18.201 -17.720 1.00 87.08  ? 31  ALA A C   1 
ATOM   236  O O   . ALA A 1 31  ? -10.290 -17.676 -17.745 1.00 89.19  ? 31  ALA A O   1 
ATOM   237  C CB  . ALA A 1 31  ? -7.390  -17.948 -19.474 1.00 80.23  ? 31  ALA A CB  1 
ATOM   238  N N   . LYS A 1 32  ? -8.983  -19.452 -17.294 1.00 84.15  ? 32  LYS A N   1 
ATOM   239  C CA  . LYS A 1 32  ? -10.145 -20.260 -16.937 1.00 90.70  ? 32  LYS A CA  1 
ATOM   240  C C   . LYS A 1 32  ? -10.950 -19.612 -15.810 1.00 89.30  ? 32  LYS A C   1 
ATOM   241  O O   . LYS A 1 32  ? -12.184 -19.584 -15.857 1.00 93.83  ? 32  LYS A O   1 
ATOM   242  C CB  . LYS A 1 32  ? -9.712  -21.686 -16.584 1.00 90.78  ? 32  LYS A CB  1 
ATOM   243  C CG  . LYS A 1 32  ? -9.145  -22.451 -17.795 1.00 97.26  ? 32  LYS A CG  1 
ATOM   244  C CD  . LYS A 1 32  ? -10.025 -22.238 -19.057 1.00 94.14  ? 32  LYS A CD  1 
ATOM   245  C CE  . LYS A 1 32  ? -10.454 -23.541 -19.760 1.00 96.56  ? 32  LYS A CE  1 
ATOM   246  N NZ  . LYS A 1 32  ? -9.364  -24.528 -20.038 1.00 98.07  ? 32  LYS A NZ  1 
ATOM   247  N N   . SER A 1 33  ? -10.275 -19.039 -14.815 1.00 90.73  ? 33  SER A N   1 
ATOM   248  C CA  . SER A 1 33  ? -11.001 -18.367 -13.743 1.00 88.81  ? 33  SER A CA  1 
ATOM   249  C C   . SER A 1 33  ? -11.644 -17.067 -14.204 1.00 91.79  ? 33  SER A C   1 
ATOM   250  O O   . SER A 1 33  ? -12.567 -16.574 -13.544 1.00 91.29  ? 33  SER A O   1 
ATOM   251  C CB  . SER A 1 33  ? -10.074 -18.083 -12.564 1.00 87.87  ? 33  SER A CB  1 
ATOM   252  O OG  . SER A 1 33  ? -10.743 -17.286 -11.599 1.00 97.22  ? 33  SER A OG  1 
ATOM   253  N N   . ALA A 1 34  ? -11.172 -16.492 -15.306 1.00 89.66  ? 34  ALA A N   1 
ATOM   254  C CA  . ALA A 1 34  ? -11.785 -15.300 -15.868 1.00 91.05  ? 34  ALA A CA  1 
ATOM   255  C C   . ALA A 1 34  ? -12.756 -15.629 -16.992 1.00 95.41  ? 34  ALA A C   1 
ATOM   256  O O   . ALA A 1 34  ? -13.388 -14.712 -17.530 1.00 97.55  ? 34  ALA A O   1 
ATOM   257  C CB  . ALA A 1 34  ? -10.707 -14.324 -16.367 1.00 83.89  ? 34  ALA A CB  1 
ATOM   258  N N   . ASP A 1 35  ? -12.891 -16.915 -17.348 1.00 95.92  ? 35  ASP A N   1 
ATOM   259  C CA  . ASP A 1 35  ? -13.799 -17.365 -18.408 1.00 99.37  ? 35  ASP A CA  1 
ATOM   260  C C   . ASP A 1 35  ? -13.513 -16.656 -19.731 1.00 94.68  ? 35  ASP A C   1 
ATOM   261  O O   . ASP A 1 35  ? -14.426 -16.298 -20.477 1.00 98.00  ? 35  ASP A O   1 
ATOM   262  C CB  . ASP A 1 35  ? -15.265 -17.180 -18.001 1.00 101.21 ? 35  ASP A CB  1 
ATOM   263  C CG  . ASP A 1 35  ? -16.156 -18.310 -18.493 1.00 111.37 ? 35  ASP A CG  1 
ATOM   264  O OD1 . ASP A 1 35  ? -15.678 -19.468 -18.578 1.00 112.06 ? 35  ASP A OD1 1 
ATOM   265  O OD2 . ASP A 1 35  ? -17.334 -18.031 -18.816 1.00 120.08 ? 35  ASP A OD2 1 
ATOM   266  N N   . VAL A 1 36  ? -12.234 -16.428 -20.017 1.00 88.44  ? 36  VAL A N   1 
ATOM   267  C CA  . VAL A 1 36  ? -11.819 -15.810 -21.264 1.00 86.08  ? 36  VAL A CA  1 
ATOM   268  C C   . VAL A 1 36  ? -10.751 -16.697 -21.877 1.00 85.14  ? 36  VAL A C   1 
ATOM   269  O O   . VAL A 1 36  ? -10.080 -17.476 -21.195 1.00 87.28  ? 36  VAL A O   1 
ATOM   270  C CB  . VAL A 1 36  ? -11.280 -14.366 -21.087 1.00 86.72  ? 36  VAL A CB  1 
ATOM   271  C CG1 . VAL A 1 36  ? -12.160 -13.556 -20.145 1.00 83.08  ? 36  VAL A CG1 1 
ATOM   272  C CG2 . VAL A 1 36  ? -9.835  -14.369 -20.637 1.00 87.01  ? 36  VAL A CG2 1 
ATOM   273  N N   . ASN A 1 37  ? -10.607 -16.585 -23.184 1.00 89.39  ? 37  ASN A N   1 
ATOM   274  C CA  . ASN A 1 37  ? -9.578  -17.361 -23.840 1.00 85.37  ? 37  ASN A CA  1 
ATOM   275  C C   . ASN A 1 37  ? -8.207  -16.878 -23.380 1.00 84.01  ? 37  ASN A C   1 
ATOM   276  O O   . ASN A 1 37  ? -8.038  -15.730 -22.955 1.00 87.76  ? 37  ASN A O   1 
ATOM   277  C CB  . ASN A 1 37  ? -9.728  -17.245 -25.352 1.00 84.83  ? 37  ASN A CB  1 
ATOM   278  C CG  . ASN A 1 37  ? -8.966  -18.315 -26.098 1.00 89.61  ? 37  ASN A CG  1 
ATOM   279  O OD1 . ASN A 1 37  ? -7.729  -18.257 -26.223 1.00 81.98  ? 37  ASN A OD1 1 
ATOM   280  N ND2 . ASN A 1 37  ? -9.704  -19.304 -26.616 1.00 87.79  ? 37  ASN A ND2 1 
ATOM   281  N N   . VAL A 1 38  ? -7.227  -17.778 -23.451 1.00 76.42  ? 38  VAL A N   1 
ATOM   282  C CA  . VAL A 1 38  ? -5.853  -17.444 -23.090 1.00 77.95  ? 38  VAL A CA  1 
ATOM   283  C C   . VAL A 1 38  ? -5.322  -16.313 -23.951 1.00 77.15  ? 38  VAL A C   1 
ATOM   284  O O   . VAL A 1 38  ? -4.444  -15.551 -23.522 1.00 80.93  ? 38  VAL A O   1 
ATOM   285  C CB  . VAL A 1 38  ? -4.959  -18.700 -23.215 1.00 84.07  ? 38  VAL A CB  1 
ATOM   286  C CG1 . VAL A 1 38  ? -3.587  -18.470 -22.597 1.00 70.27  ? 38  VAL A CG1 1 
ATOM   287  C CG2 . VAL A 1 38  ? -5.641  -19.897 -22.580 1.00 91.49  ? 38  VAL A CG2 1 
ATOM   288  N N   . ALA A 1 39  ? -5.822  -16.190 -25.182 1.00 83.16  ? 39  ALA A N   1 
ATOM   289  C CA  . ALA A 1 39  ? -5.278  -15.202 -26.108 1.00 80.41  ? 39  ALA A CA  1 
ATOM   290  C C   . ALA A 1 39  ? -5.452  -13.786 -25.570 1.00 76.20  ? 39  ALA A C   1 
ATOM   291  O O   . ALA A 1 39  ? -4.573  -12.932 -25.756 1.00 73.50  ? 39  ALA A O   1 
ATOM   292  C CB  . ALA A 1 39  ? -5.948  -15.356 -27.472 1.00 79.09  ? 39  ALA A CB  1 
ATOM   293  N N   . HIS A 1 40  ? -6.575  -13.525 -24.887 1.00 67.48  ? 40  HIS A N   1 
ATOM   294  C CA  . HIS A 1 40  ? -6.809  -12.203 -24.314 1.00 72.37  ? 40  HIS A CA  1 
ATOM   295  C C   . HIS A 1 40  ? -5.677  -11.787 -23.375 1.00 76.03  ? 40  HIS A C   1 
ATOM   296  O O   . HIS A 1 40  ? -5.258  -10.621 -23.368 1.00 70.31  ? 40  HIS A O   1 
ATOM   297  C CB  . HIS A 1 40  ? -8.132  -12.192 -23.560 1.00 74.82  ? 40  HIS A CB  1 
ATOM   298  C CG  . HIS A 1 40  ? -9.339  -12.117 -24.439 1.00 81.09  ? 40  HIS A CG  1 
ATOM   299  N ND1 . HIS A 1 40  ? -9.860  -10.921 -24.883 1.00 73.80  ? 40  HIS A ND1 1 
ATOM   300  C CD2 . HIS A 1 40  ? -10.145 -13.091 -24.931 1.00 79.22  ? 40  HIS A CD2 1 
ATOM   301  C CE1 . HIS A 1 40  ? -10.935 -11.163 -25.615 1.00 77.24  ? 40  HIS A CE1 1 
ATOM   302  N NE2 . HIS A 1 40  ? -11.129 -12.471 -25.657 1.00 80.42  ? 40  HIS A NE2 1 
ATOM   303  N N   . ILE A 1 41  ? -5.177  -12.721 -22.559 1.00 75.38  ? 41  ILE A N   1 
ATOM   304  C CA  . ILE A 1 41  ? -4.120  -12.371 -21.617 1.00 69.13  ? 41  ILE A CA  1 
ATOM   305  C C   . ILE A 1 41  ? -2.877  -11.929 -22.364 1.00 68.27  ? 41  ILE A C   1 
ATOM   306  O O   . ILE A 1 41  ? -2.297  -10.874 -22.077 1.00 69.74  ? 41  ILE A O   1 
ATOM   307  C CB  . ILE A 1 41  ? -3.815  -13.545 -20.679 1.00 64.01  ? 41  ILE A CB  1 
ATOM   308  C CG1 . ILE A 1 41  ? -5.004  -13.779 -19.745 1.00 69.20  ? 41  ILE A CG1 1 
ATOM   309  C CG2 . ILE A 1 41  ? -2.544  -13.234 -19.911 1.00 57.61  ? 41  ILE A CG2 1 
ATOM   310  C CD1 . ILE A 1 41  ? -5.018  -15.151 -19.084 1.00 69.99  ? 41  ILE A CD1 1 
ATOM   311  N N   . SER A 1 42  ? -2.444  -12.726 -23.336 1.00 66.44  ? 42  SER A N   1 
ATOM   312  C CA  . SER A 1 42  ? -1.238  -12.337 -24.050 1.00 71.90  ? 42  SER A CA  1 
ATOM   313  C C   . SER A 1 42  ? -1.446  -11.031 -24.792 1.00 70.48  ? 42  SER A C   1 
ATOM   314  O O   . SER A 1 42  ? -0.541  -10.192 -24.833 1.00 72.70  ? 42  SER A O   1 
ATOM   315  C CB  . SER A 1 42  ? -0.812  -13.464 -24.975 1.00 71.43  ? 42  SER A CB  1 
ATOM   316  O OG  . SER A 1 42  ? -1.983  -14.096 -25.466 1.00 87.83  ? 42  SER A OG  1 
ATOM   317  N N   . TYR A 1 43  ? -2.656  -10.807 -25.305 1.00 69.98  ? 43  TYR A N   1 
ATOM   318  C CA  . TYR A 1 43  ? -2.922  -9.604  -26.084 1.00 71.43  ? 43  TYR A CA  1 
ATOM   319  C C   . TYR A 1 43  ? -2.817  -8.352  -25.219 1.00 67.22  ? 43  TYR A C   1 
ATOM   320  O O   . TYR A 1 43  ? -2.182  -7.373  -25.619 1.00 68.91  ? 43  TYR A O   1 
ATOM   321  C CB  . TYR A 1 43  ? -4.296  -9.718  -26.761 1.00 67.73  ? 43  TYR A CB  1 
ATOM   322  C CG  . TYR A 1 43  ? -4.761  -8.487  -27.526 1.00 70.23  ? 43  TYR A CG  1 
ATOM   323  C CD1 . TYR A 1 43  ? -4.319  -8.223  -28.828 1.00 70.54  ? 43  TYR A CD1 1 
ATOM   324  C CD2 . TYR A 1 43  ? -5.656  -7.598  -26.955 1.00 68.91  ? 43  TYR A CD2 1 
ATOM   325  C CE1 . TYR A 1 43  ? -4.756  -7.086  -29.534 1.00 58.82  ? 43  TYR A CE1 1 
ATOM   326  C CE2 . TYR A 1 43  ? -6.091  -6.474  -27.641 1.00 70.24  ? 43  TYR A CE2 1 
ATOM   327  C CZ  . TYR A 1 43  ? -5.646  -6.223  -28.931 1.00 72.71  ? 43  TYR A CZ  1 
ATOM   328  O OH  . TYR A 1 43  ? -6.112  -5.087  -29.601 1.00 84.43  ? 43  TYR A OH  1 
ATOM   329  N N   . TYR A 1 44  ? -3.410  -8.365  -24.020 1.00 66.84  ? 44  TYR A N   1 
ATOM   330  C CA  . TYR A 1 44  ? -3.382  -7.167  -23.186 1.00 68.11  ? 44  TYR A CA  1 
ATOM   331  C C   . TYR A 1 44  ? -2.112  -7.061  -22.332 1.00 68.41  ? 44  TYR A C   1 
ATOM   332  O O   . TYR A 1 44  ? -1.707  -5.952  -21.972 1.00 68.23  ? 44  TYR A O   1 
ATOM   333  C CB  . TYR A 1 44  ? -4.613  -7.116  -22.274 1.00 62.98  ? 44  TYR A CB  1 
ATOM   334  C CG  . TYR A 1 44  ? -5.953  -6.881  -22.954 1.00 67.14  ? 44  TYR A CG  1 
ATOM   335  C CD1 . TYR A 1 44  ? -6.302  -5.625  -23.474 1.00 67.05  ? 44  TYR A CD1 1 
ATOM   336  C CD2 . TYR A 1 44  ? -6.898  -7.899  -23.028 1.00 66.42  ? 44  TYR A CD2 1 
ATOM   337  C CE1 . TYR A 1 44  ? -7.551  -5.409  -24.082 1.00 62.99  ? 44  TYR A CE1 1 
ATOM   338  C CE2 . TYR A 1 44  ? -8.141  -7.688  -23.631 1.00 72.53  ? 44  TYR A CE2 1 
ATOM   339  C CZ  . TYR A 1 44  ? -8.471  -6.441  -24.157 1.00 71.81  ? 44  TYR A CZ  1 
ATOM   340  O OH  . TYR A 1 44  ? -9.722  -6.256  -24.758 1.00 68.57  ? 44  TYR A OH  1 
ATOM   341  N N   . PHE A 1 45  ? -1.455  -8.168  -21.996 1.00 68.07  ? 45  PHE A N   1 
ATOM   342  C CA  . PHE A 1 45  ? -0.435  -8.100  -20.968 1.00 69.73  ? 45  PHE A CA  1 
ATOM   343  C C   . PHE A 1 45  ? 0.928   -8.670  -21.342 1.00 78.94  ? 45  PHE A C   1 
ATOM   344  O O   . PHE A 1 45  ? 1.866   -8.496  -20.556 1.00 75.76  ? 45  PHE A O   1 
ATOM   345  C CB  . PHE A 1 45  ? -0.942  -8.795  -19.701 1.00 65.20  ? 45  PHE A CB  1 
ATOM   346  C CG  . PHE A 1 45  ? -2.158  -8.150  -19.131 1.00 66.99  ? 45  PHE A CG  1 
ATOM   347  C CD1 . PHE A 1 45  ? -3.392  -8.793  -19.166 1.00 62.76  ? 45  PHE A CD1 1 
ATOM   348  C CD2 . PHE A 1 45  ? -2.078  -6.871  -18.596 1.00 63.96  ? 45  PHE A CD2 1 
ATOM   349  C CE1 . PHE A 1 45  ? -4.512  -8.179  -18.640 1.00 62.59  ? 45  PHE A CE1 1 
ATOM   350  C CE2 . PHE A 1 45  ? -3.186  -6.254  -18.077 1.00 61.76  ? 45  PHE A CE2 1 
ATOM   351  C CZ  . PHE A 1 45  ? -4.405  -6.909  -18.095 1.00 66.88  ? 45  PHE A CZ  1 
ATOM   352  N N   . LYS A 1 46  ? 1.071   -9.295  -22.521 1.00 82.49  ? 46  LYS A N   1 
ATOM   353  C CA  . LYS A 1 46  ? 2.245   -10.018 -23.024 1.00 78.95  ? 46  LYS A CA  1 
ATOM   354  C C   . LYS A 1 46  ? 2.349   -11.373 -22.337 1.00 84.08  ? 46  LYS A C   1 
ATOM   355  O O   . LYS A 1 46  ? 2.676   -12.372 -22.989 1.00 90.97  ? 46  LYS A O   1 
ATOM   356  C CB  . LYS A 1 46  ? 3.564   -9.208  -22.909 1.00 73.56  ? 46  LYS A CB  1 
ATOM   357  C CG  . LYS A 1 46  ? 3.787   -7.891  -23.786 1.00 90.09  ? 46  LYS A CG  1 
ATOM   358  C CD  . LYS A 1 46  ? 5.132   -7.126  -23.589 1.00 88.53  ? 46  LYS A CD  1 
ATOM   359  C CE  . LYS A 1 46  ? 5.255   -5.914  -24.477 1.00 80.59  ? 46  LYS A CE  1 
ATOM   360  N NZ  . LYS A 1 46  ? 6.534   -5.167  -24.273 1.00 97.71  ? 46  LYS A NZ  1 
ATOM   361  N N   . GLY A 1 47  ? 2.077   -11.432 -21.040 1.00 81.22  ? 47  GLY A N   1 
ATOM   362  C CA  . GLY A 1 47  ? 2.270   -12.667 -20.307 1.00 83.51  ? 47  GLY A CA  1 
ATOM   363  C C   . GLY A 1 47  ? 2.264   -12.428 -18.812 1.00 81.46  ? 47  GLY A C   1 
ATOM   364  O O   . GLY A 1 47  ? 1.957   -11.333 -18.332 1.00 81.88  ? 47  GLY A O   1 
ATOM   365  N N   . LYS A 1 48  ? 2.616   -13.492 -18.083 1.00 81.03  ? 48  LYS A N   1 
ATOM   366  C CA  . LYS A 1 48  ? 2.485   -13.473 -16.631 1.00 77.00  ? 48  LYS A CA  1 
ATOM   367  C C   . LYS A 1 48  ? 3.296   -12.332 -16.022 1.00 73.78  ? 48  LYS A C   1 
ATOM   368  O O   . LYS A 1 48  ? 2.775   -11.541 -15.228 1.00 70.65  ? 48  LYS A O   1 
ATOM   369  C CB  . LYS A 1 48  ? 2.903   -14.823 -16.057 1.00 75.48  ? 48  LYS A CB  1 
ATOM   370  C CG  . LYS A 1 48  ? 2.029   -15.266 -14.893 1.00 83.17  ? 48  LYS A CG  1 
ATOM   371  C CD  . LYS A 1 48  ? 2.395   -16.655 -14.375 1.00 80.97  ? 48  LYS A CD  1 
ATOM   372  C CE  . LYS A 1 48  ? 3.876   -16.760 -14.043 1.00 75.69  ? 48  LYS A CE  1 
ATOM   373  N NZ  . LYS A 1 48  ? 4.218   -18.099 -13.483 1.00 81.86  ? 48  LYS A NZ  1 
ATOM   374  N N   . GLY A 1 49  ? 4.569   -12.220 -16.407 1.00 76.37  ? 49  GLY A N   1 
ATOM   375  C CA  . GLY A 1 49  ? 5.390   -11.117 -15.932 1.00 71.27  ? 49  GLY A CA  1 
ATOM   376  C C   . GLY A 1 49  ? 4.760   -9.764  -16.206 1.00 79.14  ? 49  GLY A C   1 
ATOM   377  O O   . GLY A 1 49  ? 4.707   -8.894  -15.327 1.00 77.04  ? 49  GLY A O   1 
ATOM   378  N N   . GLY A 1 50  ? 4.243   -9.583  -17.424 1.00 79.27  ? 50  GLY A N   1 
ATOM   379  C CA  . GLY A 1 50  ? 3.637   -8.318  -17.798 1.00 73.57  ? 50  GLY A CA  1 
ATOM   380  C C   . GLY A 1 50  ? 2.338   -8.071  -17.073 1.00 70.80  ? 50  GLY A C   1 
ATOM   381  O O   . GLY A 1 50  ? 1.995   -6.920  -16.770 1.00 71.41  ? 50  GLY A O   1 
ATOM   382  N N   . LEU A 1 51  ? 1.601   -9.138  -16.778 1.00 68.10  ? 51  LEU A N   1 
ATOM   383  C CA  . LEU A 1 51  ? 0.420   -9.000  -15.933 1.00 68.47  ? 51  LEU A CA  1 
ATOM   384  C C   . LEU A 1 51  ? 0.813   -8.586  -14.514 1.00 72.90  ? 51  LEU A C   1 
ATOM   385  O O   . LEU A 1 51  ? 0.198   -7.684  -13.931 1.00 73.55  ? 51  LEU A O   1 
ATOM   386  C CB  . LEU A 1 51  ? -0.362  -10.312 -15.947 1.00 65.17  ? 51  LEU A CB  1 
ATOM   387  C CG  . LEU A 1 51  ? -1.776  -10.374 -15.376 1.00 71.30  ? 51  LEU A CG  1 
ATOM   388  C CD1 . LEU A 1 51  ? -2.539  -9.083  -15.614 1.00 64.37  ? 51  LEU A CD1 1 
ATOM   389  C CD2 . LEU A 1 51  ? -2.496  -11.538 -16.032 1.00 67.15  ? 51  LEU A CD2 1 
ATOM   390  N N   . MET A 1 52  ? 1.871   -9.200  -13.966 1.00 72.43  ? 52  MET A N   1 
ATOM   391  C CA  . MET A 1 52  ? 2.375   -8.799  -12.655 1.00 76.31  ? 52  MET A CA  1 
ATOM   392  C C   . MET A 1 52  ? 2.749   -7.323  -12.636 1.00 74.21  ? 52  MET A C   1 
ATOM   393  O O   . MET A 1 52  ? 2.396   -6.582  -11.706 1.00 68.71  ? 52  MET A O   1 
ATOM   394  C CB  . MET A 1 52  ? 3.600   -9.625  -12.270 1.00 75.79  ? 52  MET A CB  1 
ATOM   395  C CG  . MET A 1 52  ? 4.451   -8.864  -11.234 1.00 74.15  ? 52  MET A CG  1 
ATOM   396  S SD  . MET A 1 52  ? 5.561   -9.821  -10.203 1.00 103.33 ? 52  MET A SD  1 
ATOM   397  C CE  . MET A 1 52  ? 4.397   -10.874 -9.393  1.00 77.29  ? 52  MET A CE  1 
ATOM   398  N N   . GLU A 1 53  ? 3.511   -6.888  -13.639 1.00 69.94  ? 53  GLU A N   1 
ATOM   399  C CA  . GLU A 1 53  ? 3.989   -5.518  -13.642 1.00 70.29  ? 53  GLU A CA  1 
ATOM   400  C C   . GLU A 1 53  ? 2.830   -4.543  -13.719 1.00 74.53  ? 53  GLU A C   1 
ATOM   401  O O   . GLU A 1 53  ? 2.887   -3.464  -13.118 1.00 77.07  ? 53  GLU A O   1 
ATOM   402  C CB  . GLU A 1 53  ? 4.967   -5.315  -14.794 1.00 75.00  ? 53  GLU A CB  1 
ATOM   403  C CG  . GLU A 1 53  ? 6.216   -6.152  -14.625 1.00 81.18  ? 53  GLU A CG  1 
ATOM   404  C CD  . GLU A 1 53  ? 7.015   -6.284  -15.897 1.00 88.47  ? 53  GLU A CD  1 
ATOM   405  O OE1 . GLU A 1 53  ? 6.401   -6.247  -16.985 1.00 89.43  ? 53  GLU A OE1 1 
ATOM   406  O OE2 . GLU A 1 53  ? 8.257   -6.413  -15.805 1.00 94.97  ? 53  GLU A OE2 1 
ATOM   407  N N   . HIS A 1 54  ? 1.753   -4.921  -14.408 1.00 72.25  ? 54  HIS A N   1 
ATOM   408  C CA  . HIS A 1 54  ? 0.569   -4.077  -14.406 1.00 71.17  ? 54  HIS A CA  1 
ATOM   409  C C   . HIS A 1 54  ? -0.026  -4.000  -13.007 1.00 69.61  ? 54  HIS A C   1 
ATOM   410  O O   . HIS A 1 54  ? -0.374  -2.915  -12.530 1.00 68.89  ? 54  HIS A O   1 
ATOM   411  C CB  . HIS A 1 54  ? -0.466  -4.594  -15.414 1.00 68.81  ? 54  HIS A CB  1 
ATOM   412  C CG  . HIS A 1 54  ? -1.692  -3.741  -15.492 1.00 70.30  ? 54  HIS A CG  1 
ATOM   413  N ND1 . HIS A 1 54  ? -1.705  -2.512  -16.120 1.00 75.70  ? 54  HIS A ND1 1 
ATOM   414  C CD2 . HIS A 1 54  ? -2.935  -3.917  -14.978 1.00 70.66  ? 54  HIS A CD2 1 
ATOM   415  C CE1 . HIS A 1 54  ? -2.910  -1.975  -16.003 1.00 76.19  ? 54  HIS A CE1 1 
ATOM   416  N NE2 . HIS A 1 54  ? -3.673  -2.807  -15.314 1.00 73.66  ? 54  HIS A NE2 1 
ATOM   417  N N   . LEU A 1 55  ? -0.125  -5.142  -12.317 1.00 69.64  ? 55  LEU A N   1 
ATOM   418  C CA  . LEU A 1 55  ? -0.658  -5.127  -10.953 1.00 67.42  ? 55  LEU A CA  1 
ATOM   419  C C   . LEU A 1 55  ? 0.241   -4.348  -9.994  1.00 66.71  ? 55  LEU A C   1 
ATOM   420  O O   . LEU A 1 55  ? -0.259  -3.623  -9.125  1.00 64.85  ? 55  LEU A O   1 
ATOM   421  C CB  . LEU A 1 55  ? -0.854  -6.548  -10.450 1.00 68.28  ? 55  LEU A CB  1 
ATOM   422  C CG  . LEU A 1 55  ? -1.878  -7.369  -11.225 1.00 70.33  ? 55  LEU A CG  1 
ATOM   423  C CD1 . LEU A 1 55  ? -2.109  -8.682  -10.510 1.00 71.41  ? 55  LEU A CD1 1 
ATOM   424  C CD2 . LEU A 1 55  ? -3.155  -6.595  -11.343 1.00 67.10  ? 55  LEU A CD2 1 
ATOM   425  N N   . VAL A 1 56  ? 1.568   -4.471  -10.128 1.00 66.18  ? 56  VAL A N   1 
ATOM   426  C CA  . VAL A 1 56  ? 2.445   -3.740  -9.212  1.00 66.47  ? 56  VAL A CA  1 
ATOM   427  C C   . VAL A 1 56  ? 2.451   -2.257  -9.558  1.00 66.22  ? 56  VAL A C   1 
ATOM   428  O O   . VAL A 1 56  ? 2.388   -1.399  -8.671  1.00 69.61  ? 56  VAL A O   1 
ATOM   429  C CB  . VAL A 1 56  ? 3.870   -4.338  -9.201  1.00 63.58  ? 56  VAL A CB  1 
ATOM   430  C CG1 . VAL A 1 56  ? 4.780   -3.502  -8.358  1.00 55.51  ? 56  VAL A CG1 1 
ATOM   431  C CG2 . VAL A 1 56  ? 3.853   -5.754  -8.670  1.00 55.84  ? 56  VAL A CG2 1 
ATOM   432  N N   . SER A 1 57  ? 2.489   -1.925  -10.849 1.00 73.71  ? 57  SER A N   1 
ATOM   433  C CA  . SER A 1 57  ? 2.395   -0.520  -11.244 1.00 73.46  ? 57  SER A CA  1 
ATOM   434  C C   . SER A 1 57  ? 1.097   0.108   -10.751 1.00 72.91  ? 57  SER A C   1 
ATOM   435  O O   . SER A 1 57  ? 1.092   1.249   -10.267 1.00 72.40  ? 57  SER A O   1 
ATOM   436  C CB  . SER A 1 57  ? 2.502   -0.380  -12.759 1.00 70.45  ? 57  SER A CB  1 
ATOM   437  O OG  . SER A 1 57  ? 2.071   0.910   -13.147 1.00 78.37  ? 57  SER A OG  1 
ATOM   438  N N   . GLU A 1 58  ? -0.014  -0.623  -10.848 1.00 69.67  ? 58  GLU A N   1 
ATOM   439  C CA  . GLU A 1 58  ? -1.270  -0.063  -10.366 1.00 68.25  ? 58  GLU A CA  1 
ATOM   440  C C   . GLU A 1 58  ? -1.212  0.195   -8.870  1.00 68.15  ? 58  GLU A C   1 
ATOM   441  O O   . GLU A 1 58  ? -1.609  1.270   -8.409  1.00 70.14  ? 58  GLU A O   1 
ATOM   442  C CB  . GLU A 1 58  ? -2.445  -0.978  -10.718 1.00 68.14  ? 58  GLU A CB  1 
ATOM   443  C CG  . GLU A 1 58  ? -2.810  -0.992  -12.213 1.00 78.11  ? 58  GLU A CG  1 
ATOM   444  C CD  . GLU A 1 58  ? -3.110  0.390   -12.784 1.00 87.32  ? 58  GLU A CD  1 
ATOM   445  O OE1 . GLU A 1 58  ? -4.287  0.830   -12.729 1.00 92.65  ? 58  GLU A OE1 1 
ATOM   446  O OE2 . GLU A 1 58  ? -2.155  1.035   -13.284 1.00 88.66  ? 58  GLU A OE2 1 
ATOM   447  N N   . PHE A 1 59  ? -0.691  -0.757  -8.090  1.00 68.91  ? 59  PHE A N   1 
ATOM   448  C CA  . PHE A 1 59  ? -0.706  -0.587  -6.637  1.00 67.39  ? 59  PHE A CA  1 
ATOM   449  C C   . PHE A 1 59  ? 0.054   0.666   -6.211  1.00 69.09  ? 59  PHE A C   1 
ATOM   450  O O   . PHE A 1 59  ? -0.428  1.455   -5.382  1.00 62.50  ? 59  PHE A O   1 
ATOM   451  C CB  . PHE A 1 59  ? -0.115  -1.801  -5.923  1.00 64.81  ? 59  PHE A CB  1 
ATOM   452  C CG  . PHE A 1 59  ? 0.030   -1.585  -4.468  1.00 59.04  ? 59  PHE A CG  1 
ATOM   453  C CD1 . PHE A 1 59  ? -1.064  -1.740  -3.634  1.00 57.37  ? 59  PHE A CD1 1 
ATOM   454  C CD2 . PHE A 1 59  ? 1.241   -1.143  -3.930  1.00 65.46  ? 59  PHE A CD2 1 
ATOM   455  C CE1 . PHE A 1 59  ? -0.970  -1.492  -2.277  1.00 54.78  ? 59  PHE A CE1 1 
ATOM   456  C CE2 . PHE A 1 59  ? 1.356   -0.895  -2.579  1.00 61.82  ? 59  PHE A CE2 1 
ATOM   457  C CZ  . PHE A 1 59  ? 0.245   -1.072  -1.746  1.00 62.89  ? 59  PHE A CZ  1 
ATOM   458  N N   . TYR A 1 60  ? 1.263   0.850   -6.741  1.00 62.66  ? 60  TYR A N   1 
ATOM   459  C CA  . TYR A 1 60  ? 2.060   1.966   -6.264  1.00 65.99  ? 60  TYR A CA  1 
ATOM   460  C C   . TYR A 1 60  ? 1.556   3.299   -6.786  1.00 70.36  ? 60  TYR A C   1 
ATOM   461  O O   . TYR A 1 60  ? 1.710   4.313   -6.099  1.00 71.57  ? 60  TYR A O   1 
ATOM   462  C CB  . TYR A 1 60  ? 3.526   1.754   -6.619  1.00 73.02  ? 60  TYR A CB  1 
ATOM   463  C CG  . TYR A 1 60  ? 4.138   0.777   -5.671  1.00 74.87  ? 60  TYR A CG  1 
ATOM   464  C CD1 . TYR A 1 60  ? 4.326   1.114   -4.334  1.00 73.70  ? 60  TYR A CD1 1 
ATOM   465  C CD2 . TYR A 1 60  ? 4.452   -0.515  -6.080  1.00 69.36  ? 60  TYR A CD2 1 
ATOM   466  C CE1 . TYR A 1 60  ? 4.865   0.204   -3.435  1.00 77.12  ? 60  TYR A CE1 1 
ATOM   467  C CE2 . TYR A 1 60  ? 4.988   -1.434  -5.183  1.00 75.41  ? 60  TYR A CE2 1 
ATOM   468  C CZ  . TYR A 1 60  ? 5.195   -1.065  -3.863  1.00 75.58  ? 60  TYR A CZ  1 
ATOM   469  O OH  . TYR A 1 60  ? 5.729   -1.967  -2.966  1.00 77.58  ? 60  TYR A OH  1 
ATOM   470  N N   . GLU A 1 61  ? 0.913   3.329   -7.957  1.00 74.65  ? 61  GLU A N   1 
ATOM   471  C CA  . GLU A 1 61  ? 0.374   4.603   -8.415  1.00 73.05  ? 61  GLU A CA  1 
ATOM   472  C C   . GLU A 1 61  ? -0.866  4.992   -7.618  1.00 68.50  ? 61  GLU A C   1 
ATOM   473  O O   . GLU A 1 61  ? -1.079  6.176   -7.347  1.00 71.55  ? 61  GLU A O   1 
ATOM   474  C CB  . GLU A 1 61  ? 0.094   4.560   -9.920  1.00 76.05  ? 61  GLU A CB  1 
ATOM   475  C CG  . GLU A 1 61  ? -1.141  5.346   -10.393 1.00 89.03  ? 61  GLU A CG  1 
ATOM   476  C CD  . GLU A 1 61  ? -0.941  6.877   -10.346 1.00 103.29 ? 61  GLU A CD  1 
ATOM   477  O OE1 . GLU A 1 61  ? 0.228   7.346   -10.373 1.00 103.51 ? 61  GLU A OE1 1 
ATOM   478  O OE2 . GLU A 1 61  ? -1.967  7.611   -10.321 1.00 104.53 ? 61  GLU A OE2 1 
ATOM   479  N N   . GLY A 1 62  ? -1.676  4.020   -7.196  1.00 64.79  ? 62  GLY A N   1 
ATOM   480  C CA  . GLY A 1 62  ? -2.760  4.338   -6.279  1.00 64.05  ? 62  GLY A CA  1 
ATOM   481  C C   . GLY A 1 62  ? -2.238  4.806   -4.940  1.00 72.82  ? 62  GLY A C   1 
ATOM   482  O O   . GLY A 1 62  ? -2.798  5.727   -4.326  1.00 71.78  ? 62  GLY A O   1 
ATOM   483  N N   . TYR A 1 63  ? -1.131  4.201   -4.488  1.00 68.58  ? 63  TYR A N   1 
ATOM   484  C CA  . TYR A 1 63  ? -0.489  4.609   -3.243  1.00 67.01  ? 63  TYR A CA  1 
ATOM   485  C C   . TYR A 1 63  ? 0.043   6.033   -3.345  1.00 70.24  ? 63  TYR A C   1 
ATOM   486  O O   . TYR A 1 63  ? -0.150  6.845   -2.432  1.00 74.59  ? 63  TYR A O   1 
ATOM   487  C CB  . TYR A 1 63  ? 0.639   3.627   -2.889  1.00 62.88  ? 63  TYR A CB  1 
ATOM   488  C CG  . TYR A 1 63  ? 1.135   3.624   -1.458  1.00 62.47  ? 63  TYR A CG  1 
ATOM   489  C CD1 . TYR A 1 63  ? 0.934   2.521   -0.626  1.00 63.78  ? 63  TYR A CD1 1 
ATOM   490  C CD2 . TYR A 1 63  ? 1.856   4.700   -0.943  1.00 65.20  ? 63  TYR A CD2 1 
ATOM   491  C CE1 . TYR A 1 63  ? 1.430   2.511   0.685   1.00 66.13  ? 63  TYR A CE1 1 
ATOM   492  C CE2 . TYR A 1 63  ? 2.353   4.687   0.344   1.00 63.88  ? 63  TYR A CE2 1 
ATOM   493  C CZ  . TYR A 1 63  ? 2.137   3.601   1.166   1.00 64.86  ? 63  TYR A CZ  1 
ATOM   494  O OH  . TYR A 1 63  ? 2.633   3.621   2.473   1.00 64.45  ? 63  TYR A OH  1 
ATOM   495  N N   . SER A 1 64  ? 0.721   6.364   -4.443  1.00 64.35  ? 64  SER A N   1 
ATOM   496  C CA  . SER A 1 64  ? 1.294   7.703   -4.502  1.00 74.33  ? 64  SER A CA  1 
ATOM   497  C C   . SER A 1 64  ? 0.257   8.776   -4.812  1.00 79.98  ? 64  SER A C   1 
ATOM   498  O O   . SER A 1 64  ? 0.503   9.952   -4.525  1.00 78.94  ? 64  SER A O   1 
ATOM   499  C CB  . SER A 1 64  ? 2.467   7.746   -5.482  1.00 80.10  ? 64  SER A CB  1 
ATOM   500  O OG  . SER A 1 64  ? 2.278   6.876   -6.570  1.00 84.97  ? 64  SER A OG  1 
ATOM   501  N N   . LYS A 1 65  ? -0.917  8.397   -5.319  1.00 78.42  ? 65  LYS A N   1 
ATOM   502  C CA  . LYS A 1 65  ? -2.016  9.352   -5.374  1.00 80.16  ? 65  LYS A CA  1 
ATOM   503  C C   . LYS A 1 65  ? -2.386  9.830   -3.977  1.00 78.33  ? 65  LYS A C   1 
ATOM   504  O O   . LYS A 1 65  ? -2.652  11.021  -3.768  1.00 83.27  ? 65  LYS A O   1 
ATOM   505  C CB  . LYS A 1 65  ? -3.231  8.729   -6.061  1.00 81.63  ? 65  LYS A CB  1 
ATOM   506  C CG  . LYS A 1 65  ? -3.365  9.043   -7.527  1.00 85.31  ? 65  LYS A CG  1 
ATOM   507  C CD  . LYS A 1 65  ? -4.811  8.827   -7.957  1.00 99.37  ? 65  LYS A CD  1 
ATOM   508  C CE  . LYS A 1 65  ? -4.908  8.447   -9.428  1.00 103.16 ? 65  LYS A CE  1 
ATOM   509  N NZ  . LYS A 1 65  ? -6.023  7.489   -9.667  1.00 111.02 ? 65  LYS A NZ  1 
ATOM   510  N N   . THR A 1 66  ? -2.417  8.920   -3.003  1.00 74.35  ? 66  THR A N   1 
ATOM   511  C CA  . THR A 1 66  ? -2.683  9.360   -1.637  1.00 75.91  ? 66  THR A CA  1 
ATOM   512  C C   . THR A 1 66  ? -1.565  10.261  -1.132  1.00 78.35  ? 66  THR A C   1 
ATOM   513  O O   . THR A 1 66  ? -1.822  11.259  -0.450  1.00 85.21  ? 66  THR A O   1 
ATOM   514  C CB  . THR A 1 66  ? -2.882  8.160   -0.708  1.00 74.25  ? 66  THR A CB  1 
ATOM   515  O OG1 . THR A 1 66  ? -1.607  7.639   -0.322  1.00 75.43  ? 66  THR A OG1 1 
ATOM   516  C CG2 . THR A 1 66  ? -3.683  7.073   -1.401  1.00 68.96  ? 66  THR A CG2 1 
ATOM   517  N N   . LEU A 1 67  ? -0.317  9.946   -1.476  1.00 76.28  ? 67  LEU A N   1 
ATOM   518  C CA  . LEU A 1 67  ? 0.777   10.839  -1.109  1.00 80.45  ? 67  LEU A CA  1 
ATOM   519  C C   . LEU A 1 67  ? 0.610   12.208  -1.758  1.00 80.17  ? 67  LEU A C   1 
ATOM   520  O O   . LEU A 1 67  ? 0.731   13.235  -1.084  1.00 83.06  ? 67  LEU A O   1 
ATOM   521  C CB  . LEU A 1 67  ? 2.124   10.220  -1.488  1.00 77.07  ? 67  LEU A CB  1 
ATOM   522  C CG  . LEU A 1 67  ? 2.538   9.014   -0.642  1.00 71.76  ? 67  LEU A CG  1 
ATOM   523  C CD1 . LEU A 1 67  ? 3.718   8.288   -1.261  1.00 70.36  ? 67  LEU A CD1 1 
ATOM   524  C CD2 . LEU A 1 67  ? 2.855   9.456   0.748   1.00 72.25  ? 67  LEU A CD2 1 
ATOM   525  N N   . GLU A 1 68  ? 0.314   12.240  -3.068  1.00 82.84  ? 68  GLU A N   1 
ATOM   526  C CA  A GLU A 1 68  ? 0.223   13.520  -3.765  0.51 82.00  ? 68  GLU A CA  1 
ATOM   527  C CA  B GLU A 1 68  ? 0.198   13.506  -3.791  0.49 82.11  ? 68  GLU A CA  1 
ATOM   528  C C   . GLU A 1 68  ? -0.917  14.371  -3.218  1.00 85.59  ? 68  GLU A C   1 
ATOM   529  O O   . GLU A 1 68  ? -0.774  15.595  -3.098  1.00 87.59  ? 68  GLU A O   1 
ATOM   530  C CB  A GLU A 1 68  ? 0.066   13.304  -5.272  0.51 80.74  ? 68  GLU A CB  1 
ATOM   531  C CB  B GLU A 1 68  ? -0.055  13.246  -5.277  0.49 81.99  ? 68  GLU A CB  1 
ATOM   532  C CG  A GLU A 1 68  ? 1.386   12.992  -5.996  0.51 84.52  ? 68  GLU A CG  1 
ATOM   533  C CG  B GLU A 1 68  ? 1.151   12.718  -6.045  0.49 84.36  ? 68  GLU A CG  1 
ATOM   534  C CD  A GLU A 1 68  ? 2.233   14.224  -6.309  0.51 84.62  ? 68  GLU A CD  1 
ATOM   535  C CD  B GLU A 1 68  ? 0.746   11.923  -7.271  0.49 82.79  ? 68  GLU A CD  1 
ATOM   536  O OE1 A GLU A 1 68  ? 2.070   15.274  -5.643  0.51 80.71  ? 68  GLU A OE1 1 
ATOM   537  O OE1 B GLU A 1 68  ? -0.473  11.836  -7.537  0.49 81.49  ? 68  GLU A OE1 1 
ATOM   538  O OE2 A GLU A 1 68  ? 3.069   14.129  -7.237  0.51 84.75  ? 68  GLU A OE2 1 
ATOM   539  O OE2 B GLU A 1 68  ? 1.642   11.388  -7.962  0.49 81.28  ? 68  GLU A OE2 1 
ATOM   540  N N   . THR A 1 69  ? -2.042  13.759  -2.860  1.00 81.20  ? 69  THR A N   1 
ATOM   541  C CA  . THR A 1 69  ? -3.104  14.608  -2.348  1.00 83.73  ? 69  THR A CA  1 
ATOM   542  C C   . THR A 1 69  ? -2.863  15.039  -0.904  1.00 89.55  ? 69  THR A C   1 
ATOM   543  O O   . THR A 1 69  ? -3.572  15.929  -0.419  1.00 95.95  ? 69  THR A O   1 
ATOM   544  C CB  . THR A 1 69  ? -4.468  13.927  -2.488  1.00 83.88  ? 69  THR A CB  1 
ATOM   545  O OG1 . THR A 1 69  ? -4.581  12.864  -1.546  1.00 89.94  ? 69  THR A OG1 1 
ATOM   546  C CG2 . THR A 1 69  ? -4.653  13.380  -3.913  1.00 81.64  ? 69  THR A CG2 1 
ATOM   547  N N   . ALA A 1 70  ? -1.877  14.454  -0.215  1.00 89.40  ? 70  ALA A N   1 
ATOM   548  C CA  . ALA A 1 70  ? -1.441  14.999  1.070   1.00 87.93  ? 70  ALA A CA  1 
ATOM   549  C C   . ALA A 1 70  ? -0.496  16.174  0.880   1.00 92.77  ? 70  ALA A C   1 
ATOM   550  O O   . ALA A 1 70  ? -0.503  17.109  1.692   1.00 98.51  ? 70  ALA A O   1 
ATOM   551  C CB  . ALA A 1 70  ? -0.756  13.923  1.914   1.00 79.71  ? 70  ALA A CB  1 
ATOM   552  N N   . ALA A 1 71  ? 0.323   16.136  -0.175  1.00 89.78  ? 71  ALA A N   1 
ATOM   553  C CA  . ALA A 1 71  ? 1.088   17.314  -0.571  1.00 93.42  ? 71  ALA A CA  1 
ATOM   554  C C   . ALA A 1 71  ? 0.170   18.491  -0.881  1.00 99.90  ? 71  ALA A C   1 
ATOM   555  O O   . ALA A 1 71  ? 0.497   19.640  -0.565  1.00 105.42 ? 71  ALA A O   1 
ATOM   556  C CB  . ALA A 1 71  ? 1.964   16.992  -1.784  1.00 88.04  ? 71  ALA A CB  1 
ATOM   557  N N   . SER A 1 72  ? -0.984  18.220  -1.496  1.00 100.52 ? 72  SER A N   1 
ATOM   558  C CA  . SER A 1 72  ? -1.966  19.258  -1.824  1.00 101.90 ? 72  SER A CA  1 
ATOM   559  C C   . SER A 1 72  ? -2.943  19.459  -0.663  1.00 104.96 ? 72  SER A C   1 
ATOM   560  O O   . SER A 1 72  ? -4.162  19.322  -0.795  1.00 108.05 ? 72  SER A O   1 
ATOM   561  C CB  . SER A 1 72  ? -2.696  18.904  -3.114  1.00 94.15  ? 72  SER A CB  1 
ATOM   562  O OG  . SER A 1 72  ? -1.847  19.117  -4.230  1.00 92.34  ? 72  SER A OG  1 
ATOM   563  N N   . ASN A 1 73  ? -2.361  19.774  0.496   1.00 103.68 ? 73  ASN A N   1 
ATOM   564  C CA  . ASN A 1 73  ? -3.105  20.126  1.702   1.00 110.98 ? 73  ASN A CA  1 
ATOM   565  C C   . ASN A 1 73  ? -2.120  20.610  2.760   1.00 113.43 ? 73  ASN A C   1 
ATOM   566  O O   . ASN A 1 73  ? -2.463  20.685  3.947   1.00 113.71 ? 73  ASN A O   1 
ATOM   567  C CB  . ASN A 1 73  ? -3.930  18.943  2.228   1.00 110.29 ? 73  ASN A CB  1 
ATOM   568  C CG  . ASN A 1 73  ? -5.388  19.320  2.514   1.00 116.92 ? 73  ASN A CG  1 
ATOM   569  O OD1 . ASN A 1 73  ? -6.020  20.042  1.737   1.00 114.66 ? 73  ASN A OD1 1 
ATOM   570  N ND2 . ASN A 1 73  ? -5.921  18.836  3.637   1.00 119.56 ? 73  ASN A ND2 1 
ATOM   571  N N   . ILE A 1 74  ? -0.890  20.931  2.329   1.00 112.88 ? 74  ILE A N   1 
ATOM   572  C CA  . ILE A 1 74  ? 0.120   21.502  3.223   1.00 113.38 ? 74  ILE A CA  1 
ATOM   573  C C   . ILE A 1 74  ? -0.353  22.847  3.769   1.00 117.37 ? 74  ILE A C   1 
ATOM   574  O O   . ILE A 1 74  ? 0.024   23.253  4.880   1.00 117.09 ? 74  ILE A O   1 
ATOM   575  C CB  . ILE A 1 74  ? 1.475   21.612  2.487   1.00 107.96 ? 74  ILE A CB  1 
ATOM   576  C CG1 . ILE A 1 74  ? 2.198   20.262  2.530   1.00 101.41 ? 74  ILE A CG1 1 
ATOM   577  C CG2 . ILE A 1 74  ? 2.346   22.727  3.074   1.00 107.69 ? 74  ILE A CG2 1 
ATOM   578  C CD1 . ILE A 1 74  ? 3.326   20.122  1.524   1.00 96.87  ? 74  ILE A CD1 1 
ATOM   579  N N   . SER A 1 75  ? -1.210  23.537  3.013   1.00 121.73 ? 75  SER A N   1 
ATOM   580  C CA  . SER A 1 75  ? -1.858  24.748  3.505   1.00 120.46 ? 75  SER A CA  1 
ATOM   581  C C   . SER A 1 75  ? -2.869  24.431  4.610   1.00 119.57 ? 75  SER A C   1 
ATOM   582  O O   . SER A 1 75  ? -2.710  24.873  5.756   1.00 118.49 ? 75  SER A O   1 
ATOM   583  C CB  . SER A 1 75  ? -2.534  25.464  2.334   1.00 118.59 ? 75  SER A CB  1 
ATOM   584  O OG  . SER A 1 75  ? -3.259  24.535  1.538   1.00 117.19 ? 75  SER A OG  1 
ATOM   585  N N   . THR A 1 76  ? -3.893  23.624  4.282   1.00 118.89 ? 76  THR A N   1 
ATOM   586  C CA  . THR A 1 76  ? -5.137  23.446  5.039   1.00 120.66 ? 76  THR A CA  1 
ATOM   587  C C   . THR A 1 76  ? -5.024  23.580  6.556   1.00 120.76 ? 76  THR A C   1 
ATOM   588  O O   . THR A 1 76  ? -5.795  24.333  7.165   1.00 117.82 ? 76  THR A O   1 
ATOM   589  C CB  . THR A 1 76  ? -5.761  22.082  4.708   1.00 118.98 ? 76  THR A CB  1 
ATOM   590  O OG1 . THR A 1 76  ? -6.149  22.068  3.328   1.00 117.30 ? 76  THR A OG1 1 
ATOM   591  C CG2 . THR A 1 76  ? -6.986  21.823  5.583   1.00 116.08 ? 76  THR A CG2 1 
ATOM   592  N N   . GLN A 1 77  ? -4.076  22.877  7.171   1.00 119.92 ? 77  GLN A N   1 
ATOM   593  C CA  . GLN A 1 77  ? -4.152  22.669  8.613   1.00 115.82 ? 77  GLN A CA  1 
ATOM   594  C C   . GLN A 1 77  ? -2.771  22.360  9.185   1.00 111.93 ? 77  GLN A C   1 
ATOM   595  O O   . GLN A 1 77  ? -1.748  22.503  8.503   1.00 114.51 ? 77  GLN A O   1 
ATOM   596  C CB  . GLN A 1 77  ? -5.161  21.551  8.905   1.00 113.23 ? 77  GLN A CB  1 
ATOM   597  C CG  . GLN A 1 77  ? -4.963  20.285  8.079   1.00 112.04 ? 77  GLN A CG  1 
ATOM   598  C CD  . GLN A 1 77  ? -6.006  19.229  8.380   1.00 112.46 ? 77  GLN A CD  1 
ATOM   599  O OE1 . GLN A 1 77  ? -6.775  19.369  9.334   1.00 116.51 ? 77  GLN A OE1 1 
ATOM   600  N NE2 . GLN A 1 77  ? -6.023  18.152  7.587   1.00 102.71 ? 77  GLN A NE2 1 
ATOM   601  N N   . SER A 1 78  ? -2.754  21.950  10.456  1.00 106.49 ? 78  SER A N   1 
ATOM   602  C CA  . SER A 1 78  ? -1.526  21.628  11.172  1.00 107.29 ? 78  SER A CA  1 
ATOM   603  C C   . SER A 1 78  ? -0.886  20.358  10.628  1.00 105.21 ? 78  SER A C   1 
ATOM   604  O O   . SER A 1 78  ? -1.562  19.438  10.157  1.00 102.64 ? 78  SER A O   1 
ATOM   605  C CB  . SER A 1 78  ? -1.807  21.464  12.662  1.00 104.89 ? 78  SER A CB  1 
ATOM   606  O OG  . SER A 1 78  ? -0.958  20.487  13.226  1.00 102.32 ? 78  SER A OG  1 
ATOM   607  N N   . THR A 1 79  ? 0.443   20.319  10.692  1.00 102.83 ? 79  THR A N   1 
ATOM   608  C CA  . THR A 1 79  ? 1.147   19.237  10.034  1.00 100.26 ? 79  THR A CA  1 
ATOM   609  C C   . THR A 1 79  ? 0.956   17.897  10.726  1.00 98.94  ? 79  THR A C   1 
ATOM   610  O O   . THR A 1 79  ? 1.162   16.861  10.085  1.00 94.75  ? 79  THR A O   1 
ATOM   611  C CB  . THR A 1 79  ? 2.625   19.566  9.911   1.00 101.71 ? 79  THR A CB  1 
ATOM   612  O OG1 . THR A 1 79  ? 3.086   20.134  11.141  1.00 105.51 ? 79  THR A OG1 1 
ATOM   613  C CG2 . THR A 1 79  ? 2.835   20.525  8.747   1.00 104.68 ? 79  THR A CG2 1 
ATOM   614  N N   . GLN A 1 80  ? 0.540   17.862  11.992  1.00 98.67  ? 80  GLN A N   1 
ATOM   615  C CA  . GLN A 1 80  ? 0.309   16.530  12.530  1.00 95.51  ? 80  GLN A CA  1 
ATOM   616  C C   . GLN A 1 80  ? -1.076  16.002  12.136  1.00 94.63  ? 80  GLN A C   1 
ATOM   617  O O   . GLN A 1 80  ? -1.217  14.817  11.800  1.00 93.36  ? 80  GLN A O   1 
ATOM   618  C CB  . GLN A 1 80  ? 0.509   16.514  14.040  1.00 91.86  ? 80  GLN A CB  1 
ATOM   619  C CG  . GLN A 1 80  ? -0.187  15.365  14.723  1.00 92.49  ? 80  GLN A CG  1 
ATOM   620  C CD  . GLN A 1 80  ? 0.255   15.196  16.163  1.00 93.76  ? 80  GLN A CD  1 
ATOM   621  O OE1 . GLN A 1 80  ? 0.087   14.125  16.741  1.00 93.29  ? 80  GLN A OE1 1 
ATOM   622  N NE2 . GLN A 1 80  ? 0.834   16.239  16.744  1.00 94.96  ? 80  GLN A NE2 1 
ATOM   623  N N   . GLU A 1 81  ? -2.106  16.861  12.125  1.00 92.19  ? 81  GLU A N   1 
ATOM   624  C CA  . GLU A 1 81  ? -3.404  16.456  11.576  1.00 94.92  ? 81  GLU A CA  1 
ATOM   625  C C   . GLU A 1 81  ? -3.349  16.242  10.066  1.00 93.22  ? 81  GLU A C   1 
ATOM   626  O O   . GLU A 1 81  ? -4.126  15.436  9.542   1.00 87.43  ? 81  GLU A O   1 
ATOM   627  C CB  . GLU A 1 81  ? -4.468  17.485  11.955  1.00 102.17 ? 81  GLU A CB  1 
ATOM   628  C CG  . GLU A 1 81  ? -3.920  18.880  12.083  1.00 110.62 ? 81  GLU A CG  1 
ATOM   629  C CD  . GLU A 1 81  ? -4.958  19.927  12.548  1.00 117.80 ? 81  GLU A CD  1 
ATOM   630  O OE1 . GLU A 1 81  ? -5.066  20.185  13.774  1.00 118.23 ? 81  GLU A OE1 1 
ATOM   631  O OE2 . GLU A 1 81  ? -5.692  20.495  11.700  1.00 114.05 ? 81  GLU A OE2 1 
ATOM   632  N N   . GLN A 1 82  ? -2.438  16.931  9.377   1.00 93.30  ? 82  GLN A N   1 
ATOM   633  C CA  . GLN A 1 82  ? -2.038  16.564  8.024   1.00 89.74  ? 82  GLN A CA  1 
ATOM   634  C C   . GLN A 1 82  ? -1.580  15.106  7.958   1.00 87.00  ? 82  GLN A C   1 
ATOM   635  O O   . GLN A 1 82  ? -2.149  14.283  7.224   1.00 74.98  ? 82  GLN A O   1 
ATOM   636  C CB  . GLN A 1 82  ? -0.895  17.482  7.596   1.00 93.91  ? 82  GLN A CB  1 
ATOM   637  C CG  . GLN A 1 82  ? -0.931  18.045  6.215   1.00 98.00  ? 82  GLN A CG  1 
ATOM   638  C CD  . GLN A 1 82  ? 0.000   19.224  6.119   1.00 105.30 ? 82  GLN A CD  1 
ATOM   639  O OE1 . GLN A 1 82  ? 1.169   19.086  5.741   1.00 102.85 ? 82  GLN A OE1 1 
ATOM   640  N NE2 . GLN A 1 82  ? -0.495  20.394  6.520   1.00 108.90 ? 82  GLN A NE2 1 
ATOM   641  N N   . LEU A 1 83  ? -0.519  14.786  8.713   1.00 86.12  ? 83  LEU A N   1 
ATOM   642  C CA  . LEU A 1 83  ? 0.043   13.439  8.725   1.00 79.04  ? 83  LEU A CA  1 
ATOM   643  C C   . LEU A 1 83  ? -0.999  12.399  9.102   1.00 77.88  ? 83  LEU A C   1 
ATOM   644  O O   . LEU A 1 83  ? -1.031  11.312  8.510   1.00 68.87  ? 83  LEU A O   1 
ATOM   645  C CB  . LEU A 1 83  ? 1.214   13.355  9.701   1.00 81.36  ? 83  LEU A CB  1 
ATOM   646  C CG  . LEU A 1 83  ? 2.609   13.823  9.305   1.00 80.76  ? 83  LEU A CG  1 
ATOM   647  C CD1 . LEU A 1 83  ? 3.552   13.636  10.491  1.00 75.66  ? 83  LEU A CD1 1 
ATOM   648  C CD2 . LEU A 1 83  ? 3.109   13.064  8.085   1.00 73.79  ? 83  LEU A CD2 1 
ATOM   649  N N   . LEU A 1 84  ? -1.851  12.693  10.096  1.00 71.74  ? 84  LEU A N   1 
ATOM   650  C CA  . LEU A 1 84  ? -2.870  11.707  10.439  1.00 71.34  ? 84  LEU A CA  1 
ATOM   651  C C   . LEU A 1 84  ? -3.825  11.452  9.287   1.00 71.05  ? 84  LEU A C   1 
ATOM   652  O O   . LEU A 1 84  ? -4.315  10.326  9.124   1.00 71.16  ? 84  LEU A O   1 
ATOM   653  C CB  . LEU A 1 84  ? -3.661  12.109  11.670  1.00 68.55  ? 84  LEU A CB  1 
ATOM   654  C CG  . LEU A 1 84  ? -2.793  12.050  12.908  1.00 73.50  ? 84  LEU A CG  1 
ATOM   655  C CD1 . LEU A 1 84  ? -3.471  12.768  14.065  1.00 79.49  ? 84  LEU A CD1 1 
ATOM   656  C CD2 . LEU A 1 84  ? -2.404  10.623  13.225  1.00 66.32  ? 84  LEU A CD2 1 
ATOM   657  N N   . GLN A 1 85  ? -4.095  12.461  8.468   1.00 72.80  ? 85  GLN A N   1 
ATOM   658  C CA  . GLN A 1 85  ? -4.991  12.229  7.343   1.00 74.39  ? 85  GLN A CA  1 
ATOM   659  C C   . GLN A 1 85  ? -4.342  11.299  6.331   1.00 69.00  ? 85  GLN A C   1 
ATOM   660  O O   . GLN A 1 85  ? -4.996  10.397  5.795   1.00 65.18  ? 85  GLN A O   1 
ATOM   661  C CB  . GLN A 1 85  ? -5.379  13.557  6.693   1.00 80.51  ? 85  GLN A CB  1 
ATOM   662  C CG  . GLN A 1 85  ? -6.528  13.448  5.706   1.00 72.61  ? 85  GLN A CG  1 
ATOM   663  C CD  . GLN A 1 85  ? -7.762  12.821  6.332   1.00 76.05  ? 85  GLN A CD  1 
ATOM   664  O OE1 . GLN A 1 85  ? -8.153  13.164  7.462   1.00 75.92  ? 85  GLN A OE1 1 
ATOM   665  N NE2 . GLN A 1 85  ? -8.383  11.892  5.604   1.00 68.36  ? 85  GLN A NE2 1 
ATOM   666  N N   . LEU A 1 86  ? -3.043  11.495  6.082   1.00 68.46  ? 86  LEU A N   1 
ATOM   667  C CA  . LEU A 1 86  ? -2.332  10.667  5.112   1.00 69.22  ? 86  LEU A CA  1 
ATOM   668  C C   . LEU A 1 86  ? -2.224  9.219   5.590   1.00 70.44  ? 86  LEU A C   1 
ATOM   669  O O   . LEU A 1 86  ? -2.477  8.288   4.812   1.00 67.00  ? 86  LEU A O   1 
ATOM   670  C CB  . LEU A 1 86  ? -0.952  11.263  4.844   1.00 65.47  ? 86  LEU A CB  1 
ATOM   671  C CG  . LEU A 1 86  ? 0.080   10.428  4.100   1.00 70.67  ? 86  LEU A CG  1 
ATOM   672  C CD1 . LEU A 1 86  ? -0.416  10.020  2.706   1.00 73.33  ? 86  LEU A CD1 1 
ATOM   673  C CD2 . LEU A 1 86  ? 1.402   11.217  4.013   1.00 71.76  ? 86  LEU A CD2 1 
ATOM   674  N N   . VAL A 1 87  ? -1.865  9.005   6.866   1.00 61.53  ? 87  VAL A N   1 
ATOM   675  C CA  . VAL A 1 87  ? -1.868  7.650   7.408   1.00 61.75  ? 87  VAL A CA  1 
ATOM   676  C C   . VAL A 1 87  ? -3.243  7.011   7.231   1.00 63.03  ? 87  VAL A C   1 
ATOM   677  O O   . VAL A 1 87  ? -3.364  5.861   6.777   1.00 61.58  ? 87  VAL A O   1 
ATOM   678  C CB  . VAL A 1 87  ? -1.430  7.642   8.884   1.00 61.94  ? 87  VAL A CB  1 
ATOM   679  C CG1 . VAL A 1 87  ? -1.690  6.250   9.521   1.00 54.38  ? 87  VAL A CG1 1 
ATOM   680  C CG2 . VAL A 1 87  ? 0.023   8.030   9.019   1.00 46.91  ? 87  VAL A CG2 1 
ATOM   681  N N   . PHE A 1 88  ? -4.303  7.751   7.565   1.00 65.23  ? 88  PHE A N   1 
ATOM   682  C CA  . PHE A 1 88  ? -5.645  7.190   7.404   1.00 65.07  ? 88  PHE A CA  1 
ATOM   683  C C   . PHE A 1 88  ? -5.907  6.790   5.961   1.00 63.96  ? 88  PHE A C   1 
ATOM   684  O O   . PHE A 1 88  ? -6.492  5.730   5.693   1.00 66.04  ? 88  PHE A O   1 
ATOM   685  C CB  . PHE A 1 88  ? -6.714  8.179   7.870   1.00 60.75  ? 88  PHE A CB  1 
ATOM   686  C CG  . PHE A 1 88  ? -8.107  7.626   7.775   1.00 63.00  ? 88  PHE A CG  1 
ATOM   687  C CD1 . PHE A 1 88  ? -8.840  7.739   6.604   1.00 61.50  ? 88  PHE A CD1 1 
ATOM   688  C CD2 . PHE A 1 88  ? -8.679  6.955   8.851   1.00 64.94  ? 88  PHE A CD2 1 
ATOM   689  C CE1 . PHE A 1 88  ? -10.111 7.198   6.513   1.00 57.66  ? 88  PHE A CE1 1 
ATOM   690  C CE2 . PHE A 1 88  ? -9.964  6.426   8.766   1.00 59.74  ? 88  PHE A CE2 1 
ATOM   691  C CZ  . PHE A 1 88  ? -10.673 6.549   7.596   1.00 56.79  ? 88  PHE A CZ  1 
ATOM   692  N N   . ASP A 1 89  ? -5.479  7.623   5.015   1.00 61.48  ? 89  ASP A N   1 
ATOM   693  C CA  . ASP A 1 89  ? -5.760  7.325   3.618   1.00 63.47  ? 89  ASP A CA  1 
ATOM   694  C C   . ASP A 1 89  ? -5.029  6.072   3.165   1.00 67.66  ? 89  ASP A C   1 
ATOM   695  O O   . ASP A 1 89  ? -5.575  5.273   2.393   1.00 71.24  ? 89  ASP A O   1 
ATOM   696  C CB  . ASP A 1 89  ? -5.390  8.524   2.754   1.00 69.12  ? 89  ASP A CB  1 
ATOM   697  C CG  . ASP A 1 89  ? -6.317  9.713   2.991   1.00 73.71  ? 89  ASP A CG  1 
ATOM   698  O OD1 . ASP A 1 89  ? -7.434  9.511   3.536   1.00 73.52  ? 89  ASP A OD1 1 
ATOM   699  O OD2 . ASP A 1 89  ? -5.919  10.848  2.657   1.00 72.66  ? 89  ASP A OD2 1 
ATOM   700  N N   . ILE A 1 90  ? -3.802  5.864   3.649   1.00 65.94  ? 90  ILE A N   1 
ATOM   701  C CA  . ILE A 1 90  ? -3.060  4.672   3.254   1.00 59.91  ? 90  ILE A CA  1 
ATOM   702  C C   . ILE A 1 90  ? -3.667  3.438   3.897   1.00 58.45  ? 90  ILE A C   1 
ATOM   703  O O   . ILE A 1 90  ? -3.842  2.407   3.238   1.00 59.92  ? 90  ILE A O   1 
ATOM   704  C CB  . ILE A 1 90  ? -1.573  4.814   3.603   1.00 61.83  ? 90  ILE A CB  1 
ATOM   705  C CG1 . ILE A 1 90  ? -0.944  5.946   2.785   1.00 66.16  ? 90  ILE A CG1 1 
ATOM   706  C CG2 . ILE A 1 90  ? -0.852  3.492   3.373   1.00 63.43  ? 90  ILE A CG2 1 
ATOM   707  C CD1 . ILE A 1 90  ? 0.330   6.531   3.442   1.00 64.61  ? 90  ILE A CD1 1 
ATOM   708  N N   . LEU A 1 91  ? -4.017  3.512   5.183   1.00 59.20  ? 91  LEU A N   1 
ATOM   709  C CA  . LEU A 1 91  ? -4.642  2.348   5.792   1.00 58.02  ? 91  LEU A CA  1 
ATOM   710  C C   . LEU A 1 91  ? -5.885  1.961   5.020   1.00 65.31  ? 91  LEU A C   1 
ATOM   711  O O   . LEU A 1 91  ? -6.084  0.788   4.676   1.00 66.92  ? 91  LEU A O   1 
ATOM   712  C CB  . LEU A 1 91  ? -4.981  2.614   7.247   1.00 55.87  ? 91  LEU A CB  1 
ATOM   713  C CG  . LEU A 1 91  ? -3.764  2.558   8.175   1.00 64.79  ? 91  LEU A CG  1 
ATOM   714  C CD1 . LEU A 1 91  ? -4.072  3.245   9.522   1.00 56.89  ? 91  LEU A CD1 1 
ATOM   715  C CD2 . LEU A 1 91  ? -3.177  1.095   8.331   1.00 56.64  ? 91  LEU A CD2 1 
ATOM   716  N N   . SER A 1 92  ? -6.685  2.961   4.653   1.00 69.94  ? 92  SER A N   1 
ATOM   717  C CA  . SER A 1 92  ? -7.904  2.724   3.886   1.00 66.19  ? 92  SER A CA  1 
ATOM   718  C C   . SER A 1 92  ? -7.594  2.205   2.481   1.00 61.76  ? 92  SER A C   1 
ATOM   719  O O   . SER A 1 92  ? -8.199  1.230   2.028   1.00 62.13  ? 92  SER A O   1 
ATOM   720  C CB  . SER A 1 92  ? -8.717  4.012   3.837   1.00 62.10  ? 92  SER A CB  1 
ATOM   721  O OG  . SER A 1 92  ? -9.808  3.824   2.980   1.00 70.14  ? 92  SER A OG  1 
ATOM   722  N N   . TYR A 1 93  ? -6.640  2.826   1.782   1.00 57.31  ? 93  TYR A N   1 
ATOM   723  C CA  . TYR A 1 93  ? -6.281  2.330   0.454   1.00 63.08  ? 93  TYR A CA  1 
ATOM   724  C C   . TYR A 1 93  ? -5.779  0.889   0.528   1.00 66.54  ? 93  TYR A C   1 
ATOM   725  O O   . TYR A 1 93  ? -6.182  0.038   -0.276  1.00 65.43  ? 93  TYR A O   1 
ATOM   726  C CB  . TYR A 1 93  ? -5.230  3.246   -0.189  1.00 56.85  ? 93  TYR A CB  1 
ATOM   727  C CG  . TYR A 1 93  ? -4.622  2.738   -1.488  1.00 64.22  ? 93  TYR A CG  1 
ATOM   728  C CD1 . TYR A 1 93  ? -5.280  2.900   -2.723  1.00 69.43  ? 93  TYR A CD1 1 
ATOM   729  C CD2 . TYR A 1 93  ? -3.382  2.103   -1.491  1.00 64.62  ? 93  TYR A CD2 1 
ATOM   730  C CE1 . TYR A 1 93  ? -4.708  2.441   -3.931  1.00 60.86  ? 93  TYR A CE1 1 
ATOM   731  C CE2 . TYR A 1 93  ? -2.801  1.629   -2.676  1.00 61.53  ? 93  TYR A CE2 1 
ATOM   732  C CZ  . TYR A 1 93  ? -3.461  1.804   -3.884  1.00 66.65  ? 93  TYR A CZ  1 
ATOM   733  O OH  . TYR A 1 93  ? -2.841  1.334   -5.015  1.00 63.20  ? 93  TYR A OH  1 
ATOM   734  N N   . GLN A 1 94  ? -4.917  0.591   1.506   1.00 65.13  ? 94  GLN A N   1 
ATOM   735  C CA  . GLN A 1 94  ? -4.401  -0.766  1.658   1.00 64.61  ? 94  GLN A CA  1 
ATOM   736  C C   . GLN A 1 94  ? -5.541  -1.774  1.802   1.00 64.31  ? 94  GLN A C   1 
ATOM   737  O O   . GLN A 1 94  ? -5.580  -2.795  1.102   1.00 57.66  ? 94  GLN A O   1 
ATOM   738  C CB  . GLN A 1 94  ? -3.458  -0.830  2.863   1.00 53.13  ? 94  GLN A CB  1 
ATOM   739  C CG  . GLN A 1 94  ? -2.053  -0.298  2.547   1.00 66.53  ? 94  GLN A CG  1 
ATOM   740  C CD  . GLN A 1 94  ? -1.092  -0.328  3.743   1.00 61.24  ? 94  GLN A CD  1 
ATOM   741  O OE1 . GLN A 1 94  ? 0.108   -0.195  3.568   1.00 59.79  ? 94  GLN A OE1 1 
ATOM   742  N NE2 . GLN A 1 94  ? -1.625  -0.503  4.950   1.00 55.94  ? 94  GLN A NE2 1 
ATOM   743  N N   . HIS A 1 95  ? -6.488  -1.484  2.701   1.00 57.61  ? 95  HIS A N   1 
ATOM   744  C CA  . HIS A 1 95  ? -7.614  -2.385  2.930   1.00 61.73  ? 95  HIS A CA  1 
ATOM   745  C C   . HIS A 1 95  ? -8.531  -2.509  1.699   1.00 66.26  ? 95  HIS A C   1 
ATOM   746  O O   . HIS A 1 95  ? -8.958  -3.618  1.342   1.00 63.00  ? 95  HIS A O   1 
ATOM   747  C CB  . HIS A 1 95  ? -8.400  -1.893  4.137   1.00 63.10  ? 95  HIS A CB  1 
ATOM   748  C CG  . HIS A 1 95  ? -9.670  -2.636  4.355   1.00 63.50  ? 95  HIS A CG  1 
ATOM   749  N ND1 . HIS A 1 95  ? -9.693  -3.966  4.717   1.00 64.23  ? 95  HIS A ND1 1 
ATOM   750  C CD2 . HIS A 1 95  ? -10.961 -2.247  4.243   1.00 55.88  ? 95  HIS A CD2 1 
ATOM   751  C CE1 . HIS A 1 95  ? -10.946 -4.366  4.824   1.00 62.22  ? 95  HIS A CE1 1 
ATOM   752  N NE2 . HIS A 1 95  ? -11.734 -3.339  4.555   1.00 65.38  ? 95  HIS A NE2 1 
ATOM   753  N N   . ASN A 1 96  ? -8.859  -1.385  1.044   1.00 61.88  ? 96  ASN A N   1 
ATOM   754  C CA  . ASN A 1 96  ? -9.713  -1.431  -0.147  1.00 66.76  ? 96  ASN A CA  1 
ATOM   755  C C   . ASN A 1 96  ? -9.093  -2.246  -1.275  1.00 65.01  ? 96  ASN A C   1 
ATOM   756  O O   . ASN A 1 96  ? -9.814  -2.728  -2.153  1.00 69.25  ? 96  ASN A O   1 
ATOM   757  C CB  . ASN A 1 96  ? -10.025 -0.019  -0.662  1.00 66.88  ? 96  ASN A CB  1 
ATOM   758  C CG  . ASN A 1 96  ? -10.917 0.772   0.290   1.00 73.15  ? 96  ASN A CG  1 
ATOM   759  O OD1 . ASN A 1 96  ? -11.643 0.196   1.108   1.00 74.48  ? 96  ASN A OD1 1 
ATOM   760  N ND2 . ASN A 1 96  ? -10.871 2.106   0.179   1.00 70.80  ? 96  ASN A ND2 1 
ATOM   761  N N   . HIS A 1 97  ? -7.788  -2.443  -1.264  1.00 62.18  ? 97  HIS A N   1 
ATOM   762  C CA  . HIS A 1 97  ? -7.144  -3.311  -2.239  1.00 63.47  ? 97  HIS A CA  1 
ATOM   763  C C   . HIS A 1 97  ? -6.455  -4.496  -1.564  1.00 62.05  ? 97  HIS A C   1 
ATOM   764  O O   . HIS A 1 97  ? -5.453  -4.997  -2.074  1.00 62.85  ? 97  HIS A O   1 
ATOM   765  C CB  . HIS A 1 97  ? -6.167  -2.500  -3.087  1.00 59.71  ? 97  HIS A CB  1 
ATOM   766  C CG  . HIS A 1 97  ? -6.842  -1.418  -3.882  1.00 78.65  ? 97  HIS A CG  1 
ATOM   767  N ND1 . HIS A 1 97  ? -7.342  -0.267  -3.300  1.00 74.16  ? 97  HIS A ND1 1 
ATOM   768  C CD2 . HIS A 1 97  ? -7.124  -1.326  -5.205  1.00 69.69  ? 97  HIS A CD2 1 
ATOM   769  C CE1 . HIS A 1 97  ? -7.891  0.488   -4.234  1.00 71.59  ? 97  HIS A CE1 1 
ATOM   770  N NE2 . HIS A 1 97  ? -7.774  -0.132  -5.397  1.00 73.36  ? 97  HIS A NE2 1 
ATOM   771  N N   . ARG A 1 98  ? -7.026  -4.984  -0.447  1.00 57.16  ? 98  ARG A N   1 
ATOM   772  C CA  . ARG A 1 98  ? -6.297  -5.870  0.470   1.00 65.87  ? 98  ARG A CA  1 
ATOM   773  C C   . ARG A 1 98  ? -5.678  -7.082  -0.226  1.00 63.94  ? 98  ARG A C   1 
ATOM   774  O O   . ARG A 1 98  ? -4.538  -7.458  0.076   1.00 63.31  ? 98  ARG A O   1 
ATOM   775  C CB  . ARG A 1 98  ? -7.212  -6.312  1.614   1.00 62.15  ? 98  ARG A CB  1 
ATOM   776  C CG  . ARG A 1 98  ? -8.284  -7.259  1.237   1.00 62.14  ? 98  ARG A CG  1 
ATOM   777  C CD  . ARG A 1 98  ? -9.276  -7.410  2.349   1.00 70.17  ? 98  ARG A CD  1 
ATOM   778  N NE  . ARG A 1 98  ? -10.362 -6.439  2.226   1.00 86.80  ? 98  ARG A NE  1 
ATOM   779  C CZ  . ARG A 1 98  ? -11.644 -6.774  2.090   1.00 86.53  ? 98  ARG A CZ  1 
ATOM   780  N NH1 . ARG A 1 98  ? -12.002 -8.053  2.066   1.00 89.66  ? 98  ARG A NH1 1 
ATOM   781  N NH2 . ARG A 1 98  ? -12.567 -5.833  1.988   1.00 87.30  ? 98  ARG A NH2 1 
ATOM   782  N N   . GLN A 1 99  ? -6.387  -7.693  -1.177  1.00 63.81  ? 99  GLN A N   1 
ATOM   783  C CA  . GLN A 1 99  ? -5.784  -8.798  -1.916  1.00 65.61  ? 99  GLN A CA  1 
ATOM   784  C C   . GLN A 1 99  ? -4.580  -8.325  -2.725  1.00 64.10  ? 99  GLN A C   1 
ATOM   785  O O   . GLN A 1 99  ? -3.566  -9.029  -2.819  1.00 69.18  ? 99  GLN A O   1 
ATOM   786  C CB  . GLN A 1 99  ? -6.818  -9.453  -2.831  1.00 73.22  ? 99  GLN A CB  1 
ATOM   787  C CG  . GLN A 1 99  ? -7.761  -10.412 -2.115  1.00 75.21  ? 99  GLN A CG  1 
ATOM   788  C CD  . GLN A 1 99  ? -8.815  -10.968 -3.045  1.00 88.45  ? 99  GLN A CD  1 
ATOM   789  O OE1 . GLN A 1 99  ? -8.583  -11.949 -3.770  1.00 89.49  ? 99  GLN A OE1 1 
ATOM   790  N NE2 . GLN A 1 99  ? -9.988  -10.341 -3.040  1.00 96.50  ? 99  GLN A NE2 1 
ATOM   791  N N   . LEU A 1 100 ? -4.664  -7.129  -3.312  1.00 63.36  ? 100 LEU A N   1 
ATOM   792  C CA  . LEU A 1 100 ? -3.537  -6.631  -4.091  1.00 65.10  ? 100 LEU A CA  1 
ATOM   793  C C   . LEU A 1 100 ? -2.386  -6.259  -3.170  1.00 67.26  ? 100 LEU A C   1 
ATOM   794  O O   . LEU A 1 100 ? -1.229  -6.628  -3.425  1.00 69.46  ? 100 LEU A O   1 
ATOM   795  C CB  . LEU A 1 100 ? -3.978  -5.440  -4.965  1.00 63.18  ? 100 LEU A CB  1 
ATOM   796  C CG  . LEU A 1 100 ? -2.915  -4.765  -5.860  1.00 64.20  ? 100 LEU A CG  1 
ATOM   797  C CD1 . LEU A 1 100 ? -2.214  -5.731  -6.793  1.00 59.01  ? 100 LEU A CD1 1 
ATOM   798  C CD2 . LEU A 1 100 ? -3.505  -3.621  -6.657  1.00 61.88  ? 100 LEU A CD2 1 
ATOM   799  N N   . THR A 1 101 ? -2.710  -5.593  -2.058  1.00 62.91  ? 101 THR A N   1 
ATOM   800  C CA  . THR A 1 101 ? -1.706  -5.124  -1.107  1.00 67.26  ? 101 THR A CA  1 
ATOM   801  C C   . THR A 1 101 ? -0.890  -6.281  -0.534  1.00 63.11  ? 101 THR A C   1 
ATOM   802  O O   . THR A 1 101 ? 0.347   -6.223  -0.481  1.00 58.55  ? 101 THR A O   1 
ATOM   803  C CB  . THR A 1 101 ? -2.401  -4.348  0.015   1.00 66.43  ? 101 THR A CB  1 
ATOM   804  O OG1 . THR A 1 101 ? -3.151  -3.261  -0.545  1.00 64.67  ? 101 THR A OG1 1 
ATOM   805  C CG2 . THR A 1 101 ? -1.384  -3.802  1.003   1.00 60.50  ? 101 THR A CG2 1 
ATOM   806  N N   . ARG A 1 102 ? -1.572  -7.335  -0.083  1.00 66.33  ? 102 ARG A N   1 
ATOM   807  C CA  . ARG A 1 102 ? -0.877  -8.486  0.486   1.00 67.96  ? 102 ARG A CA  1 
ATOM   808  C C   . ARG A 1 102 ? 0.096   -9.084  -0.517  1.00 64.47  ? 102 ARG A C   1 
ATOM   809  O O   . ARG A 1 102 ? 1.255   -9.366  -0.191  1.00 60.29  ? 102 ARG A O   1 
ATOM   810  C CB  . ARG A 1 102 ? -1.891  -9.534  0.919   1.00 64.98  ? 102 ARG A CB  1 
ATOM   811  C CG  . ARG A 1 102 ? -1.260  -10.732 1.555   1.00 64.10  ? 102 ARG A CG  1 
ATOM   812  C CD  . ARG A 1 102 ? -2.255  -11.451 2.448   1.00 64.65  ? 102 ARG A CD  1 
ATOM   813  N NE  . ARG A 1 102 ? -1.649  -12.686 2.885   1.00 74.83  ? 102 ARG A NE  1 
ATOM   814  C CZ  . ARG A 1 102 ? -1.615  -13.786 2.148   1.00 76.96  ? 102 ARG A CZ  1 
ATOM   815  N NH1 . ARG A 1 102 ? -2.185  -13.792 0.945   1.00 79.74  ? 102 ARG A NH1 1 
ATOM   816  N NH2 . ARG A 1 102 ? -1.004  -14.868 2.611   1.00 73.95  ? 102 ARG A NH2 1 
ATOM   817  N N   . PHE A 1 103 ? -0.355  -9.249  -1.757  1.00 62.97  ? 103 PHE A N   1 
ATOM   818  C CA  . PHE A 1 103 ? 0.493   -9.831  -2.790  1.00 65.39  ? 103 PHE A CA  1 
ATOM   819  C C   . PHE A 1 103 ? 1.728   -8.966  -3.044  1.00 65.62  ? 103 PHE A C   1 
ATOM   820  O O   . PHE A 1 103 ? 2.853   -9.472  -3.103  1.00 65.50  ? 103 PHE A O   1 
ATOM   821  C CB  . PHE A 1 103 ? -0.337  -10.022 -4.064  1.00 70.75  ? 103 PHE A CB  1 
ATOM   822  C CG  . PHE A 1 103 ? 0.469   -10.415 -5.249  1.00 70.20  ? 103 PHE A CG  1 
ATOM   823  C CD1 . PHE A 1 103 ? 1.059   -11.672 -5.307  1.00 74.85  ? 103 PHE A CD1 1 
ATOM   824  C CD2 . PHE A 1 103 ? 0.672   -9.520  -6.296  1.00 62.56  ? 103 PHE A CD2 1 
ATOM   825  C CE1 . PHE A 1 103 ? 1.824   -12.045 -6.395  1.00 69.97  ? 103 PHE A CE1 1 
ATOM   826  C CE2 . PHE A 1 103 ? 1.437   -9.881  -7.371  1.00 65.45  ? 103 PHE A CE2 1 
ATOM   827  C CZ  . PHE A 1 103 ? 2.012   -11.155 -7.422  1.00 73.08  ? 103 PHE A CZ  1 
ATOM   828  N N   . VAL A 1 104 ? 1.542   -7.648  -3.166  1.00 65.57  ? 104 VAL A N   1 
ATOM   829  C CA  . VAL A 1 104 ? 2.664   -6.750  -3.453  1.00 68.69  ? 104 VAL A CA  1 
ATOM   830  C C   . VAL A 1 104 ? 3.711   -6.774  -2.336  1.00 63.44  ? 104 VAL A C   1 
ATOM   831  O O   . VAL A 1 104 ? 4.920   -6.698  -2.596  1.00 61.72  ? 104 VAL A O   1 
ATOM   832  C CB  . VAL A 1 104 ? 2.130   -5.328  -3.707  1.00 63.20  ? 104 VAL A CB  1 
ATOM   833  C CG1 . VAL A 1 104 ? 3.231   -4.422  -4.130  1.00 63.66  ? 104 VAL A CG1 1 
ATOM   834  C CG2 . VAL A 1 104 ? 1.134   -5.394  -4.810  1.00 68.94  ? 104 VAL A CG2 1 
ATOM   835  N N   . TYR A 1 105 ? 3.271   -6.841  -1.078  1.00 60.94  ? 105 TYR A N   1 
ATOM   836  C CA  . TYR A 1 105 ? 4.227   -6.787  0.022   1.00 58.29  ? 105 TYR A CA  1 
ATOM   837  C C   . TYR A 1 105 ? 4.917   -8.123  0.250   1.00 63.22  ? 105 TYR A C   1 
ATOM   838  O O   . TYR A 1 105 ? 6.023   -8.155  0.793   1.00 72.53  ? 105 TYR A O   1 
ATOM   839  C CB  . TYR A 1 105 ? 3.541   -6.369  1.318   1.00 54.04  ? 105 TYR A CB  1 
ATOM   840  C CG  . TYR A 1 105 ? 3.077   -4.923  1.363   1.00 60.11  ? 105 TYR A CG  1 
ATOM   841  C CD1 . TYR A 1 105 ? 3.573   -3.972  0.471   1.00 63.79  ? 105 TYR A CD1 1 
ATOM   842  C CD2 . TYR A 1 105 ? 2.122   -4.518  2.287   1.00 52.02  ? 105 TYR A CD2 1 
ATOM   843  C CE1 . TYR A 1 105 ? 3.138   -2.647  0.508   1.00 59.01  ? 105 TYR A CE1 1 
ATOM   844  C CE2 . TYR A 1 105 ? 1.690   -3.206  2.344   1.00 58.35  ? 105 TYR A CE2 1 
ATOM   845  C CZ  . TYR A 1 105 ? 2.190   -2.267  1.454   1.00 65.53  ? 105 TYR A CZ  1 
ATOM   846  O OH  . TYR A 1 105 ? 1.730   -0.957  1.513   1.00 55.56  ? 105 TYR A OH  1 
ATOM   847  N N   . ARG A 1 106 ? 4.286   -9.230  -0.126  1.00 67.39  ? 106 ARG A N   1 
ATOM   848  C CA  . ARG A 1 106 ? 4.800   -10.542 0.233   1.00 68.55  ? 106 ARG A CA  1 
ATOM   849  C C   . ARG A 1 106 ? 5.465   -11.276 -0.917  1.00 71.11  ? 106 ARG A C   1 
ATOM   850  O O   . ARG A 1 106 ? 6.351   -12.092 -0.655  1.00 70.71  ? 106 ARG A O   1 
ATOM   851  C CB  . ARG A 1 106 ? 3.680   -11.435 0.783   1.00 62.34  ? 106 ARG A CB  1 
ATOM   852  C CG  . ARG A 1 106 ? 3.058   -10.909 2.045   1.00 63.45  ? 106 ARG A CG  1 
ATOM   853  C CD  . ARG A 1 106 ? 2.112   -11.929 2.648   1.00 74.16  ? 106 ARG A CD  1 
ATOM   854  N NE  . ARG A 1 106 ? 2.826   -13.048 3.261   1.00 74.55  ? 106 ARG A NE  1 
ATOM   855  C CZ  . ARG A 1 106 ? 2.605   -13.490 4.495   1.00 71.48  ? 106 ARG A CZ  1 
ATOM   856  N NH1 . ARG A 1 106 ? 1.687   -12.916 5.255   1.00 69.68  ? 106 ARG A NH1 1 
ATOM   857  N NH2 . ARG A 1 106 ? 3.296   -14.520 4.965   1.00 90.06  ? 106 ARG A NH2 1 
ATOM   858  N N   . GLU A 1 107 ? 5.063   -11.009 -2.162  1.00 72.47  ? 107 GLU A N   1 
ATOM   859  C CA  . GLU A 1 107 ? 5.486   -11.827 -3.293  1.00 75.31  ? 107 GLU A CA  1 
ATOM   860  C C   . GLU A 1 107 ? 6.994   -12.051 -3.284  1.00 80.06  ? 107 GLU A C   1 
ATOM   861  O O   . GLU A 1 107 ? 7.784   -11.097 -3.254  1.00 77.17  ? 107 GLU A O   1 
ATOM   862  C CB  . GLU A 1 107 ? 5.048   -11.202 -4.619  1.00 70.73  ? 107 GLU A CB  1 
ATOM   863  C CG  . GLU A 1 107 ? 5.635   -11.902 -5.856  1.00 73.69  ? 107 GLU A CG  1 
ATOM   864  C CD  . GLU A 1 107 ? 5.467   -13.431 -5.839  1.00 78.49  ? 107 GLU A CD  1 
ATOM   865  O OE1 . GLU A 1 107 ? 6.345   -14.138 -6.391  1.00 80.89  ? 107 GLU A OE1 1 
ATOM   866  O OE2 . GLU A 1 107 ? 4.466   -13.942 -5.282  1.00 74.86  ? 107 GLU A OE2 1 
ATOM   867  N N   . VAL A 1 108 ? 7.365   -13.337 -3.293  1.00 76.97  ? 108 VAL A N   1 
ATOM   868  C CA  . VAL A 1 108 ? 8.735   -13.758 -3.009  1.00 82.53  ? 108 VAL A CA  1 
ATOM   869  C C   . VAL A 1 108 ? 9.677   -13.372 -4.148  1.00 88.44  ? 108 VAL A C   1 
ATOM   870  O O   . VAL A 1 108 ? 10.798  -12.905 -3.913  1.00 88.69  ? 108 VAL A O   1 
ATOM   871  C CB  . VAL A 1 108 ? 8.752   -15.271 -2.723  1.00 86.47  ? 108 VAL A CB  1 
ATOM   872  C CG1 . VAL A 1 108 ? 10.104  -15.838 -2.993  1.00 83.46  ? 108 VAL A CG1 1 
ATOM   873  C CG2 . VAL A 1 108 ? 8.332   -15.553 -1.264  1.00 76.84  ? 108 VAL A CG2 1 
ATOM   874  N N   . THR A 1 109 ? 9.238   -13.545 -5.395  1.00 92.50  ? 109 THR A N   1 
ATOM   875  C CA  . THR A 1 109 ? 10.039  -13.134 -6.543  1.00 94.93  ? 109 THR A CA  1 
ATOM   876  C C   . THR A 1 109 ? 10.096  -11.610 -6.633  1.00 102.97 ? 109 THR A C   1 
ATOM   877  O O   . THR A 1 109 ? 10.867  -10.982 -5.896  1.00 105.54 ? 109 THR A O   1 
ATOM   878  C CB  . THR A 1 109 ? 9.486   -13.742 -7.838  1.00 90.00  ? 109 THR A CB  1 
ATOM   879  O OG1 . THR A 1 109 ? 8.184   -13.215 -8.068  1.00 89.50  ? 109 THR A OG1 1 
ATOM   880  C CG2 . THR A 1 109 ? 9.379   -15.270 -7.739  1.00 85.56  ? 109 THR A CG2 1 
ATOM   881  N N   . ILE A 1 110 ? 9.293   -11.007 -7.527  1.00 102.29 ? 110 ILE A N   1 
ATOM   882  C CA  . ILE A 1 110 ? 9.386   -9.583  -7.881  1.00 106.78 ? 110 ILE A CA  1 
ATOM   883  C C   . ILE A 1 110 ? 10.847  -9.319  -8.311  1.00 112.46 ? 110 ILE A C   1 
ATOM   884  O O   . ILE A 1 110 ? 11.594  -10.275 -8.568  1.00 114.58 ? 110 ILE A O   1 
ATOM   885  C CB  . ILE A 1 110 ? 8.821   -8.707  -6.722  1.00 107.21 ? 110 ILE A CB  1 
ATOM   886  C CG1 . ILE A 1 110 ? 7.281   -8.846  -6.664  1.00 100.80 ? 110 ILE A CG1 1 
ATOM   887  C CG2 . ILE A 1 110 ? 9.134   -7.208  -6.802  1.00 107.58 ? 110 ILE A CG2 1 
ATOM   888  C CD1 . ILE A 1 110 ? 6.526   -7.649  -6.001  1.00 79.62  ? 110 ILE A CD1 1 
ATOM   889  N N   . ASP A 1 111 ? 11.255  -8.051  -8.462  1.00 106.49 ? 111 ASP A N   1 
ATOM   890  C CA  . ASP A 1 111 ? 12.492  -7.637  -9.133  1.00 109.60 ? 111 ASP A CA  1 
ATOM   891  C C   . ASP A 1 111 ? 12.377  -7.909  -10.626 1.00 112.32 ? 111 ASP A C   1 
ATOM   892  O O   . ASP A 1 111 ? 12.364  -9.071  -11.050 1.00 116.97 ? 111 ASP A O   1 
ATOM   893  C CB  . ASP A 1 111 ? 13.749  -8.343  -8.609  1.00 110.51 ? 111 ASP A CB  1 
ATOM   894  C CG  . ASP A 1 111 ? 13.746  -8.539  -7.105  1.00 119.69 ? 111 ASP A CG  1 
ATOM   895  O OD1 . ASP A 1 111 ? 13.605  -7.545  -6.350  1.00 115.70 ? 111 ASP A OD1 1 
ATOM   896  O OD2 . ASP A 1 111 ? 13.886  -9.712  -6.685  1.00 124.13 ? 111 ASP A OD2 1 
ATOM   897  N N   . SER A 1 112 ? 12.306  -6.853  -11.431 1.00 107.14 ? 112 SER A N   1 
ATOM   898  C CA  . SER A 1 112 ? 12.188  -7.023  -12.869 1.00 103.51 ? 112 SER A CA  1 
ATOM   899  C C   . SER A 1 112 ? 12.397  -5.696  -13.584 1.00 105.16 ? 112 SER A C   1 
ATOM   900  O O   . SER A 1 112 ? 11.466  -5.195  -14.219 1.00 108.57 ? 112 SER A O   1 
ATOM   901  C CB  . SER A 1 112 ? 10.819  -7.611  -13.217 1.00 100.74 ? 112 SER A CB  1 
ATOM   902  O OG  . SER A 1 112 ? 9.909   -6.596  -13.612 1.00 108.93 ? 112 SER A OG  1 
ATOM   903  N N   . THR A 1 113 ? 13.601  -5.124  -13.488 1.00 107.59 ? 113 THR A N   1 
ATOM   904  C CA  . THR A 1 113 ? 13.971  -3.873  -14.157 1.00 106.48 ? 113 THR A CA  1 
ATOM   905  C C   . THR A 1 113 ? 12.864  -2.835  -14.063 1.00 101.67 ? 113 THR A C   1 
ATOM   906  O O   . THR A 1 113 ? 12.999  -1.825  -13.365 1.00 104.42 ? 113 THR A O   1 
ATOM   907  C CB  . THR A 1 113 ? 14.327  -4.113  -15.633 1.00 103.54 ? 113 THR A CB  1 
ATOM   908  O OG1 . THR A 1 113 ? 15.443  -5.011  -15.722 1.00 112.35 ? 113 THR A OG1 1 
ATOM   909  C CG2 . THR A 1 113 ? 14.682  -2.800  -16.330 1.00 92.54  ? 113 THR A CG2 1 
ATOM   910  N N   . LEU A 1 114 ? 11.778  -3.083  -14.796 1.00 100.92 ? 114 LEU A N   1 
ATOM   911  C CA  . LEU A 1 114 ? 10.572  -2.274  -14.685 1.00 100.93 ? 114 LEU A CA  1 
ATOM   912  C C   . LEU A 1 114 ? 10.140  -2.109  -13.229 1.00 101.24 ? 114 LEU A C   1 
ATOM   913  O O   . LEU A 1 114 ? 9.921   -0.984  -12.761 1.00 98.44  ? 114 LEU A O   1 
ATOM   914  C CB  . LEU A 1 114 ? 9.463   -2.919  -15.521 1.00 96.96  ? 114 LEU A CB  1 
ATOM   915  C CG  . LEU A 1 114 ? 8.075   -2.269  -15.503 1.00 101.04 ? 114 LEU A CG  1 
ATOM   916  C CD1 . LEU A 1 114 ? 8.158   -0.747  -15.670 1.00 99.25  ? 114 LEU A CD1 1 
ATOM   917  C CD2 . LEU A 1 114 ? 7.175   -2.894  -16.585 1.00 97.57  ? 114 LEU A CD2 1 
ATOM   918  N N   . ILE A 1 115 ? 10.033  -3.219  -12.489 1.00 99.68  ? 115 ILE A N   1 
ATOM   919  C CA  . ILE A 1 115 ? 9.562   -3.133  -11.108 1.00 96.34  ? 115 ILE A CA  1 
ATOM   920  C C   . ILE A 1 115 ? 10.605  -2.453  -10.225 1.00 95.01  ? 115 ILE A C   1 
ATOM   921  O O   . ILE A 1 115 ? 10.268  -1.616  -9.380  1.00 91.75  ? 115 ILE A O   1 
ATOM   922  C CB  . ILE A 1 115 ? 9.170   -4.520  -10.565 1.00 95.36  ? 115 ILE A CB  1 
ATOM   923  C CG1 . ILE A 1 115 ? 7.758   -4.901  -11.015 1.00 91.54  ? 115 ILE A CG1 1 
ATOM   924  C CG2 . ILE A 1 115 ? 9.174   -4.508  -9.061  1.00 86.95  ? 115 ILE A CG2 1 
ATOM   925  C CD1 . ILE A 1 115 ? 7.423   -6.352  -10.746 1.00 87.35  ? 115 ILE A CD1 1 
ATOM   926  N N   . ARG A 1 116 ? 11.892  -2.793  -10.404 1.00 100.88 ? 116 ARG A N   1 
ATOM   927  C CA  . ARG A 1 116 ? 12.936  -2.054  -9.690  1.00 96.76  ? 116 ARG A CA  1 
ATOM   928  C C   . ARG A 1 116 ? 12.826  -0.551  -9.948  1.00 94.11  ? 116 ARG A C   1 
ATOM   929  O O   . ARG A 1 116 ? 13.177  0.259   -9.085  1.00 99.40  ? 116 ARG A O   1 
ATOM   930  C CB  . ARG A 1 116 ? 14.337  -2.569  -10.067 1.00 92.11  ? 116 ARG A CB  1 
ATOM   931  C CG  . ARG A 1 116 ? 14.755  -3.914  -9.428  1.00 104.82 ? 116 ARG A CG  1 
ATOM   932  C CD  . ARG A 1 116 ? 14.708  -5.086  -10.412 1.00 109.62 ? 116 ARG A CD  1 
ATOM   933  N NE  . ARG A 1 116 ? 15.839  -5.098  -11.343 1.00 111.74 ? 116 ARG A NE  1 
ATOM   934  C CZ  . ARG A 1 116 ? 16.147  -6.116  -12.150 1.00 114.84 ? 116 ARG A CZ  1 
ATOM   935  N NH1 . ARG A 1 116 ? 17.190  -6.026  -12.970 1.00 116.43 ? 116 ARG A NH1 1 
ATOM   936  N NH2 . ARG A 1 116 ? 15.395  -7.213  -12.163 1.00 111.63 ? 116 ARG A NH2 1 
ATOM   937  N N   . GLU A 1 117 ? 12.275  -0.167  -11.094 1.00 92.05  ? 117 GLU A N   1 
ATOM   938  C CA  . GLU A 1 117 ? 12.137  1.227   -11.496 1.00 95.35  ? 117 GLU A CA  1 
ATOM   939  C C   . GLU A 1 117 ? 10.818  1.858   -11.047 1.00 91.09  ? 117 GLU A C   1 
ATOM   940  O O   . GLU A 1 117 ? 10.789  3.056   -10.731 1.00 86.15  ? 117 GLU A O   1 
ATOM   941  C CB  . GLU A 1 117 ? 12.273  1.329   -13.017 1.00 98.65  ? 117 GLU A CB  1 
ATOM   942  C CG  . GLU A 1 117 ? 11.868  2.674   -13.588 1.00 100.98 ? 117 GLU A CG  1 
ATOM   943  C CD  . GLU A 1 117 ? 11.556  2.604   -15.066 1.00 111.78 ? 117 GLU A CD  1 
ATOM   944  O OE1 . GLU A 1 117 ? 10.355  2.479   -15.413 1.00 110.34 ? 117 GLU A OE1 1 
ATOM   945  O OE2 . GLU A 1 117 ? 12.513  2.664   -15.874 1.00 119.25 ? 117 GLU A OE2 1 
ATOM   946  N N   . ILE A 1 118 ? 9.719   1.090   -11.048 1.00 85.67  ? 118 ILE A N   1 
ATOM   947  C CA  . ILE A 1 118 ? 8.482   1.546   -10.412 1.00 84.66  ? 118 ILE A CA  1 
ATOM   948  C C   . ILE A 1 118 ? 8.719   1.823   -8.935  1.00 89.25  ? 118 ILE A C   1 
ATOM   949  O O   . ILE A 1 118 ? 8.262   2.837   -8.389  1.00 83.93  ? 118 ILE A O   1 
ATOM   950  C CB  . ILE A 1 118 ? 7.358   0.508   -10.601 1.00 88.20  ? 118 ILE A CB  1 
ATOM   951  C CG1 . ILE A 1 118 ? 6.923   0.432   -12.064 1.00 88.94  ? 118 ILE A CG1 1 
ATOM   952  C CG2 . ILE A 1 118 ? 6.164   0.826   -9.691  1.00 74.42  ? 118 ILE A CG2 1 
ATOM   953  C CD1 . ILE A 1 118 ? 6.388   -0.927  -12.457 1.00 86.59  ? 118 ILE A CD1 1 
ATOM   954  N N   . MET A 1 119 ? 9.437   0.921   -8.266  1.00 89.95  ? 119 MET A N   1 
ATOM   955  C CA  . MET A 1 119 ? 9.666   1.063   -6.838  1.00 85.58  ? 119 MET A CA  1 
ATOM   956  C C   . MET A 1 119 ? 10.516  2.286   -6.540  1.00 86.25  ? 119 MET A C   1 
ATOM   957  O O   . MET A 1 119 ? 10.199  3.071   -5.636  1.00 88.25  ? 119 MET A O   1 
ATOM   958  C CB  . MET A 1 119 ? 10.326  -0.201  -6.297  1.00 84.87  ? 119 MET A CB  1 
ATOM   959  C CG  . MET A 1 119 ? 9.399   -1.376  -6.268  1.00 84.82  ? 119 MET A CG  1 
ATOM   960  S SD  . MET A 1 119 ? 8.232   -1.137  -4.927  1.00 98.98  ? 119 MET A SD  1 
ATOM   961  C CE  . MET A 1 119 ? 9.351   -0.678  -3.581  1.00 76.68  ? 119 MET A CE  1 
ATOM   962  N N   . SER A 1 120 ? 11.607  2.462   -7.289  1.00 87.16  ? 120 SER A N   1 
ATOM   963  C CA  . SER A 1 120 ? 12.474  3.617   -7.074  1.00 88.53  ? 120 SER A CA  1 
ATOM   964  C C   . SER A 1 120 ? 11.697  4.921   -7.210  1.00 86.05  ? 120 SER A C   1 
ATOM   965  O O   . SER A 1 120 ? 11.835  5.827   -6.379  1.00 87.47  ? 120 SER A O   1 
ATOM   966  C CB  . SER A 1 120 ? 13.648  3.567   -8.051  1.00 93.42  ? 120 SER A CB  1 
ATOM   967  O OG  . SER A 1 120 ? 13.196  3.735   -9.383  1.00 103.55 ? 120 SER A OG  1 
ATOM   968  N N   . THR A 1 121 ? 10.835  5.013   -8.222  1.00 84.76  ? 121 THR A N   1 
ATOM   969  C CA  . THR A 1 121 ? 10.013  6.204   -8.398  1.00 84.85  ? 121 THR A CA  1 
ATOM   970  C C   . THR A 1 121 ? 9.174   6.487   -7.158  1.00 80.31  ? 121 THR A C   1 
ATOM   971  O O   . THR A 1 121 ? 9.225   7.584   -6.594  1.00 85.16  ? 121 THR A O   1 
ATOM   972  C CB  . THR A 1 121 ? 9.125   6.034   -9.629  1.00 85.70  ? 121 THR A CB  1 
ATOM   973  O OG1 . THR A 1 121 ? 9.951   6.079   -10.797 1.00 86.26  ? 121 THR A OG1 1 
ATOM   974  C CG2 . THR A 1 121 ? 8.066   7.136   -9.693  1.00 75.66  ? 121 THR A CG2 1 
ATOM   975  N N   . TYR A 1 122 ? 8.393   5.505   -6.717  1.00 78.15  ? 122 TYR A N   1 
ATOM   976  C CA  . TYR A 1 122 ? 7.505   5.742   -5.585  1.00 78.23  ? 122 TYR A CA  1 
ATOM   977  C C   . TYR A 1 122 ? 8.289   6.131   -4.334  1.00 79.59  ? 122 TYR A C   1 
ATOM   978  O O   . TYR A 1 122 ? 7.864   7.020   -3.581  1.00 76.08  ? 122 TYR A O   1 
ATOM   979  C CB  . TYR A 1 122 ? 6.640   4.505   -5.339  1.00 78.90  ? 122 TYR A CB  1 
ATOM   980  C CG  . TYR A 1 122 ? 6.369   4.195   -3.885  1.00 75.55  ? 122 TYR A CG  1 
ATOM   981  C CD1 . TYR A 1 122 ? 5.406   4.904   -3.167  1.00 68.23  ? 122 TYR A CD1 1 
ATOM   982  C CD2 . TYR A 1 122 ? 7.076   3.178   -3.230  1.00 73.90  ? 122 TYR A CD2 1 
ATOM   983  C CE1 . TYR A 1 122 ? 5.161   4.616   -1.827  1.00 71.55  ? 122 TYR A CE1 1 
ATOM   984  C CE2 . TYR A 1 122 ? 6.835   2.874   -1.900  1.00 69.15  ? 122 TYR A CE2 1 
ATOM   985  C CZ  . TYR A 1 122 ? 5.881   3.595   -1.204  1.00 73.73  ? 122 TYR A CZ  1 
ATOM   986  O OH  . TYR A 1 122 ? 5.652   3.289   0.115   1.00 69.77  ? 122 TYR A OH  1 
ATOM   987  N N   . LEU A 1 123 ? 9.445   5.493   -4.103  1.00 79.52  ? 123 LEU A N   1 
ATOM   988  C CA  . LEU A 1 123 ? 10.211  5.786   -2.891  1.00 79.30  ? 123 LEU A CA  1 
ATOM   989  C C   . LEU A 1 123 ? 10.780  7.203   -2.897  1.00 81.27  ? 123 LEU A C   1 
ATOM   990  O O   . LEU A 1 123 ? 10.805  7.865   -1.856  1.00 78.49  ? 123 LEU A O   1 
ATOM   991  C CB  . LEU A 1 123 ? 11.334  4.769   -2.691  1.00 70.82  ? 123 LEU A CB  1 
ATOM   992  C CG  . LEU A 1 123 ? 10.973  3.304   -2.440  1.00 72.97  ? 123 LEU A CG  1 
ATOM   993  C CD1 . LEU A 1 123 ? 12.188  2.429   -2.645  1.00 69.04  ? 123 LEU A CD1 1 
ATOM   994  C CD2 . LEU A 1 123 ? 10.408  3.127   -1.023  1.00 64.53  ? 123 LEU A CD2 1 
ATOM   995  N N   . MET A 1 124 ? 11.254  7.688   -4.045  1.00 83.83  ? 124 MET A N   1 
ATOM   996  C CA  . MET A 1 124 ? 11.722  9.071   -4.100  1.00 79.55  ? 124 MET A CA  1 
ATOM   997  C C   . MET A 1 124 ? 10.572  10.033  -3.876  1.00 77.91  ? 124 MET A C   1 
ATOM   998  O O   . MET A 1 124 ? 10.715  11.025  -3.151  1.00 83.05  ? 124 MET A O   1 
ATOM   999  C CB  . MET A 1 124 ? 12.393  9.367   -5.438  1.00 84.32  ? 124 MET A CB  1 
ATOM   1000 C CG  . MET A 1 124 ? 13.560  8.474   -5.773  1.00 90.98  ? 124 MET A CG  1 
ATOM   1001 S SD  . MET A 1 124 ? 14.740  9.336   -6.827  1.00 113.46 ? 124 MET A SD  1 
ATOM   1002 C CE  . MET A 1 124 ? 15.565  10.380  -5.609  1.00 103.17 ? 124 MET A CE  1 
ATOM   1003 N N   . LYS A 1 125 ? 9.421   9.754   -4.484  1.00 76.01  ? 125 LYS A N   1 
ATOM   1004 C CA  . LYS A 1 125 ? 8.256   10.595  -4.261  1.00 79.45  ? 125 LYS A CA  1 
ATOM   1005 C C   . LYS A 1 125 ? 7.817   10.548  -2.799  1.00 77.87  ? 125 LYS A C   1 
ATOM   1006 O O   . LYS A 1 125 ? 7.553   11.594  -2.191  1.00 80.05  ? 125 LYS A O   1 
ATOM   1007 C CB  . LYS A 1 125 ? 7.127   10.175  -5.208  1.00 77.66  ? 125 LYS A CB  1 
ATOM   1008 C CG  . LYS A 1 125 ? 5.742   10.577  -4.716  1.00 81.08  ? 125 LYS A CG  1 
ATOM   1009 C CD  . LYS A 1 125 ? 4.694   10.445  -5.807  1.00 87.99  ? 125 LYS A CD  1 
ATOM   1010 C CE  . LYS A 1 125 ? 5.293   10.648  -7.200  1.00 93.52  ? 125 LYS A CE  1 
ATOM   1011 N NZ  . LYS A 1 125 ? 4.247   10.894  -8.241  1.00 98.10  ? 125 LYS A NZ  1 
ATOM   1012 N N   . GLU A 1 126 ? 7.772   9.350   -2.205  1.00 78.17  ? 126 GLU A N   1 
ATOM   1013 C CA  . GLU A 1 126 ? 7.357   9.214   -0.806  1.00 77.51  ? 126 GLU A CA  1 
ATOM   1014 C C   . GLU A 1 126 ? 8.301   9.972   0.122   1.00 79.44  ? 126 GLU A C   1 
ATOM   1015 O O   . GLU A 1 126 ? 7.862   10.681  1.043   1.00 70.31  ? 126 GLU A O   1 
ATOM   1016 C CB  . GLU A 1 126 ? 7.304   7.730   -0.424  1.00 67.97  ? 126 GLU A CB  1 
ATOM   1017 C CG  . GLU A 1 126 ? 6.847   7.465   1.009   1.00 64.89  ? 126 GLU A CG  1 
ATOM   1018 C CD  . GLU A 1 126 ? 6.841   5.973   1.380   1.00 71.05  ? 126 GLU A CD  1 
ATOM   1019 O OE1 . GLU A 1 126 ? 7.893   5.275   1.253   1.00 66.74  ? 126 GLU A OE1 1 
ATOM   1020 O OE2 . GLU A 1 126 ? 5.762   5.494   1.800   1.00 76.03  ? 126 GLU A OE2 1 
ATOM   1021 N N   . LYS A 1 127 ? 9.608   9.822   -0.107  1.00 76.12  ? 127 LYS A N   1 
ATOM   1022 C CA  . LYS A 1 127 ? 10.598  10.536  0.689   1.00 77.58  ? 127 LYS A CA  1 
ATOM   1023 C C   . LYS A 1 127 ? 10.380  12.039  0.588   1.00 81.96  ? 127 LYS A C   1 
ATOM   1024 O O   . LYS A 1 127 ? 10.335  12.743  1.608   1.00 82.27  ? 127 LYS A O   1 
ATOM   1025 C CB  . LYS A 1 127 ? 12.007  10.132  0.233   1.00 79.52  ? 127 LYS A CB  1 
ATOM   1026 C CG  . LYS A 1 127 ? 13.158  10.779  0.962   1.00 83.39  ? 127 LYS A CG  1 
ATOM   1027 C CD  . LYS A 1 127 ? 14.487  10.133  0.591   1.00 80.77  ? 127 LYS A CD  1 
ATOM   1028 C CE  . LYS A 1 127 ? 15.649  11.003  1.106   1.00 94.15  ? 127 LYS A CE  1 
ATOM   1029 N NZ  . LYS A 1 127 ? 17.005  10.358  1.066   1.00 84.40  ? 127 LYS A NZ  1 
ATOM   1030 N N   . TYR A 1 128 ? 10.151  12.532  -0.630  1.00 83.10  ? 128 TYR A N   1 
ATOM   1031 C CA  . TYR A 1 128 ? 10.076  13.971  -0.855  1.00 87.06  ? 128 TYR A CA  1 
ATOM   1032 C C   . TYR A 1 128 ? 8.843   14.582  -0.192  1.00 87.45  ? 128 TYR A C   1 
ATOM   1033 O O   . TYR A 1 128 ? 8.930   15.631  0.459   1.00 87.79  ? 128 TYR A O   1 
ATOM   1034 C CB  . TYR A 1 128 ? 10.077  14.250  -2.356  1.00 90.12  ? 128 TYR A CB  1 
ATOM   1035 C CG  . TYR A 1 128 ? 9.840   15.700  -2.676  1.00 100.86 ? 128 TYR A CG  1 
ATOM   1036 C CD1 . TYR A 1 128 ? 8.719   16.099  -3.399  1.00 99.77  ? 128 TYR A CD1 1 
ATOM   1037 C CD2 . TYR A 1 128 ? 10.730  16.678  -2.242  1.00 103.51 ? 128 TYR A CD2 1 
ATOM   1038 C CE1 . TYR A 1 128 ? 8.491   17.433  -3.684  1.00 104.02 ? 128 TYR A CE1 1 
ATOM   1039 C CE2 . TYR A 1 128 ? 10.512  18.013  -2.523  1.00 105.62 ? 128 TYR A CE2 1 
ATOM   1040 C CZ  . TYR A 1 128 ? 9.391   18.384  -3.244  1.00 107.25 ? 128 TYR A CZ  1 
ATOM   1041 O OH  . TYR A 1 128 ? 9.165   19.712  -3.529  1.00 116.91 ? 128 TYR A OH  1 
ATOM   1042 N N   . ILE A 1 129 ? 7.688   13.934  -0.341  1.00 83.94  ? 129 ILE A N   1 
ATOM   1043 C CA  . ILE A 1 129 ? 6.468   14.442  0.271   1.00 81.03  ? 129 ILE A CA  1 
ATOM   1044 C C   . ILE A 1 129 ? 6.600   14.480  1.787   1.00 78.01  ? 129 ILE A C   1 
ATOM   1045 O O   . ILE A 1 129 ? 6.108   15.405  2.445   1.00 79.20  ? 129 ILE A O   1 
ATOM   1046 C CB  . ILE A 1 129 ? 5.265   13.598  -0.187  1.00 76.97  ? 129 ILE A CB  1 
ATOM   1047 C CG1 . ILE A 1 129 ? 5.039   13.834  -1.677  1.00 78.55  ? 129 ILE A CG1 1 
ATOM   1048 C CG2 . ILE A 1 129 ? 4.015   13.925  0.618   1.00 81.10  ? 129 ILE A CG2 1 
ATOM   1049 C CD1 . ILE A 1 129 ? 3.651   13.550  -2.135  1.00 84.52  ? 129 ILE A CD1 1 
ATOM   1050 N N   . PHE A 1 130 ? 7.293   13.502  2.371   1.00 78.97  ? 130 PHE A N   1 
ATOM   1051 C CA  . PHE A 1 130 ? 7.391   13.518  3.824   1.00 81.12  ? 130 PHE A CA  1 
ATOM   1052 C C   . PHE A 1 130 ? 8.309   14.627  4.323   1.00 83.15  ? 130 PHE A C   1 
ATOM   1053 O O   . PHE A 1 130 ? 8.123   15.103  5.446   1.00 83.27  ? 130 PHE A O   1 
ATOM   1054 C CB  . PHE A 1 130 ? 7.821   12.153  4.355   1.00 72.49  ? 130 PHE A CB  1 
ATOM   1055 C CG  . PHE A 1 130 ? 6.667   11.228  4.585   1.00 72.87  ? 130 PHE A CG  1 
ATOM   1056 C CD1 . PHE A 1 130 ? 5.883   11.355  5.724   1.00 68.64  ? 130 PHE A CD1 1 
ATOM   1057 C CD2 . PHE A 1 130 ? 6.335   10.250  3.645   1.00 68.57  ? 130 PHE A CD2 1 
ATOM   1058 C CE1 . PHE A 1 130 ? 4.794   10.511  5.945   1.00 65.43  ? 130 PHE A CE1 1 
ATOM   1059 C CE2 . PHE A 1 130 ? 5.250   9.405   3.854   1.00 66.11  ? 130 PHE A CE2 1 
ATOM   1060 C CZ  . PHE A 1 130 ? 4.468   9.540   5.008   1.00 62.36  ? 130 PHE A CZ  1 
ATOM   1061 N N   . GLN A 1 131 ? 9.281   15.069  3.519   1.00 84.48  ? 131 GLN A N   1 
ATOM   1062 C CA  . GLN A 1 131 ? 10.051  16.240  3.933   1.00 86.96  ? 131 GLN A CA  1 
ATOM   1063 C C   . GLN A 1 131 ? 9.192   17.490  3.871   1.00 89.38  ? 131 GLN A C   1 
ATOM   1064 O O   . GLN A 1 131 ? 9.175   18.279  4.817   1.00 92.48  ? 131 GLN A O   1 
ATOM   1065 C CB  . GLN A 1 131 ? 11.303  16.413  3.080   1.00 90.00  ? 131 GLN A CB  1 
ATOM   1066 C CG  . GLN A 1 131 ? 11.812  15.123  2.532   1.00 93.96  ? 131 GLN A CG  1 
ATOM   1067 C CD  . GLN A 1 131 ? 13.273  15.168  2.180   1.00 98.27  ? 131 GLN A CD  1 
ATOM   1068 O OE1 . GLN A 1 131 ? 13.962  16.135  2.502   1.00 110.15 ? 131 GLN A OE1 1 
ATOM   1069 N NE2 . GLN A 1 131 ? 13.762  14.114  1.514   1.00 92.93  ? 131 GLN A NE2 1 
ATOM   1070 N N   . LEU A 1 132 ? 8.463   17.685  2.768   1.00 89.82  ? 132 LEU A N   1 
ATOM   1071 C CA  . LEU A 1 132 ? 7.562   18.833  2.674   1.00 88.99  ? 132 LEU A CA  1 
ATOM   1072 C C   . LEU A 1 132 ? 6.657   18.905  3.889   1.00 88.80  ? 132 LEU A C   1 
ATOM   1073 O O   . LEU A 1 132 ? 6.597   19.931  4.573   1.00 95.21  ? 132 LEU A O   1 
ATOM   1074 C CB  . LEU A 1 132 ? 6.711   18.764  1.406   1.00 88.76  ? 132 LEU A CB  1 
ATOM   1075 C CG  . LEU A 1 132 ? 7.418   18.860  0.062   1.00 96.44  ? 132 LEU A CG  1 
ATOM   1076 C CD1 . LEU A 1 132 ? 6.382   19.172  -1.020  1.00 95.70  ? 132 LEU A CD1 1 
ATOM   1077 C CD2 . LEU A 1 132 ? 8.534   19.906  0.109   1.00 95.39  ? 132 LEU A CD2 1 
ATOM   1078 N N   . ILE A 1 133 ? 5.958   17.808  4.186   1.00 84.95  ? 133 ILE A N   1 
ATOM   1079 C CA  . ILE A 1 133 ? 5.047   17.809  5.322   1.00 88.98  ? 133 ILE A CA  1 
ATOM   1080 C C   . ILE A 1 133 ? 5.795   18.147  6.611   1.00 92.95  ? 133 ILE A C   1 
ATOM   1081 O O   . ILE A 1 133 ? 5.318   18.941  7.435   1.00 96.19  ? 133 ILE A O   1 
ATOM   1082 C CB  . ILE A 1 133 ? 4.310   16.464  5.416   1.00 82.96  ? 133 ILE A CB  1 
ATOM   1083 C CG1 . ILE A 1 133 ? 3.584   16.165  4.110   1.00 87.08  ? 133 ILE A CG1 1 
ATOM   1084 C CG2 . ILE A 1 133 ? 3.306   16.501  6.534   1.00 88.79  ? 133 ILE A CG2 1 
ATOM   1085 C CD1 . ILE A 1 133 ? 2.784   14.879  4.139   1.00 79.97  ? 133 ILE A CD1 1 
ATOM   1086 N N   . ILE A 1 134 ? 6.994   17.588  6.791   1.00 87.87  ? 134 ILE A N   1 
ATOM   1087 C CA  . ILE A 1 134 ? 7.747   17.855  8.015   1.00 91.88  ? 134 ILE A CA  1 
ATOM   1088 C C   . ILE A 1 134 ? 8.422   19.230  7.990   1.00 96.42  ? 134 ILE A C   1 
ATOM   1089 O O   . ILE A 1 134 ? 8.671   19.809  9.057   1.00 95.91  ? 134 ILE A O   1 
ATOM   1090 C CB  . ILE A 1 134 ? 8.744   16.704  8.254   1.00 85.06  ? 134 ILE A CB  1 
ATOM   1091 C CG1 . ILE A 1 134 ? 7.981   15.383  8.420   1.00 84.75  ? 134 ILE A CG1 1 
ATOM   1092 C CG2 . ILE A 1 134 ? 9.605   16.940  9.481   1.00 84.86  ? 134 ILE A CG2 1 
ATOM   1093 C CD1 . ILE A 1 134 ? 7.322   15.206  9.769   1.00 81.55  ? 134 ILE A CD1 1 
ATOM   1094 N N   . GLU A 1 135 ? 8.692   19.785  6.803   1.00 98.34  ? 135 GLU A N   1 
ATOM   1095 C CA  . GLU A 1 135 ? 9.292   21.117  6.704   1.00 97.62  ? 135 GLU A CA  1 
ATOM   1096 C C   . GLU A 1 135 ? 8.322   22.203  7.168   1.00 103.94 ? 135 GLU A C   1 
ATOM   1097 O O   . GLU A 1 135 ? 8.640   22.982  8.076   1.00 107.01 ? 135 GLU A O   1 
ATOM   1098 C CB  . GLU A 1 135 ? 9.749   21.394  5.269   1.00 98.32  ? 135 GLU A CB  1 
ATOM   1099 C CG  . GLU A 1 135 ? 11.199  20.995  4.952   1.00 101.82 ? 135 GLU A CG  1 
ATOM   1100 C CD  . GLU A 1 135 ? 11.507  20.999  3.442   1.00 109.50 ? 135 GLU A CD  1 
ATOM   1101 O OE1 . GLU A 1 135 ? 12.389  20.220  3.001   1.00 109.63 ? 135 GLU A OE1 1 
ATOM   1102 O OE2 . GLU A 1 135 ? 10.863  21.776  2.698   1.00 107.20 ? 135 GLU A OE2 1 
ATOM   1103 N N   . GLU A 1 136 ? 7.132   22.277  6.553   1.00 102.62 ? 136 GLU A N   1 
ATOM   1104 C CA  . GLU A 1 136 ? 6.150   23.266  6.985   1.00 104.48 ? 136 GLU A CA  1 
ATOM   1105 C C   . GLU A 1 136 ? 5.701   22.986  8.411   1.00 106.67 ? 136 GLU A C   1 
ATOM   1106 O O   . GLU A 1 136 ? 5.290   23.914  9.118   1.00 113.62 ? 136 GLU A O   1 
ATOM   1107 C CB  . GLU A 1 136 ? 4.962   23.308  6.016   1.00 104.37 ? 136 GLU A CB  1 
ATOM   1108 C CG  . GLU A 1 136 ? 4.073   24.581  6.131   1.00 113.53 ? 136 GLU A CG  1 
ATOM   1109 C CD  . GLU A 1 136 ? 2.961   24.540  7.198   1.00 118.10 ? 136 GLU A CD  1 
ATOM   1110 O OE1 . GLU A 1 136 ? 2.206   25.532  7.337   1.00 113.64 ? 136 GLU A OE1 1 
ATOM   1111 O OE2 . GLU A 1 136 ? 2.748   23.494  7.840   1.00 119.74 ? 136 GLU A OE2 1 
ATOM   1112 N N   . GLY A 1 137 ? 5.870   21.748  8.884   1.00 102.41 ? 137 GLY A N   1 
ATOM   1113 C CA  . GLY A 1 137 ? 5.699   21.476  10.301  1.00 103.66 ? 137 GLY A CA  1 
ATOM   1114 C C   . GLY A 1 137 ? 6.641   22.265  11.183  1.00 105.43 ? 137 GLY A C   1 
ATOM   1115 O O   . GLY A 1 137 ? 6.322   22.541  12.340  1.00 105.37 ? 137 GLY A O   1 
ATOM   1116 N N   . GLU A 1 138 ? 7.806   22.647  10.655  1.00 104.72 ? 138 GLU A N   1 
ATOM   1117 C CA  . GLU A 1 138 ? 8.759   23.450  11.409  1.00 108.07 ? 138 GLU A CA  1 
ATOM   1118 C C   . GLU A 1 138 ? 8.563   24.955  11.215  1.00 109.79 ? 138 GLU A C   1 
ATOM   1119 O O   . GLU A 1 138 ? 9.210   25.739  11.916  1.00 112.17 ? 138 GLU A O   1 
ATOM   1120 C CB  . GLU A 1 138 ? 10.189  23.039  11.050  1.00 108.06 ? 138 GLU A CB  1 
ATOM   1121 C CG  . GLU A 1 138 ? 10.496  21.617  11.521  1.00 109.88 ? 138 GLU A CG  1 
ATOM   1122 C CD  . GLU A 1 138 ? 11.792  21.043  10.975  1.00 110.73 ? 138 GLU A CD  1 
ATOM   1123 O OE1 . GLU A 1 138 ? 12.417  21.679  10.098  1.00 113.19 ? 138 GLU A OE1 1 
ATOM   1124 O OE2 . GLU A 1 138 ? 12.170  19.933  11.416  1.00 104.99 ? 138 GLU A OE2 1 
ATOM   1125 N N   . LYS A 1 139 ? 7.691   25.371  10.285  1.00 110.28 ? 139 LYS A N   1 
ATOM   1126 C CA  . LYS A 1 139 ? 7.105   26.713  10.288  1.00 107.70 ? 139 LYS A CA  1 
ATOM   1127 C C   . LYS A 1 139 ? 5.911   26.735  11.237  1.00 108.57 ? 139 LYS A C   1 
ATOM   1128 O O   . LYS A 1 139 ? 4.821   27.200  10.881  1.00 113.58 ? 139 LYS A O   1 
ATOM   1129 C CB  . LYS A 1 139 ? 6.655   27.150  8.887   1.00 107.67 ? 139 LYS A CB  1 
ATOM   1130 C CG  . LYS A 1 139 ? 7.451   26.595  7.718   1.00 108.46 ? 139 LYS A CG  1 
ATOM   1131 C CD  . LYS A 1 139 ? 8.883   27.091  7.686   1.00 106.69 ? 139 LYS A CD  1 
ATOM   1132 C CE  . LYS A 1 139 ? 9.573   26.633  6.409   1.00 107.21 ? 139 LYS A CE  1 
ATOM   1133 N NZ  . LYS A 1 139 ? 9.334   25.184  6.131   1.00 109.72 ? 139 LYS A NZ  1 
ATOM   1134 N N   . GLN A 1 140 ? 6.115   26.175  12.426  1.00 107.29 ? 140 GLN A N   1 
ATOM   1135 C CA  . GLN A 1 140 ? 5.205   26.113  13.567  1.00 106.71 ? 140 GLN A CA  1 
ATOM   1136 C C   . GLN A 1 140 ? 5.942   25.230  14.555  1.00 111.83 ? 140 GLN A C   1 
ATOM   1137 O O   . GLN A 1 140 ? 6.756   24.402  14.136  1.00 115.93 ? 140 GLN A O   1 
ATOM   1138 C CB  . GLN A 1 140 ? 3.816   25.557  13.219  1.00 108.08 ? 140 GLN A CB  1 
ATOM   1139 C CG  . GLN A 1 140 ? 3.791   24.399  12.223  1.00 111.90 ? 140 GLN A CG  1 
ATOM   1140 C CD  . GLN A 1 140 ? 2.504   24.355  11.400  1.00 116.03 ? 140 GLN A CD  1 
ATOM   1141 O OE1 . GLN A 1 140 ? 2.370   25.065  10.400  1.00 119.35 ? 140 GLN A OE1 1 
ATOM   1142 N NE2 . GLN A 1 140 ? 1.556   23.513  11.818  1.00 113.18 ? 140 GLN A NE2 1 
ATOM   1143 N N   . ARG A 1 141 ? 5.730   25.393  15.854  1.00 113.14 ? 141 ARG A N   1 
ATOM   1144 C CA  . ARG A 1 141 ? 6.621   24.674  16.763  1.00 113.29 ? 141 ARG A CA  1 
ATOM   1145 C C   . ARG A 1 141 ? 6.173   23.225  16.961  1.00 111.48 ? 141 ARG A C   1 
ATOM   1146 O O   . ARG A 1 141 ? 6.107   22.720  18.080  1.00 112.80 ? 141 ARG A O   1 
ATOM   1147 C CB  . ARG A 1 141 ? 6.745   25.410  18.093  1.00 116.96 ? 141 ARG A CB  1 
ATOM   1148 C CG  . ARG A 1 141 ? 7.996   24.992  18.866  1.00 120.33 ? 141 ARG A CG  1 
ATOM   1149 C CD  . ARG A 1 141 ? 8.814   26.151  19.412  1.00 123.36 ? 141 ARG A CD  1 
ATOM   1150 N NE  . ARG A 1 141 ? 10.090  25.672  19.955  1.00 124.27 ? 141 ARG A NE  1 
ATOM   1151 C CZ  . ARG A 1 141 ? 10.348  25.525  21.251  1.00 119.60 ? 141 ARG A CZ  1 
ATOM   1152 N NH1 . ARG A 1 141 ? 11.533  25.078  21.645  1.00 117.14 ? 141 ARG A NH1 1 
ATOM   1153 N NH2 . ARG A 1 141 ? 9.421   25.826  22.153  1.00 120.51 ? 141 ARG A NH2 1 
ATOM   1154 N N   . GLU A 1 142 ? 5.863   22.535  15.864  1.00 109.46 ? 142 GLU A N   1 
ATOM   1155 C CA  . GLU A 1 142 ? 5.603   21.099  15.882  1.00 107.52 ? 142 GLU A CA  1 
ATOM   1156 C C   . GLU A 1 142 ? 6.776   20.419  15.181  1.00 101.16 ? 142 GLU A C   1 
ATOM   1157 O O   . GLU A 1 142 ? 7.023   20.659  13.994  1.00 101.50 ? 142 GLU A O   1 
ATOM   1158 C CB  . GLU A 1 142 ? 4.254   20.766  15.226  1.00 105.55 ? 142 GLU A CB  1 
ATOM   1159 C CG  . GLU A 1 142 ? 3.501   19.529  15.800  1.00 109.55 ? 142 GLU A CG  1 
ATOM   1160 C CD  . GLU A 1 142 ? 3.247   19.592  17.322  1.00 114.91 ? 142 GLU A CD  1 
ATOM   1161 O OE1 . GLU A 1 142 ? 4.218   19.484  18.113  1.00 112.93 ? 142 GLU A OE1 1 
ATOM   1162 O OE2 . GLU A 1 142 ? 2.074   19.719  17.744  1.00 118.17 ? 142 GLU A OE2 1 
ATOM   1163 N N   . TYR A 1 143 ? 7.520   19.609  15.935  1.00 97.19  ? 143 TYR A N   1 
ATOM   1164 C CA  . TYR A 1 143 ? 8.785   19.031  15.499  1.00 92.82  ? 143 TYR A CA  1 
ATOM   1165 C C   . TYR A 1 143 ? 8.768   17.531  15.740  1.00 89.58  ? 143 TYR A C   1 
ATOM   1166 O O   . TYR A 1 143 ? 8.231   17.057  16.745  1.00 88.36  ? 143 TYR A O   1 
ATOM   1167 C CB  . TYR A 1 143 ? 9.999   19.628  16.267  1.00 99.72  ? 143 TYR A CB  1 
ATOM   1168 C CG  . TYR A 1 143 ? 10.327  21.076  15.941  1.00 110.54 ? 143 TYR A CG  1 
ATOM   1169 C CD1 . TYR A 1 143 ? 11.177  21.398  14.889  1.00 110.28 ? 143 TYR A CD1 1 
ATOM   1170 C CD2 . TYR A 1 143 ? 9.782   22.120  16.686  1.00 111.96 ? 143 TYR A CD2 1 
ATOM   1171 C CE1 . TYR A 1 143 ? 11.476  22.720  14.591  1.00 113.18 ? 143 TYR A CE1 1 
ATOM   1172 C CE2 . TYR A 1 143 ? 10.070  23.441  16.391  1.00 113.83 ? 143 TYR A CE2 1 
ATOM   1173 C CZ  . TYR A 1 143 ? 10.916  23.733  15.342  1.00 117.09 ? 143 TYR A CZ  1 
ATOM   1174 O OH  . TYR A 1 143 ? 11.210  25.043  15.045  1.00 123.97 ? 143 TYR A OH  1 
ATOM   1175 N N   . LEU A 1 144 ? 9.380   16.787  14.821  1.00 82.03  ? 144 LEU A N   1 
ATOM   1176 C CA  . LEU A 1 144 ? 9.617   15.373  15.054  1.00 75.54  ? 144 LEU A CA  1 
ATOM   1177 C C   . LEU A 1 144 ? 10.680  15.175  16.125  1.00 74.45  ? 144 LEU A C   1 
ATOM   1178 O O   . LEU A 1 144 ? 11.702  15.860  16.135  1.00 77.33  ? 144 LEU A O   1 
ATOM   1179 C CB  . LEU A 1 144 ? 10.080  14.699  13.771  1.00 80.16  ? 144 LEU A CB  1 
ATOM   1180 C CG  . LEU A 1 144 ? 9.134   13.909  12.895  1.00 71.14  ? 144 LEU A CG  1 
ATOM   1181 C CD1 . LEU A 1 144 ? 9.993   13.213  11.893  1.00 66.72  ? 144 LEU A CD1 1 
ATOM   1182 C CD2 . LEU A 1 144 ? 8.371   12.913  13.749  1.00 73.08  ? 144 LEU A CD2 1 
ATOM   1183 N N   . THR A 1 145 ? 10.453  14.207  17.011  1.00 70.04  ? 145 THR A N   1 
ATOM   1184 C CA  . THR A 1 145 ? 11.467  13.733  17.946  1.00 73.03  ? 145 THR A CA  1 
ATOM   1185 C C   . THR A 1 145 ? 12.293  12.572  17.374  1.00 75.85  ? 145 THR A C   1 
ATOM   1186 O O   . THR A 1 145 ? 12.848  11.764  18.131  1.00 72.48  ? 145 THR A O   1 
ATOM   1187 C CB  . THR A 1 145 ? 10.790  13.335  19.258  1.00 74.23  ? 145 THR A CB  1 
ATOM   1188 O OG1 . THR A 1 145 ? 10.020  12.144  19.050  1.00 76.78  ? 145 THR A OG1 1 
ATOM   1189 C CG2 . THR A 1 145 ? 9.842   14.423  19.680  1.00 75.46  ? 145 THR A CG2 1 
ATOM   1190 N N   . LEU A 1 146 ? 12.392  12.488  16.048  1.00 69.95  ? 146 LEU A N   1 
ATOM   1191 C CA  . LEU A 1 146 ? 13.045  11.435  15.288  1.00 65.01  ? 146 LEU A CA  1 
ATOM   1192 C C   . LEU A 1 146 ? 13.597  12.051  14.016  1.00 68.64  ? 146 LEU A C   1 
ATOM   1193 O O   . LEU A 1 146 ? 12.960  12.942  13.446  1.00 77.76  ? 146 LEU A O   1 
ATOM   1194 C CB  . LEU A 1 146 ? 12.061  10.325  14.876  1.00 74.63  ? 146 LEU A CB  1 
ATOM   1195 C CG  . LEU A 1 146 ? 11.738  9.167   15.805  1.00 72.80  ? 146 LEU A CG  1 
ATOM   1196 C CD1 . LEU A 1 146 ? 11.244  8.021   14.976  1.00 63.33  ? 146 LEU A CD1 1 
ATOM   1197 C CD2 . LEU A 1 146 ? 12.999  8.784   16.564  1.00 67.70  ? 146 LEU A CD2 1 
ATOM   1198 N N   . PRO A 1 147 ? 14.729  11.570  13.524  1.00 65.73  ? 147 PRO A N   1 
ATOM   1199 C CA  . PRO A 1 147 ? 15.105  11.904  12.146  1.00 69.23  ? 147 PRO A CA  1 
ATOM   1200 C C   . PRO A 1 147 ? 14.030  11.419  11.183  1.00 66.92  ? 147 PRO A C   1 
ATOM   1201 O O   . PRO A 1 147 ? 13.236  10.536  11.499  1.00 64.85  ? 147 PRO A O   1 
ATOM   1202 C CB  . PRO A 1 147 ? 16.427  11.154  11.942  1.00 66.53  ? 147 PRO A CB  1 
ATOM   1203 C CG  . PRO A 1 147 ? 16.901  10.847  13.346  1.00 72.00  ? 147 PRO A CG  1 
ATOM   1204 C CD  . PRO A 1 147 ? 15.679  10.653  14.163  1.00 63.12  ? 147 PRO A CD  1 
ATOM   1205 N N   . LEU A 1 148 ? 14.005  12.010  9.986   1.00 68.17  ? 148 LEU A N   1 
ATOM   1206 C CA  . LEU A 1 148 ? 12.928  11.675  9.052   1.00 67.61  ? 148 LEU A CA  1 
ATOM   1207 C C   . LEU A 1 148 ? 13.021  10.235  8.559   1.00 72.89  ? 148 LEU A C   1 
ATOM   1208 O O   . LEU A 1 148 ? 11.979  9.551   8.520   1.00 71.40  ? 148 LEU A O   1 
ATOM   1209 C CB  . LEU A 1 148 ? 12.894  12.675  7.891   1.00 56.88  ? 148 LEU A CB  1 
ATOM   1210 C CG  . LEU A 1 148 ? 11.671  12.518  6.975   1.00 73.43  ? 148 LEU A CG  1 
ATOM   1211 C CD1 . LEU A 1 148 ? 10.324  12.583  7.741   1.00 67.13  ? 148 LEU A CD1 1 
ATOM   1212 C CD2 . LEU A 1 148 ? 11.700  13.540  5.848   1.00 79.17  ? 148 LEU A CD2 1 
ATOM   1213 N N   . PRO A 1 149 ? 14.186  9.708   8.154   1.00 71.16  ? 149 PRO A N   1 
ATOM   1214 C CA  . PRO A 1 149 ? 14.205  8.298   7.726   1.00 66.48  ? 149 PRO A CA  1 
ATOM   1215 C C   . PRO A 1 149 ? 13.865  7.334   8.851   1.00 64.29  ? 149 PRO A C   1 
ATOM   1216 O O   . PRO A 1 149 ? 13.301  6.259   8.595   1.00 63.17  ? 149 PRO A O   1 
ATOM   1217 C CB  . PRO A 1 149 ? 15.637  8.102   7.202   1.00 66.88  ? 149 PRO A CB  1 
ATOM   1218 C CG  . PRO A 1 149 ? 16.434  9.206   7.818   1.00 68.81  ? 149 PRO A CG  1 
ATOM   1219 C CD  . PRO A 1 149 ? 15.492  10.363  7.919   1.00 68.47  ? 149 PRO A CD  1 
ATOM   1220 N N   . HIS A 1 150 ? 14.167  7.686   10.094  1.00 59.55  ? 150 HIS A N   1 
ATOM   1221 C CA  . HIS A 1 150 ? 13.743  6.829   11.191  1.00 65.17  ? 150 HIS A CA  1 
ATOM   1222 C C   . HIS A 1 150 ? 12.222  6.811   11.302  1.00 61.51  ? 150 HIS A C   1 
ATOM   1223 O O   . HIS A 1 150 ? 11.611  5.744   11.420  1.00 61.30  ? 150 HIS A O   1 
ATOM   1224 C CB  . HIS A 1 150 ? 14.397  7.294   12.491  1.00 66.35  ? 150 HIS A CB  1 
ATOM   1225 C CG  . HIS A 1 150 ? 15.880  7.102   12.506  1.00 62.79  ? 150 HIS A CG  1 
ATOM   1226 N ND1 . HIS A 1 150 ? 16.739  7.879   11.755  1.00 58.16  ? 150 HIS A ND1 1 
ATOM   1227 C CD2 . HIS A 1 150 ? 16.655  6.201   13.152  1.00 62.55  ? 150 HIS A CD2 1 
ATOM   1228 C CE1 . HIS A 1 150 ? 17.978  7.471   11.945  1.00 61.98  ? 150 HIS A CE1 1 
ATOM   1229 N NE2 . HIS A 1 150 ? 17.956  6.449   12.783  1.00 64.41  ? 150 HIS A NE2 1 
ATOM   1230 N N   . PHE A 1 151 ? 11.596  7.987   11.230  1.00 60.85  ? 151 PHE A N   1 
ATOM   1231 C CA  . PHE A 1 151 ? 10.144  8.071   11.293  1.00 58.35  ? 151 PHE A CA  1 
ATOM   1232 C C   . PHE A 1 151 ? 9.490   7.276   10.169  1.00 64.30  ? 151 PHE A C   1 
ATOM   1233 O O   . PHE A 1 151 ? 8.495   6.570   10.388  1.00 61.02  ? 151 PHE A O   1 
ATOM   1234 C CB  . PHE A 1 151 ? 9.700   9.529   11.218  1.00 58.17  ? 151 PHE A CB  1 
ATOM   1235 C CG  . PHE A 1 151 ? 8.209   9.695   11.174  1.00 60.95  ? 151 PHE A CG  1 
ATOM   1236 C CD1 . PHE A 1 151 ? 7.455   9.606   12.337  1.00 58.02  ? 151 PHE A CD1 1 
ATOM   1237 C CD2 . PHE A 1 151 ? 7.553   9.881   9.957   1.00 55.14  ? 151 PHE A CD2 1 
ATOM   1238 C CE1 . PHE A 1 151 ? 6.072   9.750   12.292  1.00 61.86  ? 151 PHE A CE1 1 
ATOM   1239 C CE2 . PHE A 1 151 ? 6.187   10.011  9.901   1.00 55.76  ? 151 PHE A CE2 1 
ATOM   1240 C CZ  . PHE A 1 151 ? 5.439   9.947   11.077  1.00 60.63  ? 151 PHE A CZ  1 
ATOM   1241 N N   . ILE A 1 152 ? 10.019  7.399   8.952   1.00 59.57  ? 152 ILE A N   1 
ATOM   1242 C CA  . ILE A 1 152 ? 9.404   6.734   7.811   1.00 61.73  ? 152 ILE A CA  1 
ATOM   1243 C C   . ILE A 1 152 ? 9.532   5.217   7.940   1.00 63.48  ? 152 ILE A C   1 
ATOM   1244 O O   . ILE A 1 152 ? 8.582   4.477   7.657   1.00 61.31  ? 152 ILE A O   1 
ATOM   1245 C CB  . ILE A 1 152 ? 10.028  7.271   6.508   1.00 62.56  ? 152 ILE A CB  1 
ATOM   1246 C CG1 . ILE A 1 152 ? 9.457   8.664   6.208   1.00 65.27  ? 152 ILE A CG1 1 
ATOM   1247 C CG2 . ILE A 1 152 ? 9.794   6.336   5.352   1.00 51.79  ? 152 ILE A CG2 1 
ATOM   1248 C CD1 . ILE A 1 152 ? 10.168  9.373   5.064   1.00 70.11  ? 152 ILE A CD1 1 
ATOM   1249 N N   . LEU A 1 153 ? 10.690  4.730   8.396   1.00 60.87  ? 153 LEU A N   1 
ATOM   1250 C CA  . LEU A 1 153 ? 10.872  3.291   8.547   1.00 55.43  ? 153 LEU A CA  1 
ATOM   1251 C C   . LEU A 1 153 ? 9.886   2.704   9.558   1.00 56.36  ? 153 LEU A C   1 
ATOM   1252 O O   . LEU A 1 153 ? 9.277   1.659   9.303   1.00 55.21  ? 153 LEU A O   1 
ATOM   1253 C CB  . LEU A 1 153 ? 12.310  2.987   8.944   1.00 52.88  ? 153 LEU A CB  1 
ATOM   1254 C CG  . LEU A 1 153 ? 12.562  1.688   9.715   1.00 56.79  ? 153 LEU A CG  1 
ATOM   1255 C CD1 . LEU A 1 153 ? 12.311  0.451   8.881   1.00 56.05  ? 153 LEU A CD1 1 
ATOM   1256 C CD2 . LEU A 1 153 ? 13.980  1.700   10.223  1.00 53.93  ? 153 LEU A CD2 1 
ATOM   1257 N N   . GLN A 1 154 ? 9.702   3.364   10.709  1.00 54.13  ? 154 GLN A N   1 
ATOM   1258 C CA  . GLN A 1 154 ? 8.775   2.818   11.700  1.00 54.56  ? 154 GLN A CA  1 
ATOM   1259 C C   . GLN A 1 154 ? 7.335   2.933   11.226  1.00 60.97  ? 154 GLN A C   1 
ATOM   1260 O O   . GLN A 1 154 ? 6.508   2.068   11.534  1.00 58.01  ? 154 GLN A O   1 
ATOM   1261 C CB  . GLN A 1 154 ? 8.931   3.535   13.039  1.00 58.33  ? 154 GLN A CB  1 
ATOM   1262 C CG  . GLN A 1 154 ? 10.364  3.663   13.496  1.00 60.07  ? 154 GLN A CG  1 
ATOM   1263 C CD  . GLN A 1 154 ? 10.513  4.008   14.975  1.00 70.43  ? 154 GLN A CD  1 
ATOM   1264 O OE1 . GLN A 1 154 ? 9.519   4.169   15.707  1.00 67.79  ? 154 GLN A OE1 1 
ATOM   1265 N NE2 . GLN A 1 154 ? 11.777  4.119   15.427  1.00 71.04  ? 154 GLN A NE2 1 
ATOM   1266 N N   . LEU A 1 155 ? 7.016   3.997   10.486  1.00 60.19  ? 155 LEU A N   1 
ATOM   1267 C CA  . LEU A 1 155 ? 5.669   4.142   9.958   1.00 54.42  ? 155 LEU A CA  1 
ATOM   1268 C C   . LEU A 1 155 ? 5.402   3.078   8.922   1.00 57.11  ? 155 LEU A C   1 
ATOM   1269 O O   . LEU A 1 155 ? 4.429   2.319   9.031   1.00 57.21  ? 155 LEU A O   1 
ATOM   1270 C CB  . LEU A 1 155 ? 5.480   5.522   9.349   1.00 58.18  ? 155 LEU A CB  1 
ATOM   1271 C CG  . LEU A 1 155 ? 4.076   5.796   8.817   1.00 54.21  ? 155 LEU A CG  1 
ATOM   1272 C CD1 . LEU A 1 155 ? 3.076   5.859   9.971   1.00 47.49  ? 155 LEU A CD1 1 
ATOM   1273 C CD2 . LEU A 1 155 ? 4.073   7.108   8.032   1.00 51.18  ? 155 LEU A CD2 1 
ATOM   1274 N N   . LYS A 1 156 ? 6.291   2.986   7.930   1.00 58.53  ? 156 LYS A N   1 
ATOM   1275 C CA  . LYS A 1 156 ? 6.132   2.003   6.863   1.00 60.62  ? 156 LYS A CA  1 
ATOM   1276 C C   . LYS A 1 156 ? 6.058   0.586   7.423   1.00 62.37  ? 156 LYS A C   1 
ATOM   1277 O O   . LYS A 1 156 ? 5.263   -0.235  6.949   1.00 58.87  ? 156 LYS A O   1 
ATOM   1278 C CB  . LYS A 1 156 ? 7.274   2.132   5.862   1.00 55.42  ? 156 LYS A CB  1 
ATOM   1279 C CG  . LYS A 1 156 ? 7.164   1.186   4.709   1.00 67.49  ? 156 LYS A CG  1 
ATOM   1280 C CD  . LYS A 1 156 ? 6.030   1.544   3.755   1.00 70.02  ? 156 LYS A CD  1 
ATOM   1281 C CE  . LYS A 1 156 ? 6.313   0.970   2.360   1.00 65.89  ? 156 LYS A CE  1 
ATOM   1282 N NZ  . LYS A 1 156 ? 5.085   0.568   1.637   1.00 66.69  ? 156 LYS A NZ  1 
ATOM   1283 N N   . SER A 1 157 ? 6.842   0.287   8.460   1.00 57.94  ? 157 SER A N   1 
ATOM   1284 C CA  . SER A 1 157 ? 6.779   -1.068  8.998   1.00 58.48  ? 157 SER A CA  1 
ATOM   1285 C C   . SER A 1 157 ? 5.482   -1.299  9.774   1.00 56.73  ? 157 SER A C   1 
ATOM   1286 O O   . SER A 1 157 ? 4.965   -2.419  9.793   1.00 53.20  ? 157 SER A O   1 
ATOM   1287 C CB  . SER A 1 157 ? 8.010   -1.360  9.874   1.00 50.28  ? 157 SER A CB  1 
ATOM   1288 O OG  . SER A 1 157 ? 7.788   -0.900  11.189  1.00 62.34  ? 157 SER A OG  1 
ATOM   1289 N N   . LEU A 1 158 ? 4.926   -0.263  10.412  1.00 54.74  ? 158 LEU A N   1 
ATOM   1290 C CA  . LEU A 1 158 ? 3.647   -0.462  11.085  1.00 55.58  ? 158 LEU A CA  1 
ATOM   1291 C C   . LEU A 1 158 ? 2.517   -0.600  10.070  1.00 60.28  ? 158 LEU A C   1 
ATOM   1292 O O   . LEU A 1 158 ? 1.580   -1.378  10.282  1.00 57.29  ? 158 LEU A O   1 
ATOM   1293 C CB  . LEU A 1 158 ? 3.363   0.687   12.047  1.00 53.87  ? 158 LEU A CB  1 
ATOM   1294 C CG  . LEU A 1 158 ? 4.216   0.703   13.319  1.00 57.49  ? 158 LEU A CG  1 
ATOM   1295 C CD1 . LEU A 1 158 ? 4.188   2.103   13.919  1.00 50.32  ? 158 LEU A CD1 1 
ATOM   1296 C CD2 . LEU A 1 158 ? 3.793   -0.357  14.335  1.00 51.60  ? 158 LEU A CD2 1 
ATOM   1297 N N   . LEU A 1 159 ? 2.589   0.160   8.967   1.00 56.68  ? 159 LEU A N   1 
ATOM   1298 C CA  . LEU A 1 159 ? 1.570   0.104   7.926   1.00 53.20  ? 159 LEU A CA  1 
ATOM   1299 C C   . LEU A 1 159 ? 1.511   -1.260  7.236   1.00 61.22  ? 159 LEU A C   1 
ATOM   1300 O O   . LEU A 1 159 ? 0.448   -1.652  6.749   1.00 57.20  ? 159 LEU A O   1 
ATOM   1301 C CB  . LEU A 1 159 ? 1.847   1.175   6.877   1.00 55.89  ? 159 LEU A CB  1 
ATOM   1302 C CG  . LEU A 1 159 ? 1.707   2.637   7.302   1.00 59.00  ? 159 LEU A CG  1 
ATOM   1303 C CD1 . LEU A 1 159 ? 2.110   3.568   6.145   1.00 48.42  ? 159 LEU A CD1 1 
ATOM   1304 C CD2 . LEU A 1 159 ? 0.297   2.926   7.799   1.00 55.37  ? 159 LEU A CD2 1 
ATOM   1305 N N   . MET A 1 160 ? 2.641   -1.982  7.158   1.00 61.29  ? 160 MET A N   1 
ATOM   1306 C CA  . MET A 1 160 ? 2.689   -3.284  6.502   1.00 58.66  ? 160 MET A CA  1 
ATOM   1307 C C   . MET A 1 160 ? 2.227   -4.440  7.395   1.00 59.45  ? 160 MET A C   1 
ATOM   1308 O O   . MET A 1 160 ? 1.832   -5.481  6.860   1.00 53.81  ? 160 MET A O   1 
ATOM   1309 C CB  . MET A 1 160 ? 4.118   -3.584  6.039   1.00 56.72  ? 160 MET A CB  1 
ATOM   1310 C CG  . MET A 1 160 ? 4.630   -2.722  4.908   1.00 64.35  ? 160 MET A CG  1 
ATOM   1311 S SD  . MET A 1 160 ? 6.331   -3.158  4.395   1.00 68.70  ? 160 MET A SD  1 
ATOM   1312 C CE  . MET A 1 160 ? 6.284   -2.371  2.797   1.00 79.99  ? 160 MET A CE  1 
ATOM   1313 N N   . MET A 1 161 ? 2.298   -4.306  8.727   1.00 54.10  ? 161 MET A N   1 
ATOM   1314 C CA  . MET A 1 161 ? 1.976   -5.433  9.609   1.00 60.34  ? 161 MET A CA  1 
ATOM   1315 C C   . MET A 1 161 ? 0.623   -6.084  9.348   1.00 59.55  ? 161 MET A C   1 
ATOM   1316 O O   . MET A 1 161 ? 0.531   -7.312  9.508   1.00 57.76  ? 161 MET A O   1 
ATOM   1317 C CB  . MET A 1 161 ? 2.031   -5.020  11.089  1.00 57.45  ? 161 MET A CB  1 
ATOM   1318 C CG  . MET A 1 161 ? 3.396   -5.189  11.739  1.00 71.26  ? 161 MET A CG  1 
ATOM   1319 S SD  . MET A 1 161 ? 4.206   -6.789  11.436  1.00 70.34  ? 161 MET A SD  1 
ATOM   1320 C CE  . MET A 1 161 ? 3.755   -7.690  12.920  1.00 67.34  ? 161 MET A CE  1 
ATOM   1321 N N   . PRO A 1 162 ? -0.452  -5.367  9.004   1.00 56.71  ? 162 PRO A N   1 
ATOM   1322 C CA  . PRO A 1 162 ? -1.723  -6.067  8.749   1.00 59.96  ? 162 PRO A CA  1 
ATOM   1323 C C   . PRO A 1 162 ? -1.634  -7.135  7.677   1.00 57.14  ? 162 PRO A C   1 
ATOM   1324 O O   . PRO A 1 162 ? -2.447  -8.067  7.700   1.00 60.08  ? 162 PRO A O   1 
ATOM   1325 C CB  . PRO A 1 162 ? -2.695  -4.937  8.351   1.00 57.14  ? 162 PRO A CB  1 
ATOM   1326 C CG  . PRO A 1 162 ? -1.863  -3.690  8.257   1.00 58.10  ? 162 PRO A CG  1 
ATOM   1327 C CD  . PRO A 1 162 ? -0.640  -3.907  9.072   1.00 54.74  ? 162 PRO A CD  1 
ATOM   1328 N N   . TYR A 1 163 ? -0.671  -7.057  6.758   1.00 55.29  ? 163 TYR A N   1 
ATOM   1329 C CA  . TYR A 1 163 ? -0.571  -8.001  5.655   1.00 53.02  ? 163 TYR A CA  1 
ATOM   1330 C C   . TYR A 1 163 ? 0.545   -9.021  5.863   1.00 61.36  ? 163 TYR A C   1 
ATOM   1331 O O   . TYR A 1 163 ? 0.845   -9.813  4.948   1.00 61.11  ? 163 TYR A O   1 
ATOM   1332 C CB  . TYR A 1 163 ? -0.421  -7.224  4.343   1.00 58.15  ? 163 TYR A CB  1 
ATOM   1333 C CG  . TYR A 1 163 ? -1.499  -6.195  4.316   1.00 62.69  ? 163 TYR A CG  1 
ATOM   1334 C CD1 . TYR A 1 163 ? -2.793  -6.530  3.949   1.00 52.87  ? 163 TYR A CD1 1 
ATOM   1335 C CD2 . TYR A 1 163 ? -1.255  -4.899  4.780   1.00 63.31  ? 163 TYR A CD2 1 
ATOM   1336 C CE1 . TYR A 1 163 ? -3.808  -5.589  4.007   1.00 55.11  ? 163 TYR A CE1 1 
ATOM   1337 C CE2 . TYR A 1 163 ? -2.263  -3.961  4.842   1.00 58.98  ? 163 TYR A CE2 1 
ATOM   1338 C CZ  . TYR A 1 163 ? -3.533  -4.314  4.460   1.00 58.55  ? 163 TYR A CZ  1 
ATOM   1339 O OH  . TYR A 1 163 ? -4.524  -3.363  4.538   1.00 62.58  ? 163 TYR A OH  1 
ATOM   1340 N N   . LEU A 1 164 ? 1.132   -9.057  7.059   1.00 55.69  ? 164 LEU A N   1 
ATOM   1341 C CA  . LEU A 1 164 ? 2.210   -9.998  7.344   1.00 60.85  ? 164 LEU A CA  1 
ATOM   1342 C C   . LEU A 1 164 ? 1.956   -10.810 8.610   1.00 57.31  ? 164 LEU A C   1 
ATOM   1343 O O   . LEU A 1 164 ? 1.833   -12.031 8.543   1.00 69.17  ? 164 LEU A O   1 
ATOM   1344 C CB  . LEU A 1 164 ? 3.547   -9.265  7.439   1.00 54.71  ? 164 LEU A CB  1 
ATOM   1345 C CG  . LEU A 1 164 ? 3.886   -8.560  6.116   1.00 55.69  ? 164 LEU A CG  1 
ATOM   1346 C CD1 . LEU A 1 164 ? 4.671   -7.285  6.390   1.00 67.12  ? 164 LEU A CD1 1 
ATOM   1347 C CD2 . LEU A 1 164 ? 4.649   -9.479  5.183   1.00 55.45  ? 164 LEU A CD2 1 
ATOM   1348 N N   . GLN A 1 165 ? 1.881   -10.162 9.761   1.00 53.88  ? 165 GLN A N   1 
ATOM   1349 C CA  . GLN A 1 165 ? 1.524   -10.820 11.015  1.00 58.95  ? 165 GLN A CA  1 
ATOM   1350 C C   . GLN A 1 165 ? 0.441   -10.002 11.702  1.00 62.99  ? 165 GLN A C   1 
ATOM   1351 O O   . GLN A 1 165 ? 0.691   -9.325  12.705  1.00 58.71  ? 165 GLN A O   1 
ATOM   1352 C CB  . GLN A 1 165 ? 2.735   -10.978 11.928  1.00 65.18  ? 165 GLN A CB  1 
ATOM   1353 C CG  . GLN A 1 165 ? 3.876   -11.726 11.291  1.00 71.30  ? 165 GLN A CG  1 
ATOM   1354 C CD  . GLN A 1 165 ? 3.681   -13.235 11.296  1.00 78.14  ? 165 GLN A CD  1 
ATOM   1355 O OE1 . GLN A 1 165 ? 2.632   -13.740 11.706  1.00 72.61  ? 165 GLN A OE1 1 
ATOM   1356 N NE2 . GLN A 1 165 ? 4.714   -13.966 10.861  1.00 84.62  ? 165 GLN A NE2 1 
ATOM   1357 N N   . PRO A 1 166 ? -0.790  -10.086 11.204  1.00 65.17  ? 166 PRO A N   1 
ATOM   1358 C CA  . PRO A 1 166 ? -1.894  -9.320  11.810  1.00 57.76  ? 166 PRO A CA  1 
ATOM   1359 C C   . PRO A 1 166 ? -2.159  -9.659  13.258  1.00 59.31  ? 166 PRO A C   1 
ATOM   1360 O O   . PRO A 1 166 ? -2.800  -8.857  13.957  1.00 62.21  ? 166 PRO A O   1 
ATOM   1361 C CB  . PRO A 1 166 ? -3.110  -9.722  10.950  1.00 52.92  ? 166 PRO A CB  1 
ATOM   1362 C CG  . PRO A 1 166 ? -2.531  -10.481 9.777   1.00 53.71  ? 166 PRO A CG  1 
ATOM   1363 C CD  . PRO A 1 166 ? -1.264  -11.081 10.229  1.00 57.96  ? 166 PRO A CD  1 
ATOM   1364 N N   . GLN A 1 167 ? -1.741  -10.834 13.726  1.00 55.40  ? 167 GLN A N   1 
ATOM   1365 C CA  A GLN A 1 167 ? -2.161  -11.242 15.058  0.46 60.49  ? 167 GLN A CA  1 
ATOM   1366 C CA  B GLN A 1 167 ? -2.118  -11.270 15.068  0.54 60.84  ? 167 GLN A CA  1 
ATOM   1367 C C   . GLN A 1 167 ? -1.590  -10.307 16.126  1.00 65.98  ? 167 GLN A C   1 
ATOM   1368 O O   . GLN A 1 167 ? -2.289  -9.984  17.095  1.00 66.96  ? 167 GLN A O   1 
ATOM   1369 C CB  A GLN A 1 167 ? -1.790  -12.706 15.289  0.46 60.98  ? 167 GLN A CB  1 
ATOM   1370 C CB  B GLN A 1 167 ? -1.616  -12.695 15.317  0.54 60.85  ? 167 GLN A CB  1 
ATOM   1371 C CG  A GLN A 1 167 ? -0.344  -12.952 15.541  0.46 61.00  ? 167 GLN A CG  1 
ATOM   1372 C CG  B GLN A 1 167 ? -0.165  -12.922 14.910  0.54 62.58  ? 167 GLN A CG  1 
ATOM   1373 C CD  A GLN A 1 167 ? -0.071  -13.044 16.994  0.46 59.23  ? 167 GLN A CD  1 
ATOM   1374 C CD  B GLN A 1 167 ? -0.015  -13.619 13.555  0.54 63.76  ? 167 GLN A CD  1 
ATOM   1375 O OE1 A GLN A 1 167 ? -0.755  -13.770 17.709  0.46 61.58  ? 167 GLN A OE1 1 
ATOM   1376 O OE1 B GLN A 1 167 ? -0.592  -13.196 12.541  0.54 50.34  ? 167 GLN A OE1 1 
ATOM   1377 N NE2 A GLN A 1 167 ? 0.920   -12.296 17.462  0.46 60.61  ? 167 GLN A NE2 1 
ATOM   1378 N NE2 B GLN A 1 167 ? 0.775   -14.695 13.537  0.54 64.10  ? 167 GLN A NE2 1 
ATOM   1379 N N   . TYR A 1 168 ? -0.354  -9.810  15.947  1.00 59.93  ? 168 TYR A N   1 
ATOM   1380 C CA  . TYR A 1 168 ? 0.195   -8.826  16.884  1.00 59.52  ? 168 TYR A CA  1 
ATOM   1381 C C   . TYR A 1 168 ? -0.702  -7.596  16.991  1.00 66.01  ? 168 TYR A C   1 
ATOM   1382 O O   . TYR A 1 168 ? -0.774  -6.972  18.064  1.00 61.27  ? 168 TYR A O   1 
ATOM   1383 C CB  . TYR A 1 168 ? 1.607   -8.392  16.463  1.00 57.18  ? 168 TYR A CB  1 
ATOM   1384 C CG  . TYR A 1 168 ? 2.645   -9.498  16.565  1.00 63.23  ? 168 TYR A CG  1 
ATOM   1385 C CD1 . TYR A 1 168 ? 3.285   -9.758  17.775  1.00 55.12  ? 168 TYR A CD1 1 
ATOM   1386 C CD2 . TYR A 1 168 ? 2.969   -10.300 15.454  1.00 55.99  ? 168 TYR A CD2 1 
ATOM   1387 C CE1 . TYR A 1 168 ? 4.226   -10.754 17.876  1.00 59.73  ? 168 TYR A CE1 1 
ATOM   1388 C CE2 . TYR A 1 168 ? 3.911   -11.320 15.549  1.00 52.79  ? 168 TYR A CE2 1 
ATOM   1389 C CZ  . TYR A 1 168 ? 4.531   -11.535 16.760  1.00 61.76  ? 168 TYR A CZ  1 
ATOM   1390 O OH  . TYR A 1 168 ? 5.460   -12.519 16.896  1.00 63.70  ? 168 TYR A OH  1 
ATOM   1391 N N   . ILE A 1 169 ? -1.386  -7.234  15.896  1.00 63.63  ? 169 ILE A N   1 
ATOM   1392 C CA  . ILE A 1 169 ? -2.305  -6.097  15.930  1.00 64.44  ? 169 ILE A CA  1 
ATOM   1393 C C   . ILE A 1 169 ? -3.557  -6.456  16.717  1.00 62.32  ? 169 ILE A C   1 
ATOM   1394 O O   . ILE A 1 169 ? -4.057  -5.656  17.513  1.00 62.31  ? 169 ILE A O   1 
ATOM   1395 C CB  . ILE A 1 169 ? -2.644  -5.638  14.499  1.00 60.17  ? 169 ILE A CB  1 
ATOM   1396 C CG1 . ILE A 1 169 ? -1.452  -4.913  13.863  1.00 58.09  ? 169 ILE A CG1 1 
ATOM   1397 C CG2 . ILE A 1 169 ? -3.860  -4.724  14.489  1.00 56.80  ? 169 ILE A CG2 1 
ATOM   1398 C CD1 . ILE A 1 169 ? -1.576  -4.814  12.356  1.00 60.06  ? 169 ILE A CD1 1 
ATOM   1399 N N   . SER A 1 170 ? -4.093  -7.658  16.491  1.00 66.98  ? 170 SER A N   1 
ATOM   1400 C CA  . SER A 1 170 ? -5.208  -8.149  17.296  1.00 68.28  ? 170 SER A CA  1 
ATOM   1401 C C   . SER A 1 170 ? -4.880  -8.091  18.787  1.00 68.02  ? 170 SER A C   1 
ATOM   1402 O O   . SER A 1 170 ? -5.689  -7.627  19.598  1.00 66.87  ? 170 SER A O   1 
ATOM   1403 C CB  . SER A 1 170 ? -5.543  -9.576  16.866  1.00 63.54  ? 170 SER A CB  1 
ATOM   1404 O OG  . SER A 1 170 ? -6.521  -10.151 17.700  1.00 67.61  ? 170 SER A OG  1 
ATOM   1405 N N   . GLU A 1 171 ? -3.678  -8.531  19.152  1.00 66.74  ? 171 GLU A N   1 
ATOM   1406 C CA  . GLU A 1 171 ? -3.258  -8.542  20.547  1.00 71.71  ? 171 GLU A CA  1 
ATOM   1407 C C   . GLU A 1 171 ? -3.237  -7.134  21.153  1.00 72.88  ? 171 GLU A C   1 
ATOM   1408 O O   . GLU A 1 171 ? -3.540  -6.964  22.341  1.00 71.88  ? 171 GLU A O   1 
ATOM   1409 C CB  . GLU A 1 171 ? -1.880  -9.196  20.657  1.00 67.07  ? 171 GLU A CB  1 
ATOM   1410 C CG  . GLU A 1 171 ? -1.556  -9.748  22.021  1.00 76.17  ? 171 GLU A CG  1 
ATOM   1411 C CD  . GLU A 1 171 ? -2.154  -11.121 22.243  1.00 80.59  ? 171 GLU A CD  1 
ATOM   1412 O OE1 . GLU A 1 171 ? -2.692  -11.707 21.279  1.00 72.01  ? 171 GLU A OE1 1 
ATOM   1413 O OE2 . GLU A 1 171 ? -2.070  -11.619 23.383  1.00 89.80  ? 171 GLU A OE2 1 
ATOM   1414 N N   . VAL A 1 172 ? -2.886  -6.105  20.374  1.00 65.47  ? 172 VAL A N   1 
ATOM   1415 C CA  . VAL A 1 172 ? -2.811  -4.816  21.061  1.00 68.40  ? 172 VAL A CA  1 
ATOM   1416 C C   . VAL A 1 172 ? -4.202  -4.221  21.228  1.00 68.14  ? 172 VAL A C   1 
ATOM   1417 O O   . VAL A 1 172 ? -4.447  -3.473  22.181  1.00 71.28  ? 172 VAL A O   1 
ATOM   1418 C CB  . VAL A 1 172 ? -1.851  -3.808  20.388  1.00 62.09  ? 172 VAL A CB  1 
ATOM   1419 C CG1 . VAL A 1 172 ? -0.565  -4.455  20.001  1.00 65.16  ? 172 VAL A CG1 1 
ATOM   1420 C CG2 . VAL A 1 172 ? -2.485  -3.105  19.240  1.00 62.97  ? 172 VAL A CG2 1 
ATOM   1421 N N   . LEU A 1 173 ? -5.143  -4.560  20.352  1.00 69.25  ? 173 LEU A N   1 
ATOM   1422 C CA  . LEU A 1 173 ? -6.502  -4.065  20.543  1.00 67.89  ? 173 LEU A CA  1 
ATOM   1423 C C   . LEU A 1 173 ? -7.317  -4.916  21.515  1.00 69.82  ? 173 LEU A C   1 
ATOM   1424 O O   . LEU A 1 173 ? -8.266  -4.403  22.111  1.00 71.81  ? 173 LEU A O   1 
ATOM   1425 C CB  . LEU A 1 173 ? -7.241  -4.010  19.211  1.00 65.68  ? 173 LEU A CB  1 
ATOM   1426 C CG  . LEU A 1 173 ? -6.617  -3.191  18.094  1.00 67.32  ? 173 LEU A CG  1 
ATOM   1427 C CD1 . LEU A 1 173 ? -7.167  -3.631  16.745  1.00 61.37  ? 173 LEU A CD1 1 
ATOM   1428 C CD2 . LEU A 1 173 ? -6.788  -1.690  18.331  1.00 61.57  ? 173 LEU A CD2 1 
ATOM   1429 N N   . TYR A 1 174 ? -6.995  -6.208  21.680  1.00 69.22  ? 174 TYR A N   1 
ATOM   1430 C CA  . TYR A 1 174 ? -7.874  -7.111  22.418  1.00 71.87  ? 174 TYR A CA  1 
ATOM   1431 C C   . TYR A 1 174 ? -7.194  -8.008  23.445  1.00 76.16  ? 174 TYR A C   1 
ATOM   1432 O O   . TYR A 1 174 ? -7.909  -8.705  24.172  1.00 80.02  ? 174 TYR A O   1 
ATOM   1433 C CB  . TYR A 1 174 ? -8.640  -8.029  21.454  1.00 70.44  ? 174 TYR A CB  1 
ATOM   1434 C CG  . TYR A 1 174 ? -9.479  -7.304  20.437  1.00 74.12  ? 174 TYR A CG  1 
ATOM   1435 C CD1 . TYR A 1 174 ? -10.675 -6.683  20.798  1.00 75.42  ? 174 TYR A CD1 1 
ATOM   1436 C CD2 . TYR A 1 174 ? -9.081  -7.243  19.107  1.00 70.16  ? 174 TYR A CD2 1 
ATOM   1437 C CE1 . TYR A 1 174 ? -11.447 -6.009  19.854  1.00 75.17  ? 174 TYR A CE1 1 
ATOM   1438 C CE2 . TYR A 1 174 ? -9.843  -6.577  18.168  1.00 71.25  ? 174 TYR A CE2 1 
ATOM   1439 C CZ  . TYR A 1 174 ? -11.019 -5.959  18.545  1.00 72.49  ? 174 TYR A CZ  1 
ATOM   1440 O OH  . TYR A 1 174 ? -11.763 -5.301  17.598  1.00 77.35  ? 174 TYR A OH  1 
ATOM   1441 N N   . MET A 1 175 ? -5.861  -8.042  23.517  1.00 73.50  ? 175 MET A N   1 
ATOM   1442 C CA  . MET A 1 175 ? -5.146  -9.116  24.228  1.00 78.45  ? 175 MET A CA  1 
ATOM   1443 C C   . MET A 1 175 ? -5.626  -10.505 23.796  1.00 80.08  ? 175 MET A C   1 
ATOM   1444 O O   . MET A 1 175 ? -5.585  -11.457 24.577  1.00 82.87  ? 175 MET A O   1 
ATOM   1445 C CB  . MET A 1 175 ? -5.278  -8.964  25.738  1.00 75.96  ? 175 MET A CB  1 
ATOM   1446 C CG  . MET A 1 175 ? -4.561  -7.782  26.287  1.00 75.18  ? 175 MET A CG  1 
ATOM   1447 S SD  . MET A 1 175 ? -2.899  -8.190  26.817  1.00 110.02 ? 175 MET A SD  1 
ATOM   1448 C CE  . MET A 1 175 ? -2.701  -6.976  28.141  1.00 93.63  ? 175 MET A CE  1 
ATOM   1449 N N   . GLN A 1 176 ? -6.110  -10.619 22.560  1.00 74.82  ? 176 GLN A N   1 
ATOM   1450 C CA  . GLN A 1 176 ? -6.488  -11.855 21.895  1.00 75.72  ? 176 GLN A CA  1 
ATOM   1451 C C   . GLN A 1 176 ? -5.824  -11.894 20.523  1.00 76.95  ? 176 GLN A C   1 
ATOM   1452 O O   . GLN A 1 176 ? -5.605  -10.845 19.910  1.00 76.17  ? 176 GLN A O   1 
ATOM   1453 C CB  . GLN A 1 176 ? -8.013  -11.954 21.731  1.00 85.40  ? 176 GLN A CB  1 
ATOM   1454 C CG  . GLN A 1 176 ? -8.828  -11.840 23.018  1.00 87.52  ? 176 GLN A CG  1 
ATOM   1455 C CD  . GLN A 1 176 ? -8.760  -13.100 23.853  1.00 95.45  ? 176 GLN A CD  1 
ATOM   1456 O OE1 . GLN A 1 176 ? -8.063  -13.145 24.869  1.00 98.72  ? 176 GLN A OE1 1 
ATOM   1457 N NE2 . GLN A 1 176 ? -9.472  -14.144 23.417  1.00 100.11 ? 176 GLN A NE2 1 
ATOM   1458 N N   . PRO A 1 177 ? -5.484  -13.083 20.011  1.00 79.20  ? 177 PRO A N   1 
ATOM   1459 C CA  . PRO A 1 177 ? -4.683  -13.123 18.775  1.00 75.88  ? 177 PRO A CA  1 
ATOM   1460 C C   . PRO A 1 177 ? -5.447  -13.230 17.459  1.00 75.26  ? 177 PRO A C   1 
ATOM   1461 O O   . PRO A 1 177 ? -4.862  -12.954 16.404  1.00 73.05  ? 177 PRO A O   1 
ATOM   1462 C CB  . PRO A 1 177 ? -3.789  -14.358 18.985  1.00 70.40  ? 177 PRO A CB  1 
ATOM   1463 C CG  . PRO A 1 177 ? -4.604  -15.252 19.843  1.00 71.46  ? 177 PRO A CG  1 
ATOM   1464 C CD  . PRO A 1 177 ? -5.454  -14.369 20.733  1.00 77.46  ? 177 PRO A CD  1 
ATOM   1465 N N   . HIS A 1 178 ? -6.719  -13.622 17.460  1.00 78.37  ? 178 HIS A N   1 
ATOM   1466 C CA  . HIS A 1 178 ? -7.338  -13.997 16.194  1.00 79.12  ? 178 HIS A CA  1 
ATOM   1467 C C   . HIS A 1 178 ? -8.562  -13.161 15.823  1.00 77.66  ? 178 HIS A C   1 
ATOM   1468 O O   . HIS A 1 178 ? -9.396  -13.614 15.038  1.00 79.43  ? 178 HIS A O   1 
ATOM   1469 C CB  . HIS A 1 178 ? -7.669  -15.485 16.204  1.00 77.91  ? 178 HIS A CB  1 
ATOM   1470 C CG  . HIS A 1 178 ? -6.454  -16.352 16.296  1.00 84.24  ? 178 HIS A CG  1 
ATOM   1471 N ND1 . HIS A 1 178 ? -6.179  -17.139 17.397  1.00 88.27  ? 178 HIS A ND1 1 
ATOM   1472 C CD2 . HIS A 1 178 ? -5.409  -16.515 15.446  1.00 84.55  ? 178 HIS A CD2 1 
ATOM   1473 C CE1 . HIS A 1 178 ? -5.031  -17.768 17.211  1.00 86.52  ? 178 HIS A CE1 1 
ATOM   1474 N NE2 . HIS A 1 178 ? -4.542  -17.406 16.035  1.00 88.98  ? 178 HIS A NE2 1 
ATOM   1475 N N   . GLU A 1 179 ? -8.657  -11.902 16.310  1.00 75.24  ? 179 GLU A N   1 
ATOM   1476 C CA  . GLU A 1 179 ? -9.777  -11.064 15.886  1.00 78.21  ? 179 GLU A CA  1 
ATOM   1477 C C   . GLU A 1 179 ? -9.553  -10.488 14.482  1.00 72.54  ? 179 GLU A C   1 
ATOM   1478 O O   . GLU A 1 179 ? -8.416  -10.281 14.058  1.00 77.01  ? 179 GLU A O   1 
ATOM   1479 C CB  . GLU A 1 179 ? -9.996  -9.928  16.880  1.00 76.00  ? 179 GLU A CB  1 
ATOM   1480 C CG  . GLU A 1 179 ? -10.208 -10.424 18.312  1.00 81.41  ? 179 GLU A CG  1 
ATOM   1481 C CD  . GLU A 1 179 ? -11.258 -11.526 18.391  1.00 90.62  ? 179 GLU A CD  1 
ATOM   1482 O OE1 . GLU A 1 179 ? -10.902 -12.657 18.805  1.00 93.13  ? 179 GLU A OE1 1 
ATOM   1483 O OE2 . GLU A 1 179 ? -12.434 -11.252 18.040  1.00 88.42  ? 179 GLU A OE2 1 
ATOM   1484 N N   . PRO A 1 180 ? -10.620 -10.232 13.735  1.00 76.93  ? 180 PRO A N   1 
ATOM   1485 C CA  . PRO A 1 180 ? -10.448 -9.677  12.386  1.00 77.69  ? 180 PRO A CA  1 
ATOM   1486 C C   . PRO A 1 180 ? -9.859  -8.272  12.417  1.00 70.73  ? 180 PRO A C   1 
ATOM   1487 O O   . PRO A 1 180 ? -10.091 -7.487  13.342  1.00 76.37  ? 180 PRO A O   1 
ATOM   1488 C CB  . PRO A 1 180 ? -11.877 -9.670  11.817  1.00 69.96  ? 180 PRO A CB  1 
ATOM   1489 C CG  . PRO A 1 180 ? -12.614 -10.639 12.641  1.00 70.43  ? 180 PRO A CG  1 
ATOM   1490 C CD  . PRO A 1 180 ? -12.029 -10.551 14.013  1.00 74.97  ? 180 PRO A CD  1 
ATOM   1491 N N   . TYR A 1 181 ? -9.118  -7.954  11.364  1.00 62.38  ? 181 TYR A N   1 
ATOM   1492 C CA  . TYR A 1 181 ? -8.446  -6.668  11.239  1.00 60.76  ? 181 TYR A CA  1 
ATOM   1493 C C   . TYR A 1 181 ? -9.441  -5.571  10.877  1.00 67.22  ? 181 TYR A C   1 
ATOM   1494 O O   . TYR A 1 181 ? -10.075 -5.624  9.814   1.00 68.08  ? 181 TYR A O   1 
ATOM   1495 C CB  . TYR A 1 181 ? -7.358  -6.763  10.174  1.00 58.37  ? 181 TYR A CB  1 
ATOM   1496 C CG  . TYR A 1 181 ? -6.721  -5.441  9.821   1.00 60.55  ? 181 TYR A CG  1 
ATOM   1497 C CD1 . TYR A 1 181 ? -6.077  -4.678  10.794  1.00 53.35  ? 181 TYR A CD1 1 
ATOM   1498 C CD2 . TYR A 1 181 ? -6.753  -4.956  8.516   1.00 63.52  ? 181 TYR A CD2 1 
ATOM   1499 C CE1 . TYR A 1 181 ? -5.489  -3.468  10.479  1.00 59.17  ? 181 TYR A CE1 1 
ATOM   1500 C CE2 . TYR A 1 181 ? -6.157  -3.727  8.184   1.00 57.46  ? 181 TYR A CE2 1 
ATOM   1501 C CZ  . TYR A 1 181 ? -5.525  -3.004  9.168   1.00 58.31  ? 181 TYR A CZ  1 
ATOM   1502 O OH  . TYR A 1 181 ? -4.921  -1.809  8.859   1.00 57.49  ? 181 TYR A OH  1 
ATOM   1503 N N   . PHE A 1 182 ? -9.581  -4.559  11.735  1.00 67.60  ? 182 PHE A N   1 
ATOM   1504 C CA  . PHE A 1 182 ? -10.333 -3.367  11.345  1.00 66.06  ? 182 PHE A CA  1 
ATOM   1505 C C   . PHE A 1 182 ? -9.337  -2.225  11.284  1.00 63.87  ? 182 PHE A C   1 
ATOM   1506 O O   . PHE A 1 182 ? -8.744  -1.862  12.306  1.00 61.04  ? 182 PHE A O   1 
ATOM   1507 C CB  . PHE A 1 182 ? -11.477 -3.058  12.303  1.00 73.48  ? 182 PHE A CB  1 
ATOM   1508 C CG  . PHE A 1 182 ? -12.451 -4.182  12.460  1.00 74.08  ? 182 PHE A CG  1 
ATOM   1509 C CD1 . PHE A 1 182 ? -13.594 -4.230  11.692  1.00 76.55  ? 182 PHE A CD1 1 
ATOM   1510 C CD2 . PHE A 1 182 ? -12.213 -5.194  13.385  1.00 79.03  ? 182 PHE A CD2 1 
ATOM   1511 C CE1 . PHE A 1 182 ? -14.486 -5.268  11.836  1.00 79.05  ? 182 PHE A CE1 1 
ATOM   1512 C CE2 . PHE A 1 182 ? -13.091 -6.230  13.534  1.00 85.00  ? 182 PHE A CE2 1 
ATOM   1513 C CZ  . PHE A 1 182 ? -14.234 -6.270  12.760  1.00 85.96  ? 182 PHE A CZ  1 
ATOM   1514 N N   . TYR A 1 183 ? -9.121  -1.697  10.079  1.00 62.20  ? 183 TYR A N   1 
ATOM   1515 C CA  . TYR A 1 183 ? -8.099  -0.672  9.913   1.00 58.75  ? 183 TYR A CA  1 
ATOM   1516 C C   . TYR A 1 183 ? -8.460  0.619   10.627  1.00 60.38  ? 183 TYR A C   1 
ATOM   1517 O O   . TYR A 1 183 ? -7.560  1.346   11.053  1.00 64.99  ? 183 TYR A O   1 
ATOM   1518 C CB  . TYR A 1 183 ? -7.842  -0.406  8.434   1.00 62.13  ? 183 TYR A CB  1 
ATOM   1519 C CG  . TYR A 1 183 ? -8.885  0.430   7.729   1.00 68.52  ? 183 TYR A CG  1 
ATOM   1520 C CD1 . TYR A 1 183 ? -8.777  1.825   7.675   1.00 61.54  ? 183 TYR A CD1 1 
ATOM   1521 C CD2 . TYR A 1 183 ? -9.972  -0.176  7.088   1.00 65.05  ? 183 TYR A CD2 1 
ATOM   1522 C CE1 . TYR A 1 183 ? -9.728  2.596   7.010   1.00 63.58  ? 183 TYR A CE1 1 
ATOM   1523 C CE2 . TYR A 1 183 ? -10.929 0.591   6.422   1.00 69.21  ? 183 TYR A CE2 1 
ATOM   1524 C CZ  . TYR A 1 183 ? -10.796 1.976   6.386   1.00 70.28  ? 183 TYR A CZ  1 
ATOM   1525 O OH  . TYR A 1 183 ? -11.737 2.738   5.731   1.00 73.45  ? 183 TYR A OH  1 
ATOM   1526 N N   . LYS A 1 184 ? -9.745  0.944   10.768  1.00 65.83  ? 184 LYS A N   1 
ATOM   1527 C CA  . LYS A 1 184 ? -10.066 2.169   11.501  1.00 66.27  ? 184 LYS A CA  1 
ATOM   1528 C C   . LYS A 1 184 ? -9.628  2.041   12.952  1.00 61.35  ? 184 LYS A C   1 
ATOM   1529 O O   . LYS A 1 184 ? -9.129  3.003   13.546  1.00 58.78  ? 184 LYS A O   1 
ATOM   1530 C CB  . LYS A 1 184 ? -11.557 2.497   11.413  1.00 65.61  ? 184 LYS A CB  1 
ATOM   1531 C CG  . LYS A 1 184 ? -12.059 2.736   10.008  1.00 74.43  ? 184 LYS A CG  1 
ATOM   1532 C CD  . LYS A 1 184 ? -13.577 2.867   9.980   1.00 74.67  ? 184 LYS A CD  1 
ATOM   1533 C CE  . LYS A 1 184 ? -14.072 3.141   8.564   1.00 76.87  ? 184 LYS A CE  1 
ATOM   1534 N NZ  . LYS A 1 184 ? -15.430 3.747   8.594   1.00 87.33  ? 184 LYS A NZ  1 
ATOM   1535 N N   . MET A 1 185 ? -9.745  0.837   13.520  1.00 56.24  ? 185 MET A N   1 
ATOM   1536 C CA  . MET A 1 185 ? -9.236  0.624   14.870  1.00 62.18  ? 185 MET A CA  1 
ATOM   1537 C C   . MET A 1 185 ? -7.718  0.768   14.932  1.00 63.89  ? 185 MET A C   1 
ATOM   1538 O O   . MET A 1 185 ? -7.189  1.422   15.842  1.00 66.79  ? 185 MET A O   1 
ATOM   1539 C CB  . MET A 1 185 ? -9.667  -0.746  15.362  1.00 68.70  ? 185 MET A CB  1 
ATOM   1540 C CG  . MET A 1 185 ? -11.173 -0.896  15.481  1.00 65.84  ? 185 MET A CG  1 
ATOM   1541 S SD  . MET A 1 185 ? -11.520 -2.405  16.385  1.00 84.58  ? 185 MET A SD  1 
ATOM   1542 C CE  . MET A 1 185 ? -11.012 -1.897  18.045  1.00 69.49  ? 185 MET A CE  1 
ATOM   1543 N N   . TYR A 1 186 ? -7.003  0.170   13.968  1.00 60.69  ? 186 TYR A N   1 
ATOM   1544 C CA  . TYR A 1 186 ? -5.551  0.294   13.921  1.00 56.27  ? 186 TYR A CA  1 
ATOM   1545 C C   . TYR A 1 186 ? -5.121  1.753   13.826  1.00 66.19  ? 186 TYR A C   1 
ATOM   1546 O O   . TYR A 1 186 ? -4.135  2.166   14.473  1.00 63.86  ? 186 TYR A O   1 
ATOM   1547 C CB  . TYR A 1 186 ? -5.001  -0.486  12.739  1.00 60.52  ? 186 TYR A CB  1 
ATOM   1548 C CG  . TYR A 1 186 ? -3.503  -0.740  12.747  1.00 62.09  ? 186 TYR A CG  1 
ATOM   1549 C CD1 . TYR A 1 186 ? -2.799  -0.952  13.943  1.00 54.38  ? 186 TYR A CD1 1 
ATOM   1550 C CD2 . TYR A 1 186 ? -2.792  -0.798  11.537  1.00 60.31  ? 186 TYR A CD2 1 
ATOM   1551 C CE1 . TYR A 1 186 ? -1.406  -1.221  13.926  1.00 53.89  ? 186 TYR A CE1 1 
ATOM   1552 C CE2 . TYR A 1 186 ? -1.424  -1.055  11.507  1.00 55.51  ? 186 TYR A CE2 1 
ATOM   1553 C CZ  . TYR A 1 186 ? -0.738  -1.271  12.687  1.00 57.17  ? 186 TYR A CZ  1 
ATOM   1554 O OH  . TYR A 1 186 ? 0.608   -1.503  12.598  1.00 55.03  ? 186 TYR A OH  1 
ATOM   1555 N N   . PHE A 1 187 ? -5.836  2.542   13.011  1.00 57.81  ? 187 PHE A N   1 
ATOM   1556 C CA  . PHE A 1 187 ? -5.506  3.956   12.865  1.00 61.17  ? 187 PHE A CA  1 
ATOM   1557 C C   . PHE A 1 187 ? -5.397  4.642   14.223  1.00 68.35  ? 187 PHE A C   1 
ATOM   1558 O O   . PHE A 1 187 ? -4.452  5.410   14.472  1.00 63.02  ? 187 PHE A O   1 
ATOM   1559 C CB  . PHE A 1 187 ? -6.546  4.666   11.996  1.00 59.80  ? 187 PHE A CB  1 
ATOM   1560 C CG  . PHE A 1 187 ? -6.446  6.169   12.056  1.00 61.45  ? 187 PHE A CG  1 
ATOM   1561 C CD1 . PHE A 1 187 ? -5.502  6.843   11.296  1.00 61.70  ? 187 PHE A CD1 1 
ATOM   1562 C CD2 . PHE A 1 187 ? -7.294  6.915   12.882  1.00 62.39  ? 187 PHE A CD2 1 
ATOM   1563 C CE1 . PHE A 1 187 ? -5.401  8.243   11.342  1.00 65.20  ? 187 PHE A CE1 1 
ATOM   1564 C CE2 . PHE A 1 187 ? -7.188  8.300   12.951  1.00 59.54  ? 187 PHE A CE2 1 
ATOM   1565 C CZ  . PHE A 1 187 ? -6.231  8.970   12.178  1.00 60.12  ? 187 PHE A CZ  1 
ATOM   1566 N N   . GLU A 1 188 ? -6.353  4.377   15.119  1.00 62.64  ? 188 GLU A N   1 
ATOM   1567 C CA  . GLU A 1 188 ? -6.273  4.989   16.434  1.00 60.90  ? 188 GLU A CA  1 
ATOM   1568 C C   . GLU A 1 188 ? -4.937  4.679   17.087  1.00 65.69  ? 188 GLU A C   1 
ATOM   1569 O O   . GLU A 1 188 ? -4.272  5.575   17.622  1.00 69.22  ? 188 GLU A O   1 
ATOM   1570 C CB  . GLU A 1 188 ? -7.446  4.528   17.301  1.00 70.94  ? 188 GLU A CB  1 
ATOM   1571 C CG  . GLU A 1 188 ? -8.825  5.093   16.837  1.00 63.64  ? 188 GLU A CG  1 
ATOM   1572 C CD  . GLU A 1 188 ? -8.785  6.610   16.596  1.00 72.53  ? 188 GLU A CD  1 
ATOM   1573 O OE1 . GLU A 1 188 ? -8.183  7.350   17.414  1.00 78.78  ? 188 GLU A OE1 1 
ATOM   1574 O OE2 . GLU A 1 188 ? -9.341  7.069   15.574  1.00 75.00  ? 188 GLU A OE2 1 
ATOM   1575 N N   . GLU A 1 189 ? -4.492  3.430   16.992  1.00 70.34  ? 189 GLU A N   1 
ATOM   1576 C CA  . GLU A 1 189 ? -3.226  3.049   17.610  1.00 65.27  ? 189 GLU A CA  1 
ATOM   1577 C C   . GLU A 1 189 ? -2.037  3.750   16.958  1.00 58.97  ? 189 GLU A C   1 
ATOM   1578 O O   . GLU A 1 189 ? -1.121  4.203   17.656  1.00 59.02  ? 189 GLU A O   1 
ATOM   1579 C CB  . GLU A 1 189 ? -3.070  1.539   17.550  1.00 57.81  ? 189 GLU A CB  1 
ATOM   1580 C CG  . GLU A 1 189 ? -4.149  0.814   18.305  1.00 61.59  ? 189 GLU A CG  1 
ATOM   1581 C CD  . GLU A 1 189 ? -4.041  1.006   19.803  1.00 63.40  ? 189 GLU A CD  1 
ATOM   1582 O OE1 . GLU A 1 189 ? -2.958  1.431   20.283  1.00 70.09  ? 189 GLU A OE1 1 
ATOM   1583 O OE2 . GLU A 1 189 ? -5.046  0.740   20.500  1.00 67.21  ? 189 GLU A OE2 1 
ATOM   1584 N N   . ILE A 1 190 ? -2.032  3.868   15.629  1.00 58.88  ? 190 ILE A N   1 
ATOM   1585 C CA  . ILE A 1 190 ? -0.934  4.582   14.980  1.00 56.03  ? 190 ILE A CA  1 
ATOM   1586 C C   . ILE A 1 190 ? -0.968  6.054   15.353  1.00 63.36  ? 190 ILE A C   1 
ATOM   1587 O O   . ILE A 1 190 ? 0.080   6.679   15.558  1.00 64.57  ? 190 ILE A O   1 
ATOM   1588 C CB  . ILE A 1 190 ? -0.977  4.394   13.458  1.00 56.30  ? 190 ILE A CB  1 
ATOM   1589 C CG1 . ILE A 1 190 ? -0.943  2.916   13.090  1.00 54.28  ? 190 ILE A CG1 1 
ATOM   1590 C CG2 . ILE A 1 190 ? 0.179   5.118   12.812  1.00 55.68  ? 190 ILE A CG2 1 
ATOM   1591 C CD1 . ILE A 1 190 ? -0.730  2.671   11.597  1.00 59.48  ? 190 ILE A CD1 1 
ATOM   1592 N N   . LYS A 1 191 ? -2.172  6.632   15.453  1.00 67.27  ? 191 LYS A N   1 
ATOM   1593 C CA  . LYS A 1 191 ? -2.314  8.032   15.845  1.00 64.96  ? 191 LYS A CA  1 
ATOM   1594 C C   . LYS A 1 191 ? -1.639  8.312   17.187  1.00 66.30  ? 191 LYS A C   1 
ATOM   1595 O O   . LYS A 1 191 ? -0.857  9.262   17.309  1.00 69.33  ? 191 LYS A O   1 
ATOM   1596 C CB  . LYS A 1 191 ? -3.796  8.402   15.898  1.00 68.04  ? 191 LYS A CB  1 
ATOM   1597 C CG  . LYS A 1 191 ? -4.114  9.825   16.376  1.00 68.00  ? 191 LYS A CG  1 
ATOM   1598 C CD  . LYS A 1 191 ? -5.641  9.996   16.442  1.00 77.53  ? 191 LYS A CD  1 
ATOM   1599 C CE  . LYS A 1 191 ? -6.077  11.317  17.056  1.00 78.12  ? 191 LYS A CE  1 
ATOM   1600 N NZ  . LYS A 1 191 ? -7.555  11.452  16.903  1.00 79.55  ? 191 LYS A NZ  1 
ATOM   1601 N N   . ILE A 1 192 ? -1.937  7.506   18.214  1.00 58.53  ? 192 ILE A N   1 
ATOM   1602 C CA  . ILE A 1 192 ? -1.242  7.657   19.493  1.00 59.66  ? 192 ILE A CA  1 
ATOM   1603 C C   . ILE A 1 192 ? 0.270   7.639   19.277  1.00 66.99  ? 192 ILE A C   1 
ATOM   1604 O O   . ILE A 1 192 ? 0.995   8.499   19.779  1.00 73.58  ? 192 ILE A O   1 
ATOM   1605 C CB  . ILE A 1 192 ? -1.668  6.553   20.474  1.00 56.75  ? 192 ILE A CB  1 
ATOM   1606 C CG1 . ILE A 1 192 ? -3.168  6.573   20.701  1.00 56.28  ? 192 ILE A CG1 1 
ATOM   1607 C CG2 . ILE A 1 192 ? -0.889  6.660   21.758  1.00 51.39  ? 192 ILE A CG2 1 
ATOM   1608 C CD1 . ILE A 1 192 ? -3.678  5.457   21.605  1.00 59.06  ? 192 ILE A CD1 1 
ATOM   1609 N N   . TRP A 1 193 ? 0.764   6.667   18.503  1.00 65.09  ? 193 TRP A N   1 
ATOM   1610 C CA  . TRP A 1 193 ? 2.189   6.602   18.196  1.00 62.46  ? 193 TRP A CA  1 
ATOM   1611 C C   . TRP A 1 193 ? 2.686   7.905   17.586  1.00 61.93  ? 193 TRP A C   1 
ATOM   1612 O O   . TRP A 1 193 ? 3.653   8.506   18.072  1.00 66.85  ? 193 TRP A O   1 
ATOM   1613 C CB  . TRP A 1 193 ? 2.494   5.432   17.244  1.00 60.87  ? 193 TRP A CB  1 
ATOM   1614 C CG  . TRP A 1 193 ? 3.950   5.444   16.884  1.00 54.25  ? 193 TRP A CG  1 
ATOM   1615 C CD1 . TRP A 1 193 ? 5.008   5.231   17.746  1.00 58.15  ? 193 TRP A CD1 1 
ATOM   1616 C CD2 . TRP A 1 193 ? 4.522   5.751   15.614  1.00 47.73  ? 193 TRP A CD2 1 
ATOM   1617 N NE1 . TRP A 1 193 ? 6.201   5.401   17.088  1.00 53.42  ? 193 TRP A NE1 1 
ATOM   1618 C CE2 . TRP A 1 193 ? 5.940   5.708   15.773  1.00 55.99  ? 193 TRP A CE2 1 
ATOM   1619 C CE3 . TRP A 1 193 ? 3.986   6.063   14.354  1.00 48.91  ? 193 TRP A CE3 1 
ATOM   1620 C CZ2 . TRP A 1 193 ? 6.826   5.943   14.714  1.00 51.42  ? 193 TRP A CZ2 1 
ATOM   1621 C CZ3 . TRP A 1 193 ? 4.864   6.316   13.298  1.00 58.84  ? 193 TRP A CZ3 1 
ATOM   1622 C CH2 . TRP A 1 193 ? 6.279   6.249   13.488  1.00 61.76  ? 193 TRP A CH2 1 
ATOM   1623 N N   . ILE A 1 194 ? 2.052   8.340   16.496  1.00 58.83  ? 194 ILE A N   1 
ATOM   1624 C CA  . ILE A 1 194 ? 2.439   9.587   15.841  1.00 61.91  ? 194 ILE A CA  1 
ATOM   1625 C C   . ILE A 1 194 ? 2.479   10.747  16.829  1.00 72.29  ? 194 ILE A C   1 
ATOM   1626 O O   . ILE A 1 194 ? 3.405   11.566  16.808  1.00 78.17  ? 194 ILE A O   1 
ATOM   1627 C CB  . ILE A 1 194 ? 1.480   9.883   14.687  1.00 68.57  ? 194 ILE A CB  1 
ATOM   1628 C CG1 . ILE A 1 194 ? 1.820   8.956   13.513  1.00 62.11  ? 194 ILE A CG1 1 
ATOM   1629 C CG2 . ILE A 1 194 ? 1.545   11.381  14.358  1.00 64.98  ? 194 ILE A CG2 1 
ATOM   1630 C CD1 . ILE A 1 194 ? 0.798   8.946   12.458  1.00 54.61  ? 194 ILE A CD1 1 
ATOM   1631 N N   . ARG A 1 195 ? 1.482   10.830  17.719  1.00 69.58  ? 195 ARG A N   1 
ATOM   1632 C CA  . ARG A 1 195 ? 1.462   11.902  18.708  1.00 72.69  ? 195 ARG A CA  1 
ATOM   1633 C C   . ARG A 1 195 ? 2.691   11.848  19.603  1.00 75.67  ? 195 ARG A C   1 
ATOM   1634 O O   . ARG A 1 195 ? 3.246   12.891  19.974  1.00 78.51  ? 195 ARG A O   1 
ATOM   1635 C CB  . ARG A 1 195 ? 0.178   11.829  19.545  1.00 76.75  ? 195 ARG A CB  1 
ATOM   1636 C CG  . ARG A 1 195 ? -1.113  12.134  18.752  1.00 91.07  ? 195 ARG A CG  1 
ATOM   1637 C CD  . ARG A 1 195 ? -2.053  13.152  19.418  1.00 95.63  ? 195 ARG A CD  1 
ATOM   1638 N NE  . ARG A 1 195 ? -3.107  13.578  18.495  1.00 109.68 ? 195 ARG A NE  1 
ATOM   1639 C CZ  . ARG A 1 195 ? -3.318  14.838  18.117  1.00 103.43 ? 195 ARG A CZ  1 
ATOM   1640 N NH1 . ARG A 1 195 ? -2.572  15.829  18.611  1.00 99.80  ? 195 ARG A NH1 1 
ATOM   1641 N NH2 . ARG A 1 195 ? -4.294  15.109  17.260  1.00 98.53  ? 195 ARG A NH2 1 
ATOM   1642 N N   . SER A 1 196 ? 3.145   10.643  19.944  1.00 70.08  ? 196 SER A N   1 
ATOM   1643 C CA  . SER A 1 196 ? 4.244   10.475  20.886  1.00 66.07  ? 196 SER A CA  1 
ATOM   1644 C C   . SER A 1 196 ? 5.603   10.851  20.298  1.00 68.47  ? 196 SER A C   1 
ATOM   1645 O O   . SER A 1 196 ? 6.582   10.904  21.049  1.00 69.60  ? 196 SER A O   1 
ATOM   1646 C CB  . SER A 1 196 ? 4.276   9.024   21.391  1.00 67.37  ? 196 SER A CB  1 
ATOM   1647 O OG  . SER A 1 196 ? 4.951   8.150   20.472  1.00 74.21  ? 196 SER A OG  1 
ATOM   1648 N N   . VAL A 1 197 ? 5.696   11.103  18.993  1.00 70.65  ? 197 VAL A N   1 
ATOM   1649 C CA  . VAL A 1 197 ? 6.956   11.491  18.374  1.00 75.10  ? 197 VAL A CA  1 
ATOM   1650 C C   . VAL A 1 197 ? 6.890   12.915  17.819  1.00 70.37  ? 197 VAL A C   1 
ATOM   1651 O O   . VAL A 1 197 ? 7.703   13.294  16.978  1.00 71.45  ? 197 VAL A O   1 
ATOM   1652 C CB  . VAL A 1 197 ? 7.394   10.479  17.296  1.00 73.24  ? 197 VAL A CB  1 
ATOM   1653 C CG1 . VAL A 1 197 ? 7.732   9.154   17.942  1.00 59.85  ? 197 VAL A CG1 1 
ATOM   1654 C CG2 . VAL A 1 197 ? 6.325   10.311  16.227  1.00 61.35  ? 197 VAL A CG2 1 
ATOM   1655 N N   . PHE A 1 198 ? 5.921   13.704  18.267  1.00 77.16  ? 198 PHE A N   1 
ATOM   1656 C CA  . PHE A 1 198 ? 5.924   15.146  18.060  1.00 83.48  ? 198 PHE A CA  1 
ATOM   1657 C C   . PHE A 1 198 ? 6.083   15.846  19.402  1.00 87.61  ? 198 PHE A C   1 
ATOM   1658 O O   . PHE A 1 198 ? 5.618   15.353  20.436  1.00 88.56  ? 198 PHE A O   1 
ATOM   1659 C CB  . PHE A 1 198 ? 4.651   15.615  17.350  1.00 83.58  ? 198 PHE A CB  1 
ATOM   1660 C CG  . PHE A 1 198 ? 4.750   15.504  15.865  1.00 85.67  ? 198 PHE A CG  1 
ATOM   1661 C CD1 . PHE A 1 198 ? 4.339   14.349  15.216  1.00 83.95  ? 198 PHE A CD1 1 
ATOM   1662 C CD2 . PHE A 1 198 ? 5.335   16.514  15.124  1.00 83.81  ? 198 PHE A CD2 1 
ATOM   1663 C CE1 . PHE A 1 198 ? 4.474   14.226  13.852  1.00 83.85  ? 198 PHE A CE1 1 
ATOM   1664 C CE2 . PHE A 1 198 ? 5.469   16.405  13.761  1.00 77.95  ? 198 PHE A CE2 1 
ATOM   1665 C CZ  . PHE A 1 198 ? 5.036   15.268  13.121  1.00 84.67  ? 198 PHE A CZ  1 
ATOM   1666 N N   . ARG A 1 199 ? 6.792   16.975  19.388  1.00 94.20  ? 199 ARG A N   1 
ATOM   1667 C CA  . ARG A 1 199 ? 6.947   17.820  20.565  1.00 99.51  ? 199 ARG A CA  1 
ATOM   1668 C C   . ARG A 1 199 ? 6.664   19.261  20.172  1.00 102.94 ? 199 ARG A C   1 
ATOM   1669 O O   . ARG A 1 199 ? 6.952   19.676  19.044  1.00 98.88  ? 199 ARG A O   1 
ATOM   1670 C CB  . ARG A 1 199 ? 8.353   17.710  21.186  1.00 94.44  ? 199 ARG A CB  1 
ATOM   1671 C CG  . ARG A 1 199 ? 9.473   18.286  20.315  1.00 101.48 ? 199 ARG A CG  1 
ATOM   1672 C CD  . ARG A 1 199 ? 10.788  18.396  21.089  1.00 110.88 ? 199 ARG A CD  1 
ATOM   1673 N NE  . ARG A 1 199 ? 11.337  19.751  20.993  1.00 122.09 ? 199 ARG A NE  1 
ATOM   1674 C CZ  . ARG A 1 199 ? 11.842  20.279  19.880  1.00 120.97 ? 199 ARG A CZ  1 
ATOM   1675 N NH1 . ARG A 1 199 ? 11.879  19.558  18.762  1.00 112.31 ? 199 ARG A NH1 1 
ATOM   1676 N NH2 . ARG A 1 199 ? 12.312  21.525  19.885  1.00 125.15 ? 199 ARG A NH2 1 
ATOM   1677 N N   . THR A 1 200 ? 6.099   20.019  21.117  1.00 112.93 ? 200 THR A N   1 
ATOM   1678 C CA  . THR A 1 200 ? 5.669   21.409  20.883  1.00 113.57 ? 200 THR A CA  1 
ATOM   1679 C C   . THR A 1 200 ? 6.633   22.456  21.453  1.00 112.60 ? 200 THR A C   1 
ATOM   1680 O O   . THR A 1 200 ? 7.716   22.700  20.916  1.00 110.63 ? 200 THR A O   1 
ATOM   1681 C CB  . THR A 1 200 ? 4.279   21.671  21.496  1.00 113.63 ? 200 THR A CB  1 
ATOM   1682 O OG1 . THR A 1 200 ? 4.265   21.198  22.850  1.00 118.73 ? 200 THR A OG1 1 
ATOM   1683 C CG2 . THR A 1 200 ? 3.172   20.974  20.705  1.00 108.00 ? 200 THR A CG2 1 
HETATM 1684 O O   . HOH B 2 .   ? 4.501   5.373   3.784   1.00 59.55  ? 301 HOH A O   1 
HETATM 1685 O O   . HOH B 2 .   ? -14.892 -3.231  -16.584 1.00 77.36  ? 302 HOH A O   1 
HETATM 1686 O O   . HOH B 2 .   ? -4.717  -1.317  6.140   1.00 56.00  ? 303 HOH A O   1 
HETATM 1687 O O   . HOH B 2 .   ? -4.979  -7.662  13.035  1.00 60.03  ? 304 HOH A O   1 
HETATM 1688 O O   . HOH B 2 .   ? -4.076  -4.743  24.518  1.00 75.67  ? 305 HOH A O   1 
HETATM 1689 O O   . HOH B 2 .   ? 6.654   -16.764 -6.881  1.00 77.10  ? 306 HOH A O   1 
HETATM 1690 O O   . HOH B 2 .   ? 7.755   2.043   15.656  0.76 67.34  ? 307 HOH A O   1 
HETATM 1691 O O   . HOH B 2 .   ? -6.813  -4.887  4.866   1.00 62.20  ? 308 HOH A O   1 
HETATM 1692 O O   . HOH B 2 .   ? 6.310   -0.650  -0.544  1.00 76.09  ? 309 HOH A O   1 
HETATM 1693 O O   . HOH B 2 .   ? 13.849  5.061   6.130   1.00 57.95  ? 310 HOH A O   1 
HETATM 1694 O O   . HOH B 2 .   ? 14.065  3.309   14.038  1.00 58.95  ? 311 HOH A O   1 
HETATM 1695 O O   . HOH B 2 .   ? -9.948  -3.448  7.994   1.00 58.20  ? 312 HOH A O   1 
HETATM 1696 O O   . HOH B 2 .   ? -9.253  3.281   -1.839  1.00 62.33  ? 313 HOH A O   1 
HETATM 1697 O O   . HOH B 2 .   ? 6.535   -4.622  -3.722  1.00 69.76  ? 314 HOH A O   1 
HETATM 1698 O O   . HOH B 2 .   ? -12.048 -0.642  10.053  1.00 68.54  ? 315 HOH A O   1 
HETATM 1699 O O   . HOH B 2 .   ? -5.319  -8.343  8.086   1.00 54.27  ? 316 HOH A O   1 
HETATM 1700 O O   . HOH B 2 .   ? 3.253   -4.441  -17.775 1.00 76.28  ? 317 HOH A O   1 
HETATM 1701 O O   . HOH B 2 .   ? -11.368 -0.127  -15.392 1.00 81.03  ? 318 HOH A O   1 
HETATM 1702 O O   . HOH B 2 .   ? 8.495   4.738   19.077  0.50 57.89  ? 319 HOH A O   1 
HETATM 1703 O O   . HOH B 2 .   ? -7.578  -6.340  -4.073  1.00 61.91  ? 320 HOH A O   1 
HETATM 1704 O O   . HOH B 2 .   ? -1.440  -2.598  -19.506 1.00 83.21  ? 321 HOH A O   1 
HETATM 1705 O O   . HOH B 2 .   ? -11.023 -2.702  -22.026 1.00 67.24  ? 322 HOH A O   1 
HETATM 1706 O O   . HOH B 2 .   ? -9.007  -13.678 11.230  1.00 78.24  ? 323 HOH A O   1 
HETATM 1707 O O   . HOH B 2 .   ? 13.365  6.746   4.003   1.00 64.67  ? 324 HOH A O   1 
HETATM 1708 O O   . HOH B 2 .   ? -6.745  -7.451  5.650   1.00 58.64  ? 325 HOH A O   1 
# 
